data_2F6E
# 
_entry.id   2F6E 
# 
_audit_conform.dict_name       mmcif_pdbx.dic 
_audit_conform.dict_version    5.392 
_audit_conform.dict_location   http://mmcif.pdb.org/dictionaries/ascii/mmcif_pdbx.dic 
# 
loop_
_database_2.database_id 
_database_2.database_code 
_database_2.pdbx_database_accession 
_database_2.pdbx_DOI 
PDB   2F6E         pdb_00002f6e 10.2210/pdb2f6e/pdb 
RCSB  RCSB035507   ?            ?                   
WWPDB D_1000035507 ?            ?                   
# 
loop_
_pdbx_audit_revision_history.ordinal 
_pdbx_audit_revision_history.data_content_type 
_pdbx_audit_revision_history.major_revision 
_pdbx_audit_revision_history.minor_revision 
_pdbx_audit_revision_history.revision_date 
1 'Structure model' 1 0 2005-12-20 
2 'Structure model' 1 1 2008-05-01 
3 'Structure model' 1 2 2011-07-13 
4 'Structure model' 1 3 2022-12-21 
5 'Structure model' 1 4 2024-05-29 
# 
_pdbx_audit_revision_details.ordinal             1 
_pdbx_audit_revision_details.revision_ordinal    1 
_pdbx_audit_revision_details.data_content_type   'Structure model' 
_pdbx_audit_revision_details.provider            repository 
_pdbx_audit_revision_details.type                'Initial release' 
_pdbx_audit_revision_details.description         ? 
_pdbx_audit_revision_details.details             ? 
# 
loop_
_pdbx_audit_revision_group.ordinal 
_pdbx_audit_revision_group.revision_ordinal 
_pdbx_audit_revision_group.data_content_type 
_pdbx_audit_revision_group.group 
1 2 'Structure model' 'Version format compliance' 
2 3 'Structure model' Advisory                    
3 3 'Structure model' 'Version format compliance' 
4 4 'Structure model' 'Database references'       
5 5 'Structure model' 'Data collection'           
# 
loop_
_pdbx_audit_revision_category.ordinal 
_pdbx_audit_revision_category.revision_ordinal 
_pdbx_audit_revision_category.data_content_type 
_pdbx_audit_revision_category.category 
1 4 'Structure model' database_2         
2 4 'Structure model' struct_ref_seq_dif 
3 5 'Structure model' chem_comp_atom     
4 5 'Structure model' chem_comp_bond     
# 
loop_
_pdbx_audit_revision_item.ordinal 
_pdbx_audit_revision_item.revision_ordinal 
_pdbx_audit_revision_item.data_content_type 
_pdbx_audit_revision_item.item 
1 4 'Structure model' '_database_2.pdbx_DOI'                
2 4 'Structure model' '_database_2.pdbx_database_accession' 
3 4 'Structure model' '_struct_ref_seq_dif.details'         
# 
_pdbx_database_status.status_code                     REL 
_pdbx_database_status.entry_id                        2F6E 
_pdbx_database_status.recvd_initial_deposition_date   2005-11-29 
_pdbx_database_status.deposit_site                    RCSB 
_pdbx_database_status.process_site                    RCSB 
_pdbx_database_status.status_code_sf                  REL 
_pdbx_database_status.status_code_mr                  ? 
_pdbx_database_status.SG_entry                        ? 
_pdbx_database_status.pdb_format_compatible           Y 
_pdbx_database_status.status_code_cs                  ? 
_pdbx_database_status.status_code_nmr_data            ? 
_pdbx_database_status.methods_development_category    ? 
# 
loop_
_audit_author.name 
_audit_author.pdbx_ordinal 
'Ng, K.K.' 1 
'Ho, J.G.' 2 
# 
_citation.id                        primary 
_citation.title                     'Crystal structure of receptor-binding C-terminal repeats from Clostridium difficile toxin A' 
_citation.journal_abbrev            Proc.Natl.Acad.Sci.Usa 
_citation.journal_volume            102 
_citation.page_first                18373 
_citation.page_last                 18378 
_citation.year                      2005 
_citation.journal_id_ASTM           PNASA6 
_citation.country                   US 
_citation.journal_id_ISSN           0027-8424 
_citation.journal_id_CSD            0040 
_citation.book_publisher            ? 
_citation.pdbx_database_id_PubMed   16344467 
_citation.pdbx_database_id_DOI      10.1073/pnas.0506391102 
# 
loop_
_citation_author.citation_id 
_citation_author.name 
_citation_author.ordinal 
_citation_author.identifier_ORCID 
primary 'Ho, J.G.'   1 ? 
primary 'Greco, A.'  2 ? 
primary 'Rupnik, M.' 3 ? 
primary 'Ng, K.K.'   4 ? 
# 
loop_
_entity.id 
_entity.type 
_entity.src_method 
_entity.pdbx_description 
_entity.formula_weight 
_entity.pdbx_number_of_molecules 
_entity.pdbx_ec 
_entity.pdbx_mutation 
_entity.pdbx_fragment 
_entity.details 
1 polymer man 'Toxin A' 14197.847 1   ? ? 'C-terminal fragment 1' ? 
2 water   nat water     18.015    167 ? ? ?                       ? 
# 
_entity_poly.entity_id                      1 
_entity_poly.type                           'polypeptide(L)' 
_entity_poly.nstd_linkage                   no 
_entity_poly.nstd_monomer                   no 
_entity_poly.pdbx_seq_one_letter_code       
;YYFEPNTAIGANGYKIIDNKNFYFRNGLPQIGVFKGPNGFEYFAPANTDANNIEGQAIRYQNRFLHLLGNIYYFGNNSKA
VTGWQTINGNMYYFMPDTAMAAAGGLFEIDGVIYFFGVDGVKAPGIY
;
_entity_poly.pdbx_seq_one_letter_code_can   
;YYFEPNTAIGANGYKIIDNKNFYFRNGLPQIGVFKGPNGFEYFAPANTDANNIEGQAIRYQNRFLHLLGNIYYFGNNSKA
VTGWQTINGNMYYFMPDTAMAAAGGLFEIDGVIYFFGVDGVKAPGIY
;
_entity_poly.pdbx_strand_id                 A 
_entity_poly.pdbx_target_identifier         ? 
# 
_pdbx_entity_nonpoly.entity_id   2 
_pdbx_entity_nonpoly.name        water 
_pdbx_entity_nonpoly.comp_id     HOH 
# 
loop_
_entity_poly_seq.entity_id 
_entity_poly_seq.num 
_entity_poly_seq.mon_id 
_entity_poly_seq.hetero 
1 1   TYR n 
1 2   TYR n 
1 3   PHE n 
1 4   GLU n 
1 5   PRO n 
1 6   ASN n 
1 7   THR n 
1 8   ALA n 
1 9   ILE n 
1 10  GLY n 
1 11  ALA n 
1 12  ASN n 
1 13  GLY n 
1 14  TYR n 
1 15  LYS n 
1 16  ILE n 
1 17  ILE n 
1 18  ASP n 
1 19  ASN n 
1 20  LYS n 
1 21  ASN n 
1 22  PHE n 
1 23  TYR n 
1 24  PHE n 
1 25  ARG n 
1 26  ASN n 
1 27  GLY n 
1 28  LEU n 
1 29  PRO n 
1 30  GLN n 
1 31  ILE n 
1 32  GLY n 
1 33  VAL n 
1 34  PHE n 
1 35  LYS n 
1 36  GLY n 
1 37  PRO n 
1 38  ASN n 
1 39  GLY n 
1 40  PHE n 
1 41  GLU n 
1 42  TYR n 
1 43  PHE n 
1 44  ALA n 
1 45  PRO n 
1 46  ALA n 
1 47  ASN n 
1 48  THR n 
1 49  ASP n 
1 50  ALA n 
1 51  ASN n 
1 52  ASN n 
1 53  ILE n 
1 54  GLU n 
1 55  GLY n 
1 56  GLN n 
1 57  ALA n 
1 58  ILE n 
1 59  ARG n 
1 60  TYR n 
1 61  GLN n 
1 62  ASN n 
1 63  ARG n 
1 64  PHE n 
1 65  LEU n 
1 66  HIS n 
1 67  LEU n 
1 68  LEU n 
1 69  GLY n 
1 70  ASN n 
1 71  ILE n 
1 72  TYR n 
1 73  TYR n 
1 74  PHE n 
1 75  GLY n 
1 76  ASN n 
1 77  ASN n 
1 78  SER n 
1 79  LYS n 
1 80  ALA n 
1 81  VAL n 
1 82  THR n 
1 83  GLY n 
1 84  TRP n 
1 85  GLN n 
1 86  THR n 
1 87  ILE n 
1 88  ASN n 
1 89  GLY n 
1 90  ASN n 
1 91  MET n 
1 92  TYR n 
1 93  TYR n 
1 94  PHE n 
1 95  MET n 
1 96  PRO n 
1 97  ASP n 
1 98  THR n 
1 99  ALA n 
1 100 MET n 
1 101 ALA n 
1 102 ALA n 
1 103 ALA n 
1 104 GLY n 
1 105 GLY n 
1 106 LEU n 
1 107 PHE n 
1 108 GLU n 
1 109 ILE n 
1 110 ASP n 
1 111 GLY n 
1 112 VAL n 
1 113 ILE n 
1 114 TYR n 
1 115 PHE n 
1 116 PHE n 
1 117 GLY n 
1 118 VAL n 
1 119 ASP n 
1 120 GLY n 
1 121 VAL n 
1 122 LYS n 
1 123 ALA n 
1 124 PRO n 
1 125 GLY n 
1 126 ILE n 
1 127 TYR n 
# 
_entity_src_gen.entity_id                          1 
_entity_src_gen.pdbx_src_id                        1 
_entity_src_gen.pdbx_alt_source_flag               sample 
_entity_src_gen.pdbx_seq_type                      ? 
_entity_src_gen.pdbx_beg_seq_num                   ? 
_entity_src_gen.pdbx_end_seq_num                   ? 
_entity_src_gen.gene_src_common_name               ? 
_entity_src_gen.gene_src_genus                     Clostridium 
_entity_src_gen.pdbx_gene_src_gene                 'toxA, tcdA' 
_entity_src_gen.gene_src_species                   ? 
_entity_src_gen.gene_src_strain                    48489 
_entity_src_gen.gene_src_tissue                    ? 
_entity_src_gen.gene_src_tissue_fraction           ? 
_entity_src_gen.gene_src_details                   ? 
_entity_src_gen.pdbx_gene_src_fragment             ? 
_entity_src_gen.pdbx_gene_src_scientific_name      'Clostridium difficile' 
_entity_src_gen.pdbx_gene_src_ncbi_taxonomy_id     1496 
_entity_src_gen.pdbx_gene_src_variant              ? 
_entity_src_gen.pdbx_gene_src_cell_line            ? 
_entity_src_gen.pdbx_gene_src_atcc                 ? 
_entity_src_gen.pdbx_gene_src_organ                ? 
_entity_src_gen.pdbx_gene_src_organelle            ? 
_entity_src_gen.pdbx_gene_src_cell                 ? 
_entity_src_gen.pdbx_gene_src_cellular_location    ? 
_entity_src_gen.host_org_common_name               ? 
_entity_src_gen.pdbx_host_org_scientific_name      'Escherichia coli' 
_entity_src_gen.pdbx_host_org_ncbi_taxonomy_id     562 
_entity_src_gen.host_org_genus                     Escherichia 
_entity_src_gen.pdbx_host_org_gene                 ? 
_entity_src_gen.pdbx_host_org_organ                ? 
_entity_src_gen.host_org_species                   ? 
_entity_src_gen.pdbx_host_org_tissue               ? 
_entity_src_gen.pdbx_host_org_tissue_fraction      ? 
_entity_src_gen.pdbx_host_org_strain               'BL21(DE3)pLysS' 
_entity_src_gen.pdbx_host_org_variant              ? 
_entity_src_gen.pdbx_host_org_cell_line            ? 
_entity_src_gen.pdbx_host_org_atcc                 ? 
_entity_src_gen.pdbx_host_org_culture_collection   ? 
_entity_src_gen.pdbx_host_org_cell                 ? 
_entity_src_gen.pdbx_host_org_organelle            ? 
_entity_src_gen.pdbx_host_org_cellular_location    ? 
_entity_src_gen.pdbx_host_org_vector_type          plasmid 
_entity_src_gen.pdbx_host_org_vector               ? 
_entity_src_gen.host_org_details                   ? 
_entity_src_gen.expression_system_id               ? 
_entity_src_gen.plasmid_name                       pET-3a 
_entity_src_gen.plasmid_details                    ? 
_entity_src_gen.pdbx_description                   ? 
# 
loop_
_chem_comp.id 
_chem_comp.type 
_chem_comp.mon_nstd_flag 
_chem_comp.name 
_chem_comp.pdbx_synonyms 
_chem_comp.formula 
_chem_comp.formula_weight 
ALA 'L-peptide linking' y ALANINE         ? 'C3 H7 N O2'     89.093  
ARG 'L-peptide linking' y ARGININE        ? 'C6 H15 N4 O2 1' 175.209 
ASN 'L-peptide linking' y ASPARAGINE      ? 'C4 H8 N2 O3'    132.118 
ASP 'L-peptide linking' y 'ASPARTIC ACID' ? 'C4 H7 N O4'     133.103 
GLN 'L-peptide linking' y GLUTAMINE       ? 'C5 H10 N2 O3'   146.144 
GLU 'L-peptide linking' y 'GLUTAMIC ACID' ? 'C5 H9 N O4'     147.129 
GLY 'peptide linking'   y GLYCINE         ? 'C2 H5 N O2'     75.067  
HIS 'L-peptide linking' y HISTIDINE       ? 'C6 H10 N3 O2 1' 156.162 
HOH non-polymer         . WATER           ? 'H2 O'           18.015  
ILE 'L-peptide linking' y ISOLEUCINE      ? 'C6 H13 N O2'    131.173 
LEU 'L-peptide linking' y LEUCINE         ? 'C6 H13 N O2'    131.173 
LYS 'L-peptide linking' y LYSINE          ? 'C6 H15 N2 O2 1' 147.195 
MET 'L-peptide linking' y METHIONINE      ? 'C5 H11 N O2 S'  149.211 
PHE 'L-peptide linking' y PHENYLALANINE   ? 'C9 H11 N O2'    165.189 
PRO 'L-peptide linking' y PROLINE         ? 'C5 H9 N O2'     115.130 
SER 'L-peptide linking' y SERINE          ? 'C3 H7 N O3'     105.093 
THR 'L-peptide linking' y THREONINE       ? 'C4 H9 N O3'     119.119 
TRP 'L-peptide linking' y TRYPTOPHAN      ? 'C11 H12 N2 O2'  204.225 
TYR 'L-peptide linking' y TYROSINE        ? 'C9 H11 N O3'    181.189 
VAL 'L-peptide linking' y VALINE          ? 'C5 H11 N O2'    117.146 
# 
loop_
_pdbx_poly_seq_scheme.asym_id 
_pdbx_poly_seq_scheme.entity_id 
_pdbx_poly_seq_scheme.seq_id 
_pdbx_poly_seq_scheme.mon_id 
_pdbx_poly_seq_scheme.ndb_seq_num 
_pdbx_poly_seq_scheme.pdb_seq_num 
_pdbx_poly_seq_scheme.auth_seq_num 
_pdbx_poly_seq_scheme.pdb_mon_id 
_pdbx_poly_seq_scheme.auth_mon_id 
_pdbx_poly_seq_scheme.pdb_strand_id 
_pdbx_poly_seq_scheme.pdb_ins_code 
_pdbx_poly_seq_scheme.hetero 
A 1 1   TYR 1   2   2   TYR TYR A . n 
A 1 2   TYR 2   3   3   TYR TYR A . n 
A 1 3   PHE 3   4   4   PHE PHE A . n 
A 1 4   GLU 4   5   5   GLU GLU A . n 
A 1 5   PRO 5   6   6   PRO PRO A . n 
A 1 6   ASN 6   7   7   ASN ASN A . n 
A 1 7   THR 7   8   8   THR THR A . n 
A 1 8   ALA 8   9   9   ALA ALA A . n 
A 1 9   ILE 9   10  10  ILE ILE A . n 
A 1 10  GLY 10  11  11  GLY GLY A . n 
A 1 11  ALA 11  12  12  ALA ALA A . n 
A 1 12  ASN 12  13  13  ASN ASN A . n 
A 1 13  GLY 13  14  14  GLY GLY A . n 
A 1 14  TYR 14  15  15  TYR TYR A . n 
A 1 15  LYS 15  16  16  LYS LYS A . n 
A 1 16  ILE 16  17  17  ILE ILE A . n 
A 1 17  ILE 17  18  18  ILE ILE A . n 
A 1 18  ASP 18  19  19  ASP ASP A . n 
A 1 19  ASN 19  20  20  ASN ASN A . n 
A 1 20  LYS 20  21  21  LYS LYS A . n 
A 1 21  ASN 21  22  22  ASN ASN A . n 
A 1 22  PHE 22  23  23  PHE PHE A . n 
A 1 23  TYR 23  24  24  TYR TYR A . n 
A 1 24  PHE 24  25  25  PHE PHE A . n 
A 1 25  ARG 25  26  26  ARG ARG A . n 
A 1 26  ASN 26  27  27  ASN ASN A . n 
A 1 27  GLY 27  28  28  GLY GLY A . n 
A 1 28  LEU 28  29  29  LEU LEU A . n 
A 1 29  PRO 29  30  30  PRO PRO A . n 
A 1 30  GLN 30  31  31  GLN GLN A . n 
A 1 31  ILE 31  32  32  ILE ILE A . n 
A 1 32  GLY 32  33  33  GLY GLY A . n 
A 1 33  VAL 33  34  34  VAL VAL A . n 
A 1 34  PHE 34  35  35  PHE PHE A . n 
A 1 35  LYS 35  36  36  LYS LYS A . n 
A 1 36  GLY 36  37  37  GLY GLY A . n 
A 1 37  PRO 37  38  38  PRO PRO A . n 
A 1 38  ASN 38  39  39  ASN ASN A . n 
A 1 39  GLY 39  40  40  GLY GLY A . n 
A 1 40  PHE 40  41  41  PHE PHE A . n 
A 1 41  GLU 41  42  42  GLU GLU A . n 
A 1 42  TYR 42  43  43  TYR TYR A . n 
A 1 43  PHE 43  44  44  PHE PHE A . n 
A 1 44  ALA 44  45  45  ALA ALA A . n 
A 1 45  PRO 45  46  46  PRO PRO A . n 
A 1 46  ALA 46  47  47  ALA ALA A . n 
A 1 47  ASN 47  48  48  ASN ASN A . n 
A 1 48  THR 48  49  49  THR THR A . n 
A 1 49  ASP 49  50  50  ASP ASP A . n 
A 1 50  ALA 50  51  51  ALA ALA A . n 
A 1 51  ASN 51  52  52  ASN ASN A . n 
A 1 52  ASN 52  53  53  ASN ASN A . n 
A 1 53  ILE 53  54  54  ILE ILE A . n 
A 1 54  GLU 54  55  55  GLU GLU A . n 
A 1 55  GLY 55  56  56  GLY GLY A . n 
A 1 56  GLN 56  57  57  GLN GLN A . n 
A 1 57  ALA 57  58  58  ALA ALA A . n 
A 1 58  ILE 58  59  59  ILE ILE A . n 
A 1 59  ARG 59  60  60  ARG ARG A . n 
A 1 60  TYR 60  61  61  TYR TYR A . n 
A 1 61  GLN 61  62  62  GLN GLN A . n 
A 1 62  ASN 62  63  63  ASN ASN A . n 
A 1 63  ARG 63  64  64  ARG ARG A . n 
A 1 64  PHE 64  65  65  PHE PHE A . n 
A 1 65  LEU 65  66  66  LEU LEU A . n 
A 1 66  HIS 66  67  67  HIS HIS A . n 
A 1 67  LEU 67  68  68  LEU LEU A . n 
A 1 68  LEU 68  69  69  LEU LEU A . n 
A 1 69  GLY 69  70  70  GLY GLY A . n 
A 1 70  ASN 70  71  71  ASN ASN A . n 
A 1 71  ILE 71  72  72  ILE ILE A . n 
A 1 72  TYR 72  73  73  TYR TYR A . n 
A 1 73  TYR 73  74  74  TYR TYR A . n 
A 1 74  PHE 74  75  75  PHE PHE A . n 
A 1 75  GLY 75  76  76  GLY GLY A . n 
A 1 76  ASN 76  77  77  ASN ASN A . n 
A 1 77  ASN 77  78  78  ASN ASN A . n 
A 1 78  SER 78  79  79  SER SER A . n 
A 1 79  LYS 79  80  80  LYS LYS A . n 
A 1 80  ALA 80  81  81  ALA ALA A . n 
A 1 81  VAL 81  82  82  VAL VAL A . n 
A 1 82  THR 82  83  83  THR THR A . n 
A 1 83  GLY 83  84  84  GLY GLY A . n 
A 1 84  TRP 84  85  85  TRP TRP A . n 
A 1 85  GLN 85  86  86  GLN GLN A . n 
A 1 86  THR 86  87  87  THR THR A . n 
A 1 87  ILE 87  88  88  ILE ILE A . n 
A 1 88  ASN 88  89  89  ASN ASN A . n 
A 1 89  GLY 89  90  90  GLY GLY A . n 
A 1 90  ASN 90  91  91  ASN ASN A . n 
A 1 91  MET 91  92  92  MET MET A . n 
A 1 92  TYR 92  93  93  TYR TYR A . n 
A 1 93  TYR 93  94  94  TYR TYR A . n 
A 1 94  PHE 94  95  95  PHE PHE A . n 
A 1 95  MET 95  96  96  MET MET A . n 
A 1 96  PRO 96  97  97  PRO PRO A . n 
A 1 97  ASP 97  98  98  ASP ASP A . n 
A 1 98  THR 98  99  99  THR THR A . n 
A 1 99  ALA 99  100 100 ALA ALA A . n 
A 1 100 MET 100 101 101 MET MET A . n 
A 1 101 ALA 101 102 102 ALA ALA A . n 
A 1 102 ALA 102 103 103 ALA ALA A . n 
A 1 103 ALA 103 104 104 ALA ALA A . n 
A 1 104 GLY 104 105 105 GLY GLY A . n 
A 1 105 GLY 105 106 106 GLY GLY A . n 
A 1 106 LEU 106 107 107 LEU LEU A . n 
A 1 107 PHE 107 108 108 PHE PHE A . n 
A 1 108 GLU 108 109 109 GLU GLU A . n 
A 1 109 ILE 109 110 110 ILE ILE A . n 
A 1 110 ASP 110 111 111 ASP ASP A . n 
A 1 111 GLY 111 112 112 GLY GLY A . n 
A 1 112 VAL 112 113 113 VAL VAL A . n 
A 1 113 ILE 113 114 114 ILE ILE A . n 
A 1 114 TYR 114 115 115 TYR TYR A . n 
A 1 115 PHE 115 116 116 PHE PHE A . n 
A 1 116 PHE 116 117 117 PHE PHE A . n 
A 1 117 GLY 117 118 118 GLY GLY A . n 
A 1 118 VAL 118 119 119 VAL VAL A . n 
A 1 119 ASP 119 120 120 ASP ASP A . n 
A 1 120 GLY 120 121 121 GLY GLY A . n 
A 1 121 VAL 121 122 122 VAL VAL A . n 
A 1 122 LYS 122 123 123 LYS LYS A . n 
A 1 123 ALA 123 124 124 ALA ALA A . n 
A 1 124 PRO 124 125 125 PRO PRO A . n 
A 1 125 GLY 125 126 126 GLY GLY A . n 
A 1 126 ILE 126 127 ?   ?   ?   A . n 
A 1 127 TYR 127 128 ?   ?   ?   A . n 
# 
loop_
_pdbx_nonpoly_scheme.asym_id 
_pdbx_nonpoly_scheme.entity_id 
_pdbx_nonpoly_scheme.mon_id 
_pdbx_nonpoly_scheme.ndb_seq_num 
_pdbx_nonpoly_scheme.pdb_seq_num 
_pdbx_nonpoly_scheme.auth_seq_num 
_pdbx_nonpoly_scheme.pdb_mon_id 
_pdbx_nonpoly_scheme.auth_mon_id 
_pdbx_nonpoly_scheme.pdb_strand_id 
_pdbx_nonpoly_scheme.pdb_ins_code 
B 2 HOH 1   129 1   HOH HOH A . 
B 2 HOH 2   130 2   HOH HOH A . 
B 2 HOH 3   131 3   HOH HOH A . 
B 2 HOH 4   132 4   HOH HOH A . 
B 2 HOH 5   133 5   HOH HOH A . 
B 2 HOH 6   134 6   HOH HOH A . 
B 2 HOH 7   135 7   HOH HOH A . 
B 2 HOH 8   136 8   HOH HOH A . 
B 2 HOH 9   137 9   HOH HOH A . 
B 2 HOH 10  138 10  HOH HOH A . 
B 2 HOH 11  139 11  HOH HOH A . 
B 2 HOH 12  140 12  HOH HOH A . 
B 2 HOH 13  141 13  HOH HOH A . 
B 2 HOH 14  142 14  HOH HOH A . 
B 2 HOH 15  143 15  HOH HOH A . 
B 2 HOH 16  144 16  HOH HOH A . 
B 2 HOH 17  145 17  HOH HOH A . 
B 2 HOH 18  146 18  HOH HOH A . 
B 2 HOH 19  147 19  HOH HOH A . 
B 2 HOH 20  148 20  HOH HOH A . 
B 2 HOH 21  149 21  HOH HOH A . 
B 2 HOH 22  150 22  HOH HOH A . 
B 2 HOH 23  151 23  HOH HOH A . 
B 2 HOH 24  152 24  HOH HOH A . 
B 2 HOH 25  153 25  HOH HOH A . 
B 2 HOH 26  154 26  HOH HOH A . 
B 2 HOH 27  155 27  HOH HOH A . 
B 2 HOH 28  156 28  HOH HOH A . 
B 2 HOH 29  157 29  HOH HOH A . 
B 2 HOH 30  158 30  HOH HOH A . 
B 2 HOH 31  159 31  HOH HOH A . 
B 2 HOH 32  160 32  HOH HOH A . 
B 2 HOH 33  161 33  HOH HOH A . 
B 2 HOH 34  162 34  HOH HOH A . 
B 2 HOH 35  163 35  HOH HOH A . 
B 2 HOH 36  164 36  HOH HOH A . 
B 2 HOH 37  165 37  HOH HOH A . 
B 2 HOH 38  166 38  HOH HOH A . 
B 2 HOH 39  167 39  HOH HOH A . 
B 2 HOH 40  168 40  HOH HOH A . 
B 2 HOH 41  169 41  HOH HOH A . 
B 2 HOH 42  170 42  HOH HOH A . 
B 2 HOH 43  171 43  HOH HOH A . 
B 2 HOH 44  172 44  HOH HOH A . 
B 2 HOH 45  173 45  HOH HOH A . 
B 2 HOH 46  174 46  HOH HOH A . 
B 2 HOH 47  175 47  HOH HOH A . 
B 2 HOH 48  176 48  HOH HOH A . 
B 2 HOH 49  177 49  HOH HOH A . 
B 2 HOH 50  178 50  HOH HOH A . 
B 2 HOH 51  179 51  HOH HOH A . 
B 2 HOH 52  180 52  HOH HOH A . 
B 2 HOH 53  181 53  HOH HOH A . 
B 2 HOH 54  182 54  HOH HOH A . 
B 2 HOH 55  183 55  HOH HOH A . 
B 2 HOH 56  184 56  HOH HOH A . 
B 2 HOH 57  185 57  HOH HOH A . 
B 2 HOH 58  186 58  HOH HOH A . 
B 2 HOH 59  187 59  HOH HOH A . 
B 2 HOH 60  188 60  HOH HOH A . 
B 2 HOH 61  189 61  HOH HOH A . 
B 2 HOH 62  190 62  HOH HOH A . 
B 2 HOH 63  191 63  HOH HOH A . 
B 2 HOH 64  192 64  HOH HOH A . 
B 2 HOH 65  193 65  HOH HOH A . 
B 2 HOH 66  194 66  HOH HOH A . 
B 2 HOH 67  195 67  HOH HOH A . 
B 2 HOH 68  196 68  HOH HOH A . 
B 2 HOH 69  197 69  HOH HOH A . 
B 2 HOH 70  198 70  HOH HOH A . 
B 2 HOH 71  199 71  HOH HOH A . 
B 2 HOH 72  200 72  HOH HOH A . 
B 2 HOH 73  201 73  HOH HOH A . 
B 2 HOH 74  202 74  HOH HOH A . 
B 2 HOH 75  203 75  HOH HOH A . 
B 2 HOH 76  204 76  HOH HOH A . 
B 2 HOH 77  205 77  HOH HOH A . 
B 2 HOH 78  206 78  HOH HOH A . 
B 2 HOH 79  207 79  HOH HOH A . 
B 2 HOH 80  208 80  HOH HOH A . 
B 2 HOH 81  209 81  HOH HOH A . 
B 2 HOH 82  210 82  HOH HOH A . 
B 2 HOH 83  211 83  HOH HOH A . 
B 2 HOH 84  212 84  HOH HOH A . 
B 2 HOH 85  213 85  HOH HOH A . 
B 2 HOH 86  214 86  HOH HOH A . 
B 2 HOH 87  215 87  HOH HOH A . 
B 2 HOH 88  216 88  HOH HOH A . 
B 2 HOH 89  217 89  HOH HOH A . 
B 2 HOH 90  218 90  HOH HOH A . 
B 2 HOH 91  219 91  HOH HOH A . 
B 2 HOH 92  220 92  HOH HOH A . 
B 2 HOH 93  221 93  HOH HOH A . 
B 2 HOH 94  222 94  HOH HOH A . 
B 2 HOH 95  223 95  HOH HOH A . 
B 2 HOH 96  224 96  HOH HOH A . 
B 2 HOH 97  225 97  HOH HOH A . 
B 2 HOH 98  226 98  HOH HOH A . 
B 2 HOH 99  227 99  HOH HOH A . 
B 2 HOH 100 228 100 HOH HOH A . 
B 2 HOH 101 229 101 HOH HOH A . 
B 2 HOH 102 230 102 HOH HOH A . 
B 2 HOH 103 231 103 HOH HOH A . 
B 2 HOH 104 232 104 HOH HOH A . 
B 2 HOH 105 233 105 HOH HOH A . 
B 2 HOH 106 234 106 HOH HOH A . 
B 2 HOH 107 235 107 HOH HOH A . 
B 2 HOH 108 236 108 HOH HOH A . 
B 2 HOH 109 237 109 HOH HOH A . 
B 2 HOH 110 238 110 HOH HOH A . 
B 2 HOH 111 239 111 HOH HOH A . 
B 2 HOH 112 240 112 HOH HOH A . 
B 2 HOH 113 241 113 HOH HOH A . 
B 2 HOH 114 242 114 HOH HOH A . 
B 2 HOH 115 243 115 HOH HOH A . 
B 2 HOH 116 244 116 HOH HOH A . 
B 2 HOH 117 245 117 HOH HOH A . 
B 2 HOH 118 246 118 HOH HOH A . 
B 2 HOH 119 247 119 HOH HOH A . 
B 2 HOH 120 248 120 HOH HOH A . 
B 2 HOH 121 249 121 HOH HOH A . 
B 2 HOH 122 250 122 HOH HOH A . 
B 2 HOH 123 251 123 HOH HOH A . 
B 2 HOH 124 252 124 HOH HOH A . 
B 2 HOH 125 253 125 HOH HOH A . 
B 2 HOH 126 254 126 HOH HOH A . 
B 2 HOH 127 255 127 HOH HOH A . 
B 2 HOH 128 256 128 HOH HOH A . 
B 2 HOH 129 257 129 HOH HOH A . 
B 2 HOH 130 258 130 HOH HOH A . 
B 2 HOH 131 259 131 HOH HOH A . 
B 2 HOH 132 260 132 HOH HOH A . 
B 2 HOH 133 261 133 HOH HOH A . 
B 2 HOH 134 262 134 HOH HOH A . 
B 2 HOH 135 263 135 HOH HOH A . 
B 2 HOH 136 264 136 HOH HOH A . 
B 2 HOH 137 265 137 HOH HOH A . 
B 2 HOH 138 266 138 HOH HOH A . 
B 2 HOH 139 267 139 HOH HOH A . 
B 2 HOH 140 268 140 HOH HOH A . 
B 2 HOH 141 269 141 HOH HOH A . 
B 2 HOH 142 270 142 HOH HOH A . 
B 2 HOH 143 271 143 HOH HOH A . 
B 2 HOH 144 272 144 HOH HOH A . 
B 2 HOH 145 273 145 HOH HOH A . 
B 2 HOH 146 274 146 HOH HOH A . 
B 2 HOH 147 275 147 HOH HOH A . 
B 2 HOH 148 276 148 HOH HOH A . 
B 2 HOH 149 277 149 HOH HOH A . 
B 2 HOH 150 278 150 HOH HOH A . 
B 2 HOH 151 279 151 HOH HOH A . 
B 2 HOH 152 280 152 HOH HOH A . 
B 2 HOH 153 281 153 HOH HOH A . 
B 2 HOH 154 282 154 HOH HOH A . 
B 2 HOH 155 283 155 HOH HOH A . 
B 2 HOH 156 284 156 HOH HOH A . 
B 2 HOH 157 285 157 HOH HOH A . 
B 2 HOH 158 286 158 HOH HOH A . 
B 2 HOH 159 287 159 HOH HOH A . 
B 2 HOH 160 288 160 HOH HOH A . 
B 2 HOH 161 289 161 HOH HOH A . 
B 2 HOH 162 290 162 HOH HOH A . 
B 2 HOH 163 291 163 HOH HOH A . 
B 2 HOH 164 292 164 HOH HOH A . 
B 2 HOH 165 293 165 HOH HOH A . 
B 2 HOH 166 294 166 HOH HOH A . 
B 2 HOH 167 295 167 HOH HOH A . 
# 
loop_
_software.name 
_software.classification 
_software.version 
_software.citation_id 
_software.pdbx_ordinal 
REFMAC    refinement       5.1.24 ? 1 
DENZO     'data reduction' .      ? 2 
SCALEPACK 'data scaling'   .      ? 3 
SOLVE     phasing          .      ? 4 
# 
_cell.entry_id           2F6E 
_cell.length_a           42.050 
_cell.length_b           42.050 
_cell.length_c           132.110 
_cell.angle_alpha        90.00 
_cell.angle_beta         90.00 
_cell.angle_gamma        90.00 
_cell.Z_PDB              8 
_cell.pdbx_unique_axis   ? 
# 
_symmetry.entry_id                         2F6E 
_symmetry.space_group_name_H-M             'P 41 21 2' 
_symmetry.pdbx_full_space_group_name_H-M   ? 
_symmetry.cell_setting                     ? 
_symmetry.Int_Tables_number                92 
_symmetry.space_group_name_Hall            ? 
# 
_exptl.entry_id          2F6E 
_exptl.method            'X-RAY DIFFRACTION' 
_exptl.crystals_number   1 
# 
_exptl_crystal.id                    1 
_exptl_crystal.density_meas          ? 
_exptl_crystal.density_Matthews      2.06 
_exptl_crystal.density_percent_sol   40.17 
_exptl_crystal.description           ? 
_exptl_crystal.F_000                 ? 
_exptl_crystal.preparation           ? 
# 
_exptl_crystal_grow.crystal_id      1 
_exptl_crystal_grow.method          'VAPOR DIFFUSION, HANGING DROP' 
_exptl_crystal_grow.temp            295 
_exptl_crystal_grow.temp_details    ? 
_exptl_crystal_grow.pH              5.5 
_exptl_crystal_grow.pdbx_details    
'250 mM ammonium tartrate, 100 mM sodium acetate, 20% glycerol, pH 5.5, VAPOR DIFFUSION, HANGING DROP, temperature 295K' 
_exptl_crystal_grow.pdbx_pH_range   . 
# 
_diffrn.id                     1 
_diffrn.ambient_temp           100 
_diffrn.ambient_temp_details   ? 
_diffrn.crystal_id             1 
# 
_diffrn_detector.diffrn_id              1 
_diffrn_detector.detector               CCD 
_diffrn_detector.type                   'ADSC QUANTUM 4' 
_diffrn_detector.pdbx_collection_date   2004-09-15 
_diffrn_detector.details                ? 
# 
_diffrn_radiation.diffrn_id                        1 
_diffrn_radiation.wavelength_id                    1 
_diffrn_radiation.pdbx_monochromatic_or_laue_m_l   M 
_diffrn_radiation.monochromator                    'double crystal' 
_diffrn_radiation.pdbx_diffrn_protocol             MAD 
_diffrn_radiation.pdbx_scattering_type             x-ray 
# 
loop_
_diffrn_radiation_wavelength.id 
_diffrn_radiation_wavelength.wavelength 
_diffrn_radiation_wavelength.wt 
1 0.979571 1.0 
2 0.979741 1.0 
3 1.019867 1.0 
# 
_diffrn_source.diffrn_id                   1 
_diffrn_source.source                      SYNCHROTRON 
_diffrn_source.type                        'ALS BEAMLINE 8.3.1' 
_diffrn_source.pdbx_synchrotron_site       ALS 
_diffrn_source.pdbx_synchrotron_beamline   8.3.1 
_diffrn_source.pdbx_wavelength             ? 
_diffrn_source.pdbx_wavelength_list        0.979571,0.979741,1.019867 
# 
_reflns.entry_id                     2F6E 
_reflns.observed_criterion_sigma_I   -3 
_reflns.observed_criterion_sigma_F   -3 
_reflns.d_resolution_low             40.16 
_reflns.d_resolution_high            1.85 
_reflns.number_obs                   10716 
_reflns.number_all                   10716 
_reflns.percent_possible_obs         99.3 
_reflns.pdbx_Rmerge_I_obs            0.057 
_reflns.pdbx_Rsym_value              0.057 
_reflns.pdbx_netI_over_sigmaI        21.4 
_reflns.B_iso_Wilson_estimate        15.0 
_reflns.pdbx_redundancy              6.4 
_reflns.R_free_details               ? 
_reflns.limit_h_max                  ? 
_reflns.limit_h_min                  ? 
_reflns.limit_k_max                  ? 
_reflns.limit_k_min                  ? 
_reflns.limit_l_max                  ? 
_reflns.limit_l_min                  ? 
_reflns.observed_criterion_F_max     ? 
_reflns.observed_criterion_F_min     ? 
_reflns.pdbx_chi_squared             ? 
_reflns.pdbx_scaling_rejects         ? 
_reflns.pdbx_ordinal                 1 
_reflns.pdbx_diffrn_id               1 
# 
_reflns_shell.d_res_high             1.85 
_reflns_shell.d_res_low              1.92 
_reflns_shell.percent_possible_all   95.7 
_reflns_shell.Rmerge_I_obs           0.187 
_reflns_shell.pdbx_Rsym_value        0.187 
_reflns_shell.meanI_over_sigI_obs    7.4 
_reflns_shell.pdbx_redundancy        6.2 
_reflns_shell.percent_possible_obs   ? 
_reflns_shell.number_unique_all      1015 
_reflns_shell.number_measured_all    ? 
_reflns_shell.number_measured_obs    ? 
_reflns_shell.number_unique_obs      ? 
_reflns_shell.pdbx_chi_squared       ? 
_reflns_shell.pdbx_ordinal           1 
_reflns_shell.pdbx_diffrn_id         1 
# 
_refine.entry_id                                 2F6E 
_refine.ls_number_reflns_obs                     10199 
_refine.ls_number_reflns_all                     10199 
_refine.pdbx_ls_sigma_I                          0 
_refine.pdbx_ls_sigma_F                          0 
_refine.pdbx_data_cutoff_high_absF               ? 
_refine.pdbx_data_cutoff_low_absF                ? 
_refine.pdbx_data_cutoff_high_rms_absF           ? 
_refine.ls_d_res_low                             40.16 
_refine.ls_d_res_high                            1.85 
_refine.ls_percent_reflns_obs                    99.04 
_refine.ls_R_factor_obs                          0.16191 
_refine.ls_R_factor_all                          0.16191 
_refine.ls_R_factor_R_work                       0.15979 
_refine.ls_R_factor_R_free                       0.205 
_refine.ls_R_factor_R_free_error                 ? 
_refine.ls_R_factor_R_free_error_details         ? 
_refine.ls_percent_reflns_R_free                 4.8 
_refine.ls_number_reflns_R_free                  516 
_refine.ls_number_parameters                     ? 
_refine.ls_number_restraints                     ? 
_refine.occupancy_min                            ? 
_refine.occupancy_max                            ? 
_refine.correlation_coeff_Fo_to_Fc               0.954 
_refine.correlation_coeff_Fo_to_Fc_free          0.933 
_refine.B_iso_mean                               13.840 
_refine.aniso_B[1][1]                            0.10 
_refine.aniso_B[2][2]                            0.10 
_refine.aniso_B[3][3]                            -0.20 
_refine.aniso_B[1][2]                            0.00 
_refine.aniso_B[1][3]                            0.00 
_refine.aniso_B[2][3]                            0.00 
_refine.solvent_model_details                    'BABINET MODEL WITH MASK' 
_refine.solvent_model_param_ksol                 ? 
_refine.solvent_model_param_bsol                 ? 
_refine.pdbx_solvent_vdw_probe_radii             1.40 
_refine.pdbx_solvent_ion_probe_radii             0.80 
_refine.pdbx_solvent_shrinkage_radii             0.80 
_refine.pdbx_ls_cross_valid_method               THROUGHOUT 
_refine.details                                  ? 
_refine.pdbx_starting_model                      ? 
_refine.pdbx_method_to_determine_struct          MAD 
_refine.pdbx_isotropic_thermal_model             ? 
_refine.pdbx_stereochemistry_target_values       'MAXIMUM LIKELIHOOD' 
_refine.pdbx_stereochem_target_val_spec_case     ? 
_refine.pdbx_R_Free_selection_details            RANDOM 
_refine.pdbx_overall_ESU_R                       0.137 
_refine.pdbx_overall_ESU_R_Free                  0.130 
_refine.overall_SU_ML                            0.077 
_refine.overall_SU_B                             2.436 
_refine.ls_redundancy_reflns_obs                 ? 
_refine.B_iso_min                                ? 
_refine.B_iso_max                                ? 
_refine.overall_SU_R_Cruickshank_DPI             ? 
_refine.overall_SU_R_free                        ? 
_refine.ls_wR_factor_R_free                      ? 
_refine.ls_wR_factor_R_work                      ? 
_refine.overall_FOM_free_R_set                   ? 
_refine.overall_FOM_work_R_set                   ? 
_refine.pdbx_refine_id                           'X-RAY DIFFRACTION' 
_refine.pdbx_TLS_residual_ADP_flag               'LIKELY RESIDUAL' 
_refine.pdbx_diffrn_id                           1 
_refine.pdbx_overall_phase_error                 ? 
_refine.pdbx_overall_SU_R_free_Cruickshank_DPI   ? 
_refine.pdbx_overall_SU_R_Blow_DPI               ? 
_refine.pdbx_overall_SU_R_free_Blow_DPI          ? 
# 
_refine_hist.pdbx_refine_id                   'X-RAY DIFFRACTION' 
_refine_hist.cycle_id                         LAST 
_refine_hist.pdbx_number_atoms_protein        988 
_refine_hist.pdbx_number_atoms_nucleic_acid   0 
_refine_hist.pdbx_number_atoms_ligand         0 
_refine_hist.number_atoms_solvent             167 
_refine_hist.number_atoms_total               1155 
_refine_hist.d_res_high                       1.85 
_refine_hist.d_res_low                        40.16 
# 
loop_
_refine_ls_restr.type 
_refine_ls_restr.dev_ideal 
_refine_ls_restr.dev_ideal_target 
_refine_ls_restr.weight 
_refine_ls_restr.number 
_refine_ls_restr.pdbx_refine_id 
_refine_ls_restr.pdbx_restraint_function 
r_bond_refined_d         0.007 0.022 ? 1019 'X-RAY DIFFRACTION' ? 
r_angle_refined_deg      0.996 1.915 ? 1382 'X-RAY DIFFRACTION' ? 
r_dihedral_angle_1_deg   6.328 5.000 ? 124  'X-RAY DIFFRACTION' ? 
r_chiral_restr           0.074 0.200 ? 133  'X-RAY DIFFRACTION' ? 
r_gen_planes_refined     0.003 0.020 ? 835  'X-RAY DIFFRACTION' ? 
r_nbd_refined            0.185 0.200 ? 393  'X-RAY DIFFRACTION' ? 
r_xyhbond_nbd_refined    0.127 0.200 ? 110  'X-RAY DIFFRACTION' ? 
r_symmetry_vdw_refined   0.174 0.200 ? 51   'X-RAY DIFFRACTION' ? 
r_symmetry_hbond_refined 0.121 0.200 ? 23   'X-RAY DIFFRACTION' ? 
r_mcbond_it              1.960 2.000 ? 613  'X-RAY DIFFRACTION' ? 
r_mcangle_it             2.929 2.500 ? 972  'X-RAY DIFFRACTION' ? 
r_scbond_it              3.930 3.500 ? 406  'X-RAY DIFFRACTION' ? 
r_scangle_it             5.745 4.500 ? 410  'X-RAY DIFFRACTION' ? 
# 
_refine_ls_shell.pdbx_total_number_of_bins_used   20 
_refine_ls_shell.d_res_high                       1.850 
_refine_ls_shell.d_res_low                        1.898 
_refine_ls_shell.number_reflns_R_work             709 
_refine_ls_shell.R_factor_R_work                  0.135 
_refine_ls_shell.percent_reflns_obs               ? 
_refine_ls_shell.R_factor_R_free                  0.175 
_refine_ls_shell.R_factor_R_free_error            ? 
_refine_ls_shell.percent_reflns_R_free            ? 
_refine_ls_shell.number_reflns_R_free             43 
_refine_ls_shell.number_reflns_all                ? 
_refine_ls_shell.R_factor_all                     ? 
_refine_ls_shell.number_reflns_obs                752 
_refine_ls_shell.redundancy_reflns_obs            ? 
_refine_ls_shell.pdbx_refine_id                   'X-RAY DIFFRACTION' 
# 
_struct.entry_id                  2F6E 
_struct.title                     'Clostridium difficile Toxin A C-terminal fragment 1 (TcdA-f1)' 
_struct.pdbx_model_details        ? 
_struct.pdbx_CASP_flag            ? 
_struct.pdbx_model_type_details   ? 
# 
_struct_keywords.entry_id        2F6E 
_struct_keywords.pdbx_keywords   TOXIN 
_struct_keywords.text            'beta solenoid, C-terminal repetitive domain, CROPs, TOXIN' 
# 
loop_
_struct_asym.id 
_struct_asym.pdbx_blank_PDB_chainid_flag 
_struct_asym.pdbx_modified 
_struct_asym.entity_id 
_struct_asym.details 
A N N 1 ? 
B N N 2 ? 
# 
_struct_ref.id                         1 
_struct_ref.db_name                    UNP 
_struct_ref.db_code                    TOXA_CLODI 
_struct_ref.pdbx_db_accession          P16154 
_struct_ref.entity_id                  1 
_struct_ref.pdbx_seq_one_letter_code   
;YYFEPNTAMGANGYKTIDNKNFYFRNGLPQIGVFKGSNGFEYFAPANTDANNIEGQAIRYQNRFLHLLGKIYYFGNNSKA
VTGWQTINGKVYYFMPDTAMAAAGGLFEIDGVIYFFGVDGVKAPGIY
;
_struct_ref.pdbx_align_begin           2583 
_struct_ref.pdbx_db_isoform            ? 
# 
_struct_ref_seq.align_id                      1 
_struct_ref_seq.ref_id                        1 
_struct_ref_seq.pdbx_PDB_id_code              2F6E 
_struct_ref_seq.pdbx_strand_id                A 
_struct_ref_seq.seq_align_beg                 1 
_struct_ref_seq.pdbx_seq_align_beg_ins_code   ? 
_struct_ref_seq.seq_align_end                 127 
_struct_ref_seq.pdbx_seq_align_end_ins_code   ? 
_struct_ref_seq.pdbx_db_accession             P16154 
_struct_ref_seq.db_align_beg                  2583 
_struct_ref_seq.pdbx_db_align_beg_ins_code    ? 
_struct_ref_seq.db_align_end                  2709 
_struct_ref_seq.pdbx_db_align_end_ins_code    ? 
_struct_ref_seq.pdbx_auth_seq_align_beg       2 
_struct_ref_seq.pdbx_auth_seq_align_end       128 
# 
loop_
_struct_ref_seq_dif.align_id 
_struct_ref_seq_dif.pdbx_pdb_id_code 
_struct_ref_seq_dif.mon_id 
_struct_ref_seq_dif.pdbx_pdb_strand_id 
_struct_ref_seq_dif.seq_num 
_struct_ref_seq_dif.pdbx_pdb_ins_code 
_struct_ref_seq_dif.pdbx_seq_db_name 
_struct_ref_seq_dif.pdbx_seq_db_accession_code 
_struct_ref_seq_dif.db_mon_id 
_struct_ref_seq_dif.pdbx_seq_db_seq_num 
_struct_ref_seq_dif.details 
_struct_ref_seq_dif.pdbx_auth_seq_num 
_struct_ref_seq_dif.pdbx_ordinal 
1 2F6E ILE A 9  ? UNP P16154 MET 2591 variant 10 1 
1 2F6E ILE A 16 ? UNP P16154 THR 2598 variant 17 2 
1 2F6E PRO A 37 ? UNP P16154 SER 2619 variant 38 3 
1 2F6E ASN A 70 ? UNP P16154 LYS 2652 variant 71 4 
1 2F6E ASN A 90 ? UNP P16154 LYS 2672 variant 91 5 
1 2F6E MET A 91 ? UNP P16154 VAL 2673 variant 92 6 
# 
_pdbx_struct_assembly.id                   1 
_pdbx_struct_assembly.details              author_defined_assembly 
_pdbx_struct_assembly.method_details       ? 
_pdbx_struct_assembly.oligomeric_details   monomeric 
_pdbx_struct_assembly.oligomeric_count     1 
# 
_pdbx_struct_assembly_gen.assembly_id       1 
_pdbx_struct_assembly_gen.oper_expression   1 
_pdbx_struct_assembly_gen.asym_id_list      A,B 
# 
_pdbx_struct_oper_list.id                   1 
_pdbx_struct_oper_list.type                 'identity operation' 
_pdbx_struct_oper_list.name                 1_555 
_pdbx_struct_oper_list.symmetry_operation   x,y,z 
_pdbx_struct_oper_list.matrix[1][1]         1.0000000000 
_pdbx_struct_oper_list.matrix[1][2]         0.0000000000 
_pdbx_struct_oper_list.matrix[1][3]         0.0000000000 
_pdbx_struct_oper_list.vector[1]            0.0000000000 
_pdbx_struct_oper_list.matrix[2][1]         0.0000000000 
_pdbx_struct_oper_list.matrix[2][2]         1.0000000000 
_pdbx_struct_oper_list.matrix[2][3]         0.0000000000 
_pdbx_struct_oper_list.vector[2]            0.0000000000 
_pdbx_struct_oper_list.matrix[3][1]         0.0000000000 
_pdbx_struct_oper_list.matrix[3][2]         0.0000000000 
_pdbx_struct_oper_list.matrix[3][3]         1.0000000000 
_pdbx_struct_oper_list.vector[3]            0.0000000000 
# 
_struct_biol.id   1 
# 
loop_
_struct_sheet.id 
_struct_sheet.type 
_struct_sheet.number_strands 
_struct_sheet.details 
A ? 3 ? 
B ? 3 ? 
C ? 2 ? 
D ? 2 ? 
E ? 2 ? 
# 
loop_
_struct_sheet_order.sheet_id 
_struct_sheet_order.range_id_1 
_struct_sheet_order.range_id_2 
_struct_sheet_order.offset 
_struct_sheet_order.sense 
A 1 2 ? anti-parallel 
A 2 3 ? anti-parallel 
B 1 2 ? anti-parallel 
B 2 3 ? anti-parallel 
C 1 2 ? anti-parallel 
D 1 2 ? anti-parallel 
E 1 2 ? anti-parallel 
# 
loop_
_struct_sheet_range.sheet_id 
_struct_sheet_range.id 
_struct_sheet_range.beg_label_comp_id 
_struct_sheet_range.beg_label_asym_id 
_struct_sheet_range.beg_label_seq_id 
_struct_sheet_range.pdbx_beg_PDB_ins_code 
_struct_sheet_range.end_label_comp_id 
_struct_sheet_range.end_label_asym_id 
_struct_sheet_range.end_label_seq_id 
_struct_sheet_range.pdbx_end_PDB_ins_code 
_struct_sheet_range.beg_auth_comp_id 
_struct_sheet_range.beg_auth_asym_id 
_struct_sheet_range.beg_auth_seq_id 
_struct_sheet_range.end_auth_comp_id 
_struct_sheet_range.end_auth_asym_id 
_struct_sheet_range.end_auth_seq_id 
A 1 GLY A 13  ? ILE A 17  ? GLY A 14  ILE A 18  
A 2 LYS A 20  ? ARG A 25  ? LYS A 21  ARG A 26  
A 3 LEU A 28  ? PRO A 29  ? LEU A 29  PRO A 30  
B 1 GLY A 32  ? GLY A 36  ? GLY A 33  GLY A 37  
B 2 GLY A 39  ? ALA A 44  ? GLY A 40  ALA A 45  
B 3 GLN A 56  ? ALA A 57  ? GLN A 57  ALA A 58  
C 1 ARG A 63  ? LEU A 67  ? ARG A 64  LEU A 68  
C 2 ASN A 70  ? PHE A 74  ? ASN A 71  PHE A 75  
D 1 GLY A 83  ? ILE A 87  ? GLY A 84  ILE A 88  
D 2 ASN A 90  ? PHE A 94  ? ASN A 91  PHE A 95  
E 1 GLY A 105 ? ILE A 109 ? GLY A 106 ILE A 110 
E 2 VAL A 112 ? PHE A 116 ? VAL A 113 PHE A 117 
# 
loop_
_pdbx_struct_sheet_hbond.sheet_id 
_pdbx_struct_sheet_hbond.range_id_1 
_pdbx_struct_sheet_hbond.range_id_2 
_pdbx_struct_sheet_hbond.range_1_label_atom_id 
_pdbx_struct_sheet_hbond.range_1_label_comp_id 
_pdbx_struct_sheet_hbond.range_1_label_asym_id 
_pdbx_struct_sheet_hbond.range_1_label_seq_id 
_pdbx_struct_sheet_hbond.range_1_PDB_ins_code 
_pdbx_struct_sheet_hbond.range_1_auth_atom_id 
_pdbx_struct_sheet_hbond.range_1_auth_comp_id 
_pdbx_struct_sheet_hbond.range_1_auth_asym_id 
_pdbx_struct_sheet_hbond.range_1_auth_seq_id 
_pdbx_struct_sheet_hbond.range_2_label_atom_id 
_pdbx_struct_sheet_hbond.range_2_label_comp_id 
_pdbx_struct_sheet_hbond.range_2_label_asym_id 
_pdbx_struct_sheet_hbond.range_2_label_seq_id 
_pdbx_struct_sheet_hbond.range_2_PDB_ins_code 
_pdbx_struct_sheet_hbond.range_2_auth_atom_id 
_pdbx_struct_sheet_hbond.range_2_auth_comp_id 
_pdbx_struct_sheet_hbond.range_2_auth_asym_id 
_pdbx_struct_sheet_hbond.range_2_auth_seq_id 
A 1 2 N LYS A 15  ? N LYS A 16  O PHE A 22  ? O PHE A 23  
A 2 3 N ARG A 25  ? N ARG A 26  O LEU A 28  ? O LEU A 29  
B 1 2 N PHE A 34  ? N PHE A 35  O GLU A 41  ? O GLU A 42  
B 2 3 N ALA A 44  ? N ALA A 45  O GLN A 56  ? O GLN A 57  
C 1 2 N ARG A 63  ? N ARG A 64  O PHE A 74  ? O PHE A 75  
D 1 2 N GLY A 83  ? N GLY A 84  O PHE A 94  ? O PHE A 95  
E 1 2 N ILE A 109 ? N ILE A 110 O VAL A 112 ? O VAL A 113 
# 
_pdbx_validate_torsion.id              1 
_pdbx_validate_torsion.PDB_model_num   1 
_pdbx_validate_torsion.auth_comp_id    TYR 
_pdbx_validate_torsion.auth_asym_id    A 
_pdbx_validate_torsion.auth_seq_id     61 
_pdbx_validate_torsion.PDB_ins_code    ? 
_pdbx_validate_torsion.label_alt_id    ? 
_pdbx_validate_torsion.phi             -160.89 
_pdbx_validate_torsion.psi             93.12 
# 
_pdbx_refine_tls.id               1 
_pdbx_refine_tls.details          ? 
_pdbx_refine_tls.method           refined 
_pdbx_refine_tls.origin_x         -0.1826 
_pdbx_refine_tls.origin_y         -0.0318 
_pdbx_refine_tls.origin_z         -0.1256 
_pdbx_refine_tls.T[1][1]          0.0072 
_pdbx_refine_tls.T[2][2]          0.0065 
_pdbx_refine_tls.T[3][3]          0.0070 
_pdbx_refine_tls.T[1][2]          0.0011 
_pdbx_refine_tls.T[1][3]          0.0002 
_pdbx_refine_tls.T[2][3]          -0.0023 
_pdbx_refine_tls.L[1][1]          0.2542 
_pdbx_refine_tls.L[2][2]          0.1910 
_pdbx_refine_tls.L[3][3]          0.2576 
_pdbx_refine_tls.L[1][2]          -0.1440 
_pdbx_refine_tls.L[1][3]          0.1332 
_pdbx_refine_tls.L[2][3]          -0.1973 
_pdbx_refine_tls.S[1][1]          0.0011 
_pdbx_refine_tls.S[1][2]          -0.0260 
_pdbx_refine_tls.S[1][3]          0.0059 
_pdbx_refine_tls.S[2][1]          -0.0256 
_pdbx_refine_tls.S[2][2]          0.0172 
_pdbx_refine_tls.S[2][3]          -0.0048 
_pdbx_refine_tls.S[3][1]          -0.0028 
_pdbx_refine_tls.S[3][2]          0.0010 
_pdbx_refine_tls.S[3][3]          -0.0182 
_pdbx_refine_tls.pdbx_refine_id   'X-RAY DIFFRACTION' 
# 
_pdbx_refine_tls_group.id                  1 
_pdbx_refine_tls_group.refine_tls_id       1 
_pdbx_refine_tls_group.beg_auth_asym_id    A 
_pdbx_refine_tls_group.beg_auth_seq_id     2 
_pdbx_refine_tls_group.beg_label_asym_id   A 
_pdbx_refine_tls_group.beg_label_seq_id    1 
_pdbx_refine_tls_group.end_auth_asym_id    A 
_pdbx_refine_tls_group.end_auth_seq_id     126 
_pdbx_refine_tls_group.end_label_asym_id   A 
_pdbx_refine_tls_group.end_label_seq_id    125 
_pdbx_refine_tls_group.selection           ? 
_pdbx_refine_tls_group.pdbx_refine_id      'X-RAY DIFFRACTION' 
_pdbx_refine_tls_group.selection_details   ? 
# 
_pdbx_database_remark.id     999 
_pdbx_database_remark.text   
;Sequence 
 
The differences between the sequence present in this
structure and the sequence in the reference database are
unique to strain 48489 of Clostridium difficile.
;
# 
loop_
_pdbx_unobs_or_zero_occ_residues.id 
_pdbx_unobs_or_zero_occ_residues.PDB_model_num 
_pdbx_unobs_or_zero_occ_residues.polymer_flag 
_pdbx_unobs_or_zero_occ_residues.occupancy_flag 
_pdbx_unobs_or_zero_occ_residues.auth_asym_id 
_pdbx_unobs_or_zero_occ_residues.auth_comp_id 
_pdbx_unobs_or_zero_occ_residues.auth_seq_id 
_pdbx_unobs_or_zero_occ_residues.PDB_ins_code 
_pdbx_unobs_or_zero_occ_residues.label_asym_id 
_pdbx_unobs_or_zero_occ_residues.label_comp_id 
_pdbx_unobs_or_zero_occ_residues.label_seq_id 
1 1 Y 1 A ILE 127 ? A ILE 126 
2 1 Y 1 A TYR 128 ? A TYR 127 
# 
loop_
_chem_comp_atom.comp_id 
_chem_comp_atom.atom_id 
_chem_comp_atom.type_symbol 
_chem_comp_atom.pdbx_aromatic_flag 
_chem_comp_atom.pdbx_stereo_config 
_chem_comp_atom.pdbx_ordinal 
ALA N    N N N 1   
ALA CA   C N S 2   
ALA C    C N N 3   
ALA O    O N N 4   
ALA CB   C N N 5   
ALA OXT  O N N 6   
ALA H    H N N 7   
ALA H2   H N N 8   
ALA HA   H N N 9   
ALA HB1  H N N 10  
ALA HB2  H N N 11  
ALA HB3  H N N 12  
ALA HXT  H N N 13  
ARG N    N N N 14  
ARG CA   C N S 15  
ARG C    C N N 16  
ARG O    O N N 17  
ARG CB   C N N 18  
ARG CG   C N N 19  
ARG CD   C N N 20  
ARG NE   N N N 21  
ARG CZ   C N N 22  
ARG NH1  N N N 23  
ARG NH2  N N N 24  
ARG OXT  O N N 25  
ARG H    H N N 26  
ARG H2   H N N 27  
ARG HA   H N N 28  
ARG HB2  H N N 29  
ARG HB3  H N N 30  
ARG HG2  H N N 31  
ARG HG3  H N N 32  
ARG HD2  H N N 33  
ARG HD3  H N N 34  
ARG HE   H N N 35  
ARG HH11 H N N 36  
ARG HH12 H N N 37  
ARG HH21 H N N 38  
ARG HH22 H N N 39  
ARG HXT  H N N 40  
ASN N    N N N 41  
ASN CA   C N S 42  
ASN C    C N N 43  
ASN O    O N N 44  
ASN CB   C N N 45  
ASN CG   C N N 46  
ASN OD1  O N N 47  
ASN ND2  N N N 48  
ASN OXT  O N N 49  
ASN H    H N N 50  
ASN H2   H N N 51  
ASN HA   H N N 52  
ASN HB2  H N N 53  
ASN HB3  H N N 54  
ASN HD21 H N N 55  
ASN HD22 H N N 56  
ASN HXT  H N N 57  
ASP N    N N N 58  
ASP CA   C N S 59  
ASP C    C N N 60  
ASP O    O N N 61  
ASP CB   C N N 62  
ASP CG   C N N 63  
ASP OD1  O N N 64  
ASP OD2  O N N 65  
ASP OXT  O N N 66  
ASP H    H N N 67  
ASP H2   H N N 68  
ASP HA   H N N 69  
ASP HB2  H N N 70  
ASP HB3  H N N 71  
ASP HD2  H N N 72  
ASP HXT  H N N 73  
GLN N    N N N 74  
GLN CA   C N S 75  
GLN C    C N N 76  
GLN O    O N N 77  
GLN CB   C N N 78  
GLN CG   C N N 79  
GLN CD   C N N 80  
GLN OE1  O N N 81  
GLN NE2  N N N 82  
GLN OXT  O N N 83  
GLN H    H N N 84  
GLN H2   H N N 85  
GLN HA   H N N 86  
GLN HB2  H N N 87  
GLN HB3  H N N 88  
GLN HG2  H N N 89  
GLN HG3  H N N 90  
GLN HE21 H N N 91  
GLN HE22 H N N 92  
GLN HXT  H N N 93  
GLU N    N N N 94  
GLU CA   C N S 95  
GLU C    C N N 96  
GLU O    O N N 97  
GLU CB   C N N 98  
GLU CG   C N N 99  
GLU CD   C N N 100 
GLU OE1  O N N 101 
GLU OE2  O N N 102 
GLU OXT  O N N 103 
GLU H    H N N 104 
GLU H2   H N N 105 
GLU HA   H N N 106 
GLU HB2  H N N 107 
GLU HB3  H N N 108 
GLU HG2  H N N 109 
GLU HG3  H N N 110 
GLU HE2  H N N 111 
GLU HXT  H N N 112 
GLY N    N N N 113 
GLY CA   C N N 114 
GLY C    C N N 115 
GLY O    O N N 116 
GLY OXT  O N N 117 
GLY H    H N N 118 
GLY H2   H N N 119 
GLY HA2  H N N 120 
GLY HA3  H N N 121 
GLY HXT  H N N 122 
HIS N    N N N 123 
HIS CA   C N S 124 
HIS C    C N N 125 
HIS O    O N N 126 
HIS CB   C N N 127 
HIS CG   C Y N 128 
HIS ND1  N Y N 129 
HIS CD2  C Y N 130 
HIS CE1  C Y N 131 
HIS NE2  N Y N 132 
HIS OXT  O N N 133 
HIS H    H N N 134 
HIS H2   H N N 135 
HIS HA   H N N 136 
HIS HB2  H N N 137 
HIS HB3  H N N 138 
HIS HD1  H N N 139 
HIS HD2  H N N 140 
HIS HE1  H N N 141 
HIS HE2  H N N 142 
HIS HXT  H N N 143 
HOH O    O N N 144 
HOH H1   H N N 145 
HOH H2   H N N 146 
ILE N    N N N 147 
ILE CA   C N S 148 
ILE C    C N N 149 
ILE O    O N N 150 
ILE CB   C N S 151 
ILE CG1  C N N 152 
ILE CG2  C N N 153 
ILE CD1  C N N 154 
ILE OXT  O N N 155 
ILE H    H N N 156 
ILE H2   H N N 157 
ILE HA   H N N 158 
ILE HB   H N N 159 
ILE HG12 H N N 160 
ILE HG13 H N N 161 
ILE HG21 H N N 162 
ILE HG22 H N N 163 
ILE HG23 H N N 164 
ILE HD11 H N N 165 
ILE HD12 H N N 166 
ILE HD13 H N N 167 
ILE HXT  H N N 168 
LEU N    N N N 169 
LEU CA   C N S 170 
LEU C    C N N 171 
LEU O    O N N 172 
LEU CB   C N N 173 
LEU CG   C N N 174 
LEU CD1  C N N 175 
LEU CD2  C N N 176 
LEU OXT  O N N 177 
LEU H    H N N 178 
LEU H2   H N N 179 
LEU HA   H N N 180 
LEU HB2  H N N 181 
LEU HB3  H N N 182 
LEU HG   H N N 183 
LEU HD11 H N N 184 
LEU HD12 H N N 185 
LEU HD13 H N N 186 
LEU HD21 H N N 187 
LEU HD22 H N N 188 
LEU HD23 H N N 189 
LEU HXT  H N N 190 
LYS N    N N N 191 
LYS CA   C N S 192 
LYS C    C N N 193 
LYS O    O N N 194 
LYS CB   C N N 195 
LYS CG   C N N 196 
LYS CD   C N N 197 
LYS CE   C N N 198 
LYS NZ   N N N 199 
LYS OXT  O N N 200 
LYS H    H N N 201 
LYS H2   H N N 202 
LYS HA   H N N 203 
LYS HB2  H N N 204 
LYS HB3  H N N 205 
LYS HG2  H N N 206 
LYS HG3  H N N 207 
LYS HD2  H N N 208 
LYS HD3  H N N 209 
LYS HE2  H N N 210 
LYS HE3  H N N 211 
LYS HZ1  H N N 212 
LYS HZ2  H N N 213 
LYS HZ3  H N N 214 
LYS HXT  H N N 215 
MET N    N N N 216 
MET CA   C N S 217 
MET C    C N N 218 
MET O    O N N 219 
MET CB   C N N 220 
MET CG   C N N 221 
MET SD   S N N 222 
MET CE   C N N 223 
MET OXT  O N N 224 
MET H    H N N 225 
MET H2   H N N 226 
MET HA   H N N 227 
MET HB2  H N N 228 
MET HB3  H N N 229 
MET HG2  H N N 230 
MET HG3  H N N 231 
MET HE1  H N N 232 
MET HE2  H N N 233 
MET HE3  H N N 234 
MET HXT  H N N 235 
PHE N    N N N 236 
PHE CA   C N S 237 
PHE C    C N N 238 
PHE O    O N N 239 
PHE CB   C N N 240 
PHE CG   C Y N 241 
PHE CD1  C Y N 242 
PHE CD2  C Y N 243 
PHE CE1  C Y N 244 
PHE CE2  C Y N 245 
PHE CZ   C Y N 246 
PHE OXT  O N N 247 
PHE H    H N N 248 
PHE H2   H N N 249 
PHE HA   H N N 250 
PHE HB2  H N N 251 
PHE HB3  H N N 252 
PHE HD1  H N N 253 
PHE HD2  H N N 254 
PHE HE1  H N N 255 
PHE HE2  H N N 256 
PHE HZ   H N N 257 
PHE HXT  H N N 258 
PRO N    N N N 259 
PRO CA   C N S 260 
PRO C    C N N 261 
PRO O    O N N 262 
PRO CB   C N N 263 
PRO CG   C N N 264 
PRO CD   C N N 265 
PRO OXT  O N N 266 
PRO H    H N N 267 
PRO HA   H N N 268 
PRO HB2  H N N 269 
PRO HB3  H N N 270 
PRO HG2  H N N 271 
PRO HG3  H N N 272 
PRO HD2  H N N 273 
PRO HD3  H N N 274 
PRO HXT  H N N 275 
SER N    N N N 276 
SER CA   C N S 277 
SER C    C N N 278 
SER O    O N N 279 
SER CB   C N N 280 
SER OG   O N N 281 
SER OXT  O N N 282 
SER H    H N N 283 
SER H2   H N N 284 
SER HA   H N N 285 
SER HB2  H N N 286 
SER HB3  H N N 287 
SER HG   H N N 288 
SER HXT  H N N 289 
THR N    N N N 290 
THR CA   C N S 291 
THR C    C N N 292 
THR O    O N N 293 
THR CB   C N R 294 
THR OG1  O N N 295 
THR CG2  C N N 296 
THR OXT  O N N 297 
THR H    H N N 298 
THR H2   H N N 299 
THR HA   H N N 300 
THR HB   H N N 301 
THR HG1  H N N 302 
THR HG21 H N N 303 
THR HG22 H N N 304 
THR HG23 H N N 305 
THR HXT  H N N 306 
TRP N    N N N 307 
TRP CA   C N S 308 
TRP C    C N N 309 
TRP O    O N N 310 
TRP CB   C N N 311 
TRP CG   C Y N 312 
TRP CD1  C Y N 313 
TRP CD2  C Y N 314 
TRP NE1  N Y N 315 
TRP CE2  C Y N 316 
TRP CE3  C Y N 317 
TRP CZ2  C Y N 318 
TRP CZ3  C Y N 319 
TRP CH2  C Y N 320 
TRP OXT  O N N 321 
TRP H    H N N 322 
TRP H2   H N N 323 
TRP HA   H N N 324 
TRP HB2  H N N 325 
TRP HB3  H N N 326 
TRP HD1  H N N 327 
TRP HE1  H N N 328 
TRP HE3  H N N 329 
TRP HZ2  H N N 330 
TRP HZ3  H N N 331 
TRP HH2  H N N 332 
TRP HXT  H N N 333 
TYR N    N N N 334 
TYR CA   C N S 335 
TYR C    C N N 336 
TYR O    O N N 337 
TYR CB   C N N 338 
TYR CG   C Y N 339 
TYR CD1  C Y N 340 
TYR CD2  C Y N 341 
TYR CE1  C Y N 342 
TYR CE2  C Y N 343 
TYR CZ   C Y N 344 
TYR OH   O N N 345 
TYR OXT  O N N 346 
TYR H    H N N 347 
TYR H2   H N N 348 
TYR HA   H N N 349 
TYR HB2  H N N 350 
TYR HB3  H N N 351 
TYR HD1  H N N 352 
TYR HD2  H N N 353 
TYR HE1  H N N 354 
TYR HE2  H N N 355 
TYR HH   H N N 356 
TYR HXT  H N N 357 
VAL N    N N N 358 
VAL CA   C N S 359 
VAL C    C N N 360 
VAL O    O N N 361 
VAL CB   C N N 362 
VAL CG1  C N N 363 
VAL CG2  C N N 364 
VAL OXT  O N N 365 
VAL H    H N N 366 
VAL H2   H N N 367 
VAL HA   H N N 368 
VAL HB   H N N 369 
VAL HG11 H N N 370 
VAL HG12 H N N 371 
VAL HG13 H N N 372 
VAL HG21 H N N 373 
VAL HG22 H N N 374 
VAL HG23 H N N 375 
VAL HXT  H N N 376 
# 
loop_
_chem_comp_bond.comp_id 
_chem_comp_bond.atom_id_1 
_chem_comp_bond.atom_id_2 
_chem_comp_bond.value_order 
_chem_comp_bond.pdbx_aromatic_flag 
_chem_comp_bond.pdbx_stereo_config 
_chem_comp_bond.pdbx_ordinal 
ALA N   CA   sing N N 1   
ALA N   H    sing N N 2   
ALA N   H2   sing N N 3   
ALA CA  C    sing N N 4   
ALA CA  CB   sing N N 5   
ALA CA  HA   sing N N 6   
ALA C   O    doub N N 7   
ALA C   OXT  sing N N 8   
ALA CB  HB1  sing N N 9   
ALA CB  HB2  sing N N 10  
ALA CB  HB3  sing N N 11  
ALA OXT HXT  sing N N 12  
ARG N   CA   sing N N 13  
ARG N   H    sing N N 14  
ARG N   H2   sing N N 15  
ARG CA  C    sing N N 16  
ARG CA  CB   sing N N 17  
ARG CA  HA   sing N N 18  
ARG C   O    doub N N 19  
ARG C   OXT  sing N N 20  
ARG CB  CG   sing N N 21  
ARG CB  HB2  sing N N 22  
ARG CB  HB3  sing N N 23  
ARG CG  CD   sing N N 24  
ARG CG  HG2  sing N N 25  
ARG CG  HG3  sing N N 26  
ARG CD  NE   sing N N 27  
ARG CD  HD2  sing N N 28  
ARG CD  HD3  sing N N 29  
ARG NE  CZ   sing N N 30  
ARG NE  HE   sing N N 31  
ARG CZ  NH1  sing N N 32  
ARG CZ  NH2  doub N N 33  
ARG NH1 HH11 sing N N 34  
ARG NH1 HH12 sing N N 35  
ARG NH2 HH21 sing N N 36  
ARG NH2 HH22 sing N N 37  
ARG OXT HXT  sing N N 38  
ASN N   CA   sing N N 39  
ASN N   H    sing N N 40  
ASN N   H2   sing N N 41  
ASN CA  C    sing N N 42  
ASN CA  CB   sing N N 43  
ASN CA  HA   sing N N 44  
ASN C   O    doub N N 45  
ASN C   OXT  sing N N 46  
ASN CB  CG   sing N N 47  
ASN CB  HB2  sing N N 48  
ASN CB  HB3  sing N N 49  
ASN CG  OD1  doub N N 50  
ASN CG  ND2  sing N N 51  
ASN ND2 HD21 sing N N 52  
ASN ND2 HD22 sing N N 53  
ASN OXT HXT  sing N N 54  
ASP N   CA   sing N N 55  
ASP N   H    sing N N 56  
ASP N   H2   sing N N 57  
ASP CA  C    sing N N 58  
ASP CA  CB   sing N N 59  
ASP CA  HA   sing N N 60  
ASP C   O    doub N N 61  
ASP C   OXT  sing N N 62  
ASP CB  CG   sing N N 63  
ASP CB  HB2  sing N N 64  
ASP CB  HB3  sing N N 65  
ASP CG  OD1  doub N N 66  
ASP CG  OD2  sing N N 67  
ASP OD2 HD2  sing N N 68  
ASP OXT HXT  sing N N 69  
GLN N   CA   sing N N 70  
GLN N   H    sing N N 71  
GLN N   H2   sing N N 72  
GLN CA  C    sing N N 73  
GLN CA  CB   sing N N 74  
GLN CA  HA   sing N N 75  
GLN C   O    doub N N 76  
GLN C   OXT  sing N N 77  
GLN CB  CG   sing N N 78  
GLN CB  HB2  sing N N 79  
GLN CB  HB3  sing N N 80  
GLN CG  CD   sing N N 81  
GLN CG  HG2  sing N N 82  
GLN CG  HG3  sing N N 83  
GLN CD  OE1  doub N N 84  
GLN CD  NE2  sing N N 85  
GLN NE2 HE21 sing N N 86  
GLN NE2 HE22 sing N N 87  
GLN OXT HXT  sing N N 88  
GLU N   CA   sing N N 89  
GLU N   H    sing N N 90  
GLU N   H2   sing N N 91  
GLU CA  C    sing N N 92  
GLU CA  CB   sing N N 93  
GLU CA  HA   sing N N 94  
GLU C   O    doub N N 95  
GLU C   OXT  sing N N 96  
GLU CB  CG   sing N N 97  
GLU CB  HB2  sing N N 98  
GLU CB  HB3  sing N N 99  
GLU CG  CD   sing N N 100 
GLU CG  HG2  sing N N 101 
GLU CG  HG3  sing N N 102 
GLU CD  OE1  doub N N 103 
GLU CD  OE2  sing N N 104 
GLU OE2 HE2  sing N N 105 
GLU OXT HXT  sing N N 106 
GLY N   CA   sing N N 107 
GLY N   H    sing N N 108 
GLY N   H2   sing N N 109 
GLY CA  C    sing N N 110 
GLY CA  HA2  sing N N 111 
GLY CA  HA3  sing N N 112 
GLY C   O    doub N N 113 
GLY C   OXT  sing N N 114 
GLY OXT HXT  sing N N 115 
HIS N   CA   sing N N 116 
HIS N   H    sing N N 117 
HIS N   H2   sing N N 118 
HIS CA  C    sing N N 119 
HIS CA  CB   sing N N 120 
HIS CA  HA   sing N N 121 
HIS C   O    doub N N 122 
HIS C   OXT  sing N N 123 
HIS CB  CG   sing N N 124 
HIS CB  HB2  sing N N 125 
HIS CB  HB3  sing N N 126 
HIS CG  ND1  sing Y N 127 
HIS CG  CD2  doub Y N 128 
HIS ND1 CE1  doub Y N 129 
HIS ND1 HD1  sing N N 130 
HIS CD2 NE2  sing Y N 131 
HIS CD2 HD2  sing N N 132 
HIS CE1 NE2  sing Y N 133 
HIS CE1 HE1  sing N N 134 
HIS NE2 HE2  sing N N 135 
HIS OXT HXT  sing N N 136 
HOH O   H1   sing N N 137 
HOH O   H2   sing N N 138 
ILE N   CA   sing N N 139 
ILE N   H    sing N N 140 
ILE N   H2   sing N N 141 
ILE CA  C    sing N N 142 
ILE CA  CB   sing N N 143 
ILE CA  HA   sing N N 144 
ILE C   O    doub N N 145 
ILE C   OXT  sing N N 146 
ILE CB  CG1  sing N N 147 
ILE CB  CG2  sing N N 148 
ILE CB  HB   sing N N 149 
ILE CG1 CD1  sing N N 150 
ILE CG1 HG12 sing N N 151 
ILE CG1 HG13 sing N N 152 
ILE CG2 HG21 sing N N 153 
ILE CG2 HG22 sing N N 154 
ILE CG2 HG23 sing N N 155 
ILE CD1 HD11 sing N N 156 
ILE CD1 HD12 sing N N 157 
ILE CD1 HD13 sing N N 158 
ILE OXT HXT  sing N N 159 
LEU N   CA   sing N N 160 
LEU N   H    sing N N 161 
LEU N   H2   sing N N 162 
LEU CA  C    sing N N 163 
LEU CA  CB   sing N N 164 
LEU CA  HA   sing N N 165 
LEU C   O    doub N N 166 
LEU C   OXT  sing N N 167 
LEU CB  CG   sing N N 168 
LEU CB  HB2  sing N N 169 
LEU CB  HB3  sing N N 170 
LEU CG  CD1  sing N N 171 
LEU CG  CD2  sing N N 172 
LEU CG  HG   sing N N 173 
LEU CD1 HD11 sing N N 174 
LEU CD1 HD12 sing N N 175 
LEU CD1 HD13 sing N N 176 
LEU CD2 HD21 sing N N 177 
LEU CD2 HD22 sing N N 178 
LEU CD2 HD23 sing N N 179 
LEU OXT HXT  sing N N 180 
LYS N   CA   sing N N 181 
LYS N   H    sing N N 182 
LYS N   H2   sing N N 183 
LYS CA  C    sing N N 184 
LYS CA  CB   sing N N 185 
LYS CA  HA   sing N N 186 
LYS C   O    doub N N 187 
LYS C   OXT  sing N N 188 
LYS CB  CG   sing N N 189 
LYS CB  HB2  sing N N 190 
LYS CB  HB3  sing N N 191 
LYS CG  CD   sing N N 192 
LYS CG  HG2  sing N N 193 
LYS CG  HG3  sing N N 194 
LYS CD  CE   sing N N 195 
LYS CD  HD2  sing N N 196 
LYS CD  HD3  sing N N 197 
LYS CE  NZ   sing N N 198 
LYS CE  HE2  sing N N 199 
LYS CE  HE3  sing N N 200 
LYS NZ  HZ1  sing N N 201 
LYS NZ  HZ2  sing N N 202 
LYS NZ  HZ3  sing N N 203 
LYS OXT HXT  sing N N 204 
MET N   CA   sing N N 205 
MET N   H    sing N N 206 
MET N   H2   sing N N 207 
MET CA  C    sing N N 208 
MET CA  CB   sing N N 209 
MET CA  HA   sing N N 210 
MET C   O    doub N N 211 
MET C   OXT  sing N N 212 
MET CB  CG   sing N N 213 
MET CB  HB2  sing N N 214 
MET CB  HB3  sing N N 215 
MET CG  SD   sing N N 216 
MET CG  HG2  sing N N 217 
MET CG  HG3  sing N N 218 
MET SD  CE   sing N N 219 
MET CE  HE1  sing N N 220 
MET CE  HE2  sing N N 221 
MET CE  HE3  sing N N 222 
MET OXT HXT  sing N N 223 
PHE N   CA   sing N N 224 
PHE N   H    sing N N 225 
PHE N   H2   sing N N 226 
PHE CA  C    sing N N 227 
PHE CA  CB   sing N N 228 
PHE CA  HA   sing N N 229 
PHE C   O    doub N N 230 
PHE C   OXT  sing N N 231 
PHE CB  CG   sing N N 232 
PHE CB  HB2  sing N N 233 
PHE CB  HB3  sing N N 234 
PHE CG  CD1  doub Y N 235 
PHE CG  CD2  sing Y N 236 
PHE CD1 CE1  sing Y N 237 
PHE CD1 HD1  sing N N 238 
PHE CD2 CE2  doub Y N 239 
PHE CD2 HD2  sing N N 240 
PHE CE1 CZ   doub Y N 241 
PHE CE1 HE1  sing N N 242 
PHE CE2 CZ   sing Y N 243 
PHE CE2 HE2  sing N N 244 
PHE CZ  HZ   sing N N 245 
PHE OXT HXT  sing N N 246 
PRO N   CA   sing N N 247 
PRO N   CD   sing N N 248 
PRO N   H    sing N N 249 
PRO CA  C    sing N N 250 
PRO CA  CB   sing N N 251 
PRO CA  HA   sing N N 252 
PRO C   O    doub N N 253 
PRO C   OXT  sing N N 254 
PRO CB  CG   sing N N 255 
PRO CB  HB2  sing N N 256 
PRO CB  HB3  sing N N 257 
PRO CG  CD   sing N N 258 
PRO CG  HG2  sing N N 259 
PRO CG  HG3  sing N N 260 
PRO CD  HD2  sing N N 261 
PRO CD  HD3  sing N N 262 
PRO OXT HXT  sing N N 263 
SER N   CA   sing N N 264 
SER N   H    sing N N 265 
SER N   H2   sing N N 266 
SER CA  C    sing N N 267 
SER CA  CB   sing N N 268 
SER CA  HA   sing N N 269 
SER C   O    doub N N 270 
SER C   OXT  sing N N 271 
SER CB  OG   sing N N 272 
SER CB  HB2  sing N N 273 
SER CB  HB3  sing N N 274 
SER OG  HG   sing N N 275 
SER OXT HXT  sing N N 276 
THR N   CA   sing N N 277 
THR N   H    sing N N 278 
THR N   H2   sing N N 279 
THR CA  C    sing N N 280 
THR CA  CB   sing N N 281 
THR CA  HA   sing N N 282 
THR C   O    doub N N 283 
THR C   OXT  sing N N 284 
THR CB  OG1  sing N N 285 
THR CB  CG2  sing N N 286 
THR CB  HB   sing N N 287 
THR OG1 HG1  sing N N 288 
THR CG2 HG21 sing N N 289 
THR CG2 HG22 sing N N 290 
THR CG2 HG23 sing N N 291 
THR OXT HXT  sing N N 292 
TRP N   CA   sing N N 293 
TRP N   H    sing N N 294 
TRP N   H2   sing N N 295 
TRP CA  C    sing N N 296 
TRP CA  CB   sing N N 297 
TRP CA  HA   sing N N 298 
TRP C   O    doub N N 299 
TRP C   OXT  sing N N 300 
TRP CB  CG   sing N N 301 
TRP CB  HB2  sing N N 302 
TRP CB  HB3  sing N N 303 
TRP CG  CD1  doub Y N 304 
TRP CG  CD2  sing Y N 305 
TRP CD1 NE1  sing Y N 306 
TRP CD1 HD1  sing N N 307 
TRP CD2 CE2  doub Y N 308 
TRP CD2 CE3  sing Y N 309 
TRP NE1 CE2  sing Y N 310 
TRP NE1 HE1  sing N N 311 
TRP CE2 CZ2  sing Y N 312 
TRP CE3 CZ3  doub Y N 313 
TRP CE3 HE3  sing N N 314 
TRP CZ2 CH2  doub Y N 315 
TRP CZ2 HZ2  sing N N 316 
TRP CZ3 CH2  sing Y N 317 
TRP CZ3 HZ3  sing N N 318 
TRP CH2 HH2  sing N N 319 
TRP OXT HXT  sing N N 320 
TYR N   CA   sing N N 321 
TYR N   H    sing N N 322 
TYR N   H2   sing N N 323 
TYR CA  C    sing N N 324 
TYR CA  CB   sing N N 325 
TYR CA  HA   sing N N 326 
TYR C   O    doub N N 327 
TYR C   OXT  sing N N 328 
TYR CB  CG   sing N N 329 
TYR CB  HB2  sing N N 330 
TYR CB  HB3  sing N N 331 
TYR CG  CD1  doub Y N 332 
TYR CG  CD2  sing Y N 333 
TYR CD1 CE1  sing Y N 334 
TYR CD1 HD1  sing N N 335 
TYR CD2 CE2  doub Y N 336 
TYR CD2 HD2  sing N N 337 
TYR CE1 CZ   doub Y N 338 
TYR CE1 HE1  sing N N 339 
TYR CE2 CZ   sing Y N 340 
TYR CE2 HE2  sing N N 341 
TYR CZ  OH   sing N N 342 
TYR OH  HH   sing N N 343 
TYR OXT HXT  sing N N 344 
VAL N   CA   sing N N 345 
VAL N   H    sing N N 346 
VAL N   H2   sing N N 347 
VAL CA  C    sing N N 348 
VAL CA  CB   sing N N 349 
VAL CA  HA   sing N N 350 
VAL C   O    doub N N 351 
VAL C   OXT  sing N N 352 
VAL CB  CG1  sing N N 353 
VAL CB  CG2  sing N N 354 
VAL CB  HB   sing N N 355 
VAL CG1 HG11 sing N N 356 
VAL CG1 HG12 sing N N 357 
VAL CG1 HG13 sing N N 358 
VAL CG2 HG21 sing N N 359 
VAL CG2 HG22 sing N N 360 
VAL CG2 HG23 sing N N 361 
VAL OXT HXT  sing N N 362 
# 
_atom_sites.entry_id                    2F6E 
_atom_sites.fract_transf_matrix[1][1]   -0.02163376 
_atom_sites.fract_transf_matrix[1][2]   -0.00791851 
_atom_sites.fract_transf_matrix[1][3]   0.00590032 
_atom_sites.fract_transf_matrix[2][1]   -0.00779910 
_atom_sites.fract_transf_matrix[2][2]   0.02241641 
_atom_sites.fract_transf_matrix[2][3]   0.00148818 
_atom_sites.fract_transf_matrix[3][1]   -0.00192791 
_atom_sites.fract_transf_matrix[3][2]   -0.00018499 
_atom_sites.fract_transf_matrix[3][3]   -0.00731702 
_atom_sites.fract_transf_vector[1]      0.433749 
_atom_sites.fract_transf_vector[2]      0.382407 
_atom_sites.fract_transf_vector[3]      0.334658 
# 
loop_
_atom_type.symbol 
C 
N 
O 
S 
# 
loop_
_atom_site.group_PDB 
_atom_site.id 
_atom_site.type_symbol 
_atom_site.label_atom_id 
_atom_site.label_alt_id 
_atom_site.label_comp_id 
_atom_site.label_asym_id 
_atom_site.label_entity_id 
_atom_site.label_seq_id 
_atom_site.pdbx_PDB_ins_code 
_atom_site.Cartn_x 
_atom_site.Cartn_y 
_atom_site.Cartn_z 
_atom_site.occupancy 
_atom_site.B_iso_or_equiv 
_atom_site.pdbx_formal_charge 
_atom_site.auth_seq_id 
_atom_site.auth_comp_id 
_atom_site.auth_asym_id 
_atom_site.auth_atom_id 
_atom_site.pdbx_PDB_model_num 
ATOM   1    N N   . TYR A 1 1   ? -9.525  -3.060  9.281   1.00 10.32 ? 2   TYR A N   1 
ATOM   2    C CA  . TYR A 1 1   ? -9.301  -1.907  8.366   1.00 8.51  ? 2   TYR A CA  1 
ATOM   3    C C   . TYR A 1 1   ? -10.367 -0.826  8.555   1.00 7.59  ? 2   TYR A C   1 
ATOM   4    O O   . TYR A 1 1   ? -11.552 -1.136  8.670   1.00 8.06  ? 2   TYR A O   1 
ATOM   5    C CB  . TYR A 1 1   ? -9.307  -2.372  6.912   1.00 8.84  ? 2   TYR A CB  1 
ATOM   6    C CG  . TYR A 1 1   ? -8.999  -1.259  5.945   1.00 7.14  ? 2   TYR A CG  1 
ATOM   7    C CD1 . TYR A 1 1   ? -7.681  -0.875  5.700   1.00 6.82  ? 2   TYR A CD1 1 
ATOM   8    C CD2 . TYR A 1 1   ? -10.022 -0.579  5.288   1.00 10.27 ? 2   TYR A CD2 1 
ATOM   9    C CE1 . TYR A 1 1   ? -7.388  0.147   4.824   1.00 3.88  ? 2   TYR A CE1 1 
ATOM   10   C CE2 . TYR A 1 1   ? -9.737  0.451   4.403   1.00 7.76  ? 2   TYR A CE2 1 
ATOM   11   C CZ  . TYR A 1 1   ? -8.418  0.805   4.179   1.00 7.16  ? 2   TYR A CZ  1 
ATOM   12   O OH  . TYR A 1 1   ? -8.122  1.819   3.308   1.00 8.24  ? 2   TYR A OH  1 
ATOM   13   N N   . TYR A 1 2   ? -9.943  0.434   8.572   1.00 9.06  ? 3   TYR A N   1 
ATOM   14   C CA  . TYR A 1 2   ? -10.887 1.555   8.585   1.00 8.48  ? 3   TYR A CA  1 
ATOM   15   C C   . TYR A 1 2   ? -10.529 2.659   7.590   1.00 8.51  ? 3   TYR A C   1 
ATOM   16   O O   . TYR A 1 2   ? -9.349  2.893   7.279   1.00 8.54  ? 3   TYR A O   1 
ATOM   17   C CB  . TYR A 1 2   ? -11.048 2.126   10.004  1.00 7.22  ? 3   TYR A CB  1 
ATOM   18   C CG  . TYR A 1 2   ? -9.910  3.007   10.453  1.00 12.57 ? 3   TYR A CG  1 
ATOM   19   C CD1 . TYR A 1 2   ? -8.786  2.461   11.080  1.00 10.48 ? 3   TYR A CD1 1 
ATOM   20   C CD2 . TYR A 1 2   ? -9.952  4.389   10.253  1.00 7.94  ? 3   TYR A CD2 1 
ATOM   21   C CE1 . TYR A 1 2   ? -7.733  3.272   11.492  1.00 9.29  ? 3   TYR A CE1 1 
ATOM   22   C CE2 . TYR A 1 2   ? -8.908  5.199   10.658  1.00 10.02 ? 3   TYR A CE2 1 
ATOM   23   C CZ  . TYR A 1 2   ? -7.807  4.637   11.280  1.00 10.40 ? 3   TYR A CZ  1 
ATOM   24   O OH  . TYR A 1 2   ? -6.773  5.447   11.680  1.00 11.58 ? 3   TYR A OH  1 
ATOM   25   N N   . PHE A 1 3   ? -11.566 3.339   7.105   1.00 7.52  ? 4   PHE A N   1 
ATOM   26   C CA  . PHE A 1 3   ? -11.418 4.450   6.177   1.00 7.83  ? 4   PHE A CA  1 
ATOM   27   C C   . PHE A 1 3   ? -12.313 5.591   6.636   1.00 6.76  ? 4   PHE A C   1 
ATOM   28   O O   . PHE A 1 3   ? -13.458 5.366   7.013   1.00 6.52  ? 4   PHE A O   1 
ATOM   29   C CB  . PHE A 1 3   ? -11.786 3.996   4.756   1.00 7.19  ? 4   PHE A CB  1 
ATOM   30   C CG  . PHE A 1 3   ? -11.906 5.120   3.759   1.00 3.20  ? 4   PHE A CG  1 
ATOM   31   C CD1 . PHE A 1 3   ? -10.776 5.748   3.250   1.00 7.14  ? 4   PHE A CD1 1 
ATOM   32   C CD2 . PHE A 1 3   ? -13.165 5.535   3.318   1.00 5.31  ? 4   PHE A CD2 1 
ATOM   33   C CE1 . PHE A 1 3   ? -10.887 6.772   2.311   1.00 8.09  ? 4   PHE A CE1 1 
ATOM   34   C CE2 . PHE A 1 3   ? -13.289 6.565   2.386   1.00 6.10  ? 4   PHE A CE2 1 
ATOM   35   C CZ  . PHE A 1 3   ? -12.147 7.186   1.882   1.00 9.38  ? 4   PHE A CZ  1 
ATOM   36   N N   . GLU A 1 4   ? -11.773 6.808   6.618   1.00 8.09  ? 5   GLU A N   1 
ATOM   37   C CA  . GLU A 1 4   ? -12.554 8.006   6.923   1.00 9.55  ? 5   GLU A CA  1 
ATOM   38   C C   . GLU A 1 4   ? -12.849 8.762   5.623   1.00 9.03  ? 5   GLU A C   1 
ATOM   39   O O   . GLU A 1 4   ? -11.935 9.324   5.009   1.00 10.73 ? 5   GLU A O   1 
ATOM   40   C CB  . GLU A 1 4   ? -11.797 8.908   7.897   1.00 14.93 ? 5   GLU A CB  1 
ATOM   41   C CG  . GLU A 1 4   ? -11.251 8.201   9.129   1.00 14.47 ? 5   GLU A CG  1 
ATOM   42   C CD  . GLU A 1 4   ? -10.279 9.072   9.909   1.00 23.66 ? 5   GLU A CD  1 
ATOM   43   O OE1 . GLU A 1 4   ? -10.712 10.124  10.418  1.00 23.88 ? 5   GLU A OE1 1 
ATOM   44   O OE2 . GLU A 1 4   ? -9.087  8.708   10.006  1.00 26.69 ? 5   GLU A OE2 1 
ATOM   45   N N   . PRO A 1 5   ? -14.108 8.761   5.191   1.00 10.53 ? 6   PRO A N   1 
ATOM   46   C CA  . PRO A 1 5   ? -14.481 9.378   3.909   1.00 13.14 ? 6   PRO A CA  1 
ATOM   47   C C   . PRO A 1 5   ? -14.091 10.855  3.813   1.00 15.70 ? 6   PRO A C   1 
ATOM   48   O O   . PRO A 1 5   ? -14.330 11.618  4.754   1.00 17.49 ? 6   PRO A O   1 
ATOM   49   C CB  . PRO A 1 5   ? -16.006 9.211   3.872   1.00 12.10 ? 6   PRO A CB  1 
ATOM   50   C CG  . PRO A 1 5   ? -16.272 8.042   4.762   1.00 15.27 ? 6   PRO A CG  1 
ATOM   51   C CD  . PRO A 1 5   ? -15.275 8.175   5.877   1.00 11.51 ? 6   PRO A CD  1 
ATOM   52   N N   . ASN A 1 6   ? -13.480 11.234  2.692   1.00 17.48 ? 7   ASN A N   1 
ATOM   53   C CA  . ASN A 1 6   ? -13.161 12.627  2.409   1.00 18.43 ? 7   ASN A CA  1 
ATOM   54   C C   . ASN A 1 6   ? -14.376 13.279  1.771   1.00 17.19 ? 7   ASN A C   1 
ATOM   55   O O   . ASN A 1 6   ? -14.380 13.576  0.579   1.00 17.91 ? 7   ASN A O   1 
ATOM   56   C CB  . ASN A 1 6   ? -11.943 12.732  1.482   1.00 19.16 ? 7   ASN A CB  1 
ATOM   57   C CG  . ASN A 1 6   ? -10.640 12.513  2.212   1.00 22.85 ? 7   ASN A CG  1 
ATOM   58   O OD1 . ASN A 1 6   ? -10.024 11.451  2.102   1.00 29.84 ? 7   ASN A OD1 1 
ATOM   59   N ND2 . ASN A 1 6   ? -10.207 13.520  2.967   1.00 25.94 ? 7   ASN A ND2 1 
ATOM   60   N N   . THR A 1 7   ? -15.418 13.468  2.576   1.00 14.83 ? 8   THR A N   1 
ATOM   61   C CA  . THR A 1 7   ? -16.715 13.928  2.077   1.00 12.67 ? 8   THR A CA  1 
ATOM   62   C C   . THR A 1 7   ? -16.664 15.391  1.625   1.00 13.43 ? 8   THR A C   1 
ATOM   63   O O   . THR A 1 7   ? -17.256 15.752  0.600   1.00 17.46 ? 8   THR A O   1 
ATOM   64   C CB  . THR A 1 7   ? -17.805 13.683  3.153   1.00 12.65 ? 8   THR A CB  1 
ATOM   65   O OG1 . THR A 1 7   ? -17.878 12.281  3.438   1.00 13.01 ? 8   THR A OG1 1 
ATOM   66   C CG2 . THR A 1 7   ? -19.219 14.010  2.634   1.00 10.49 ? 8   THR A CG2 1 
ATOM   67   N N   . ALA A 1 8   ? -15.929 16.213  2.371   1.00 15.25 ? 9   ALA A N   1 
ATOM   68   C CA  . ALA A 1 8   ? -15.824 17.649  2.099   1.00 13.91 ? 9   ALA A CA  1 
ATOM   69   C C   . ALA A 1 8   ? -15.435 17.933  0.648   1.00 17.09 ? 9   ALA A C   1 
ATOM   70   O O   . ALA A 1 8   ? -14.608 17.229  0.067   1.00 17.06 ? 9   ALA A O   1 
ATOM   71   C CB  . ALA A 1 8   ? -14.830 18.299  3.059   1.00 15.73 ? 9   ALA A CB  1 
ATOM   72   N N   . ILE A 1 9   ? -16.051 18.960  0.065   1.00 18.50 ? 10  ILE A N   1 
ATOM   73   C CA  . ILE A 1 9   ? -15.794 19.340  -1.323  1.00 21.00 ? 10  ILE A CA  1 
ATOM   74   C C   . ILE A 1 9   ? -14.370 19.882  -1.482  1.00 22.08 ? 10  ILE A C   1 
ATOM   75   O O   . ILE A 1 9   ? -13.850 20.559  -0.593  1.00 22.06 ? 10  ILE A O   1 
ATOM   76   C CB  . ILE A 1 9   ? -16.834 20.396  -1.809  1.00 23.19 ? 10  ILE A CB  1 
ATOM   77   C CG1 . ILE A 1 9   ? -18.266 19.888  -1.607  1.00 20.48 ? 10  ILE A CG1 1 
ATOM   78   C CG2 . ILE A 1 9   ? -16.590 20.782  -3.276  1.00 26.05 ? 10  ILE A CG2 1 
ATOM   79   C CD1 . ILE A 1 9   ? -19.323 20.973  -1.728  1.00 24.56 ? 10  ILE A CD1 1 
ATOM   80   N N   . GLY A 1 10  ? -13.747 19.574  -2.615  1.00 24.36 ? 11  GLY A N   1 
ATOM   81   C CA  . GLY A 1 10  ? -12.451 20.138  -2.947  1.00 27.47 ? 11  GLY A CA  1 
ATOM   82   C C   . GLY A 1 10  ? -11.383 19.093  -3.189  1.00 27.21 ? 11  GLY A C   1 
ATOM   83   O O   . GLY A 1 10  ? -11.605 17.895  -2.976  1.00 28.77 ? 11  GLY A O   1 
ATOM   84   N N   . ALA A 1 11  ? -10.218 19.553  -3.633  1.00 23.70 ? 12  ALA A N   1 
ATOM   85   C CA  . ALA A 1 11  ? -9.108  18.660  -3.944  1.00 23.23 ? 12  ALA A CA  1 
ATOM   86   C C   . ALA A 1 11  ? -8.322  18.290  -2.684  1.00 19.94 ? 12  ALA A C   1 
ATOM   87   O O   . ALA A 1 11  ? -7.254  18.846  -2.424  1.00 20.97 ? 12  ALA A O   1 
ATOM   88   C CB  . ALA A 1 11  ? -8.196  19.295  -4.998  1.00 23.82 ? 12  ALA A CB  1 
ATOM   89   N N   . ASN A 1 12  ? -8.867  17.357  -1.903  1.00 18.36 ? 13  ASN A N   1 
ATOM   90   C CA  . ASN A 1 12  ? -8.187  16.834  -0.714  1.00 17.20 ? 13  ASN A CA  1 
ATOM   91   C C   . ASN A 1 12  ? -8.575  15.395  -0.370  1.00 14.68 ? 13  ASN A C   1 
ATOM   92   O O   . ASN A 1 12  ? -9.758  15.042  -0.391  1.00 18.40 ? 13  ASN A O   1 
ATOM   93   C CB  . ASN A 1 12  ? -8.398  17.746  0.508   1.00 19.01 ? 13  ASN A CB  1 
ATOM   94   C CG  . ASN A 1 12  ? -7.545  17.332  1.702   1.00 21.62 ? 13  ASN A CG  1 
ATOM   95   O OD1 . ASN A 1 12  ? -8.069  16.845  2.702   1.00 20.41 ? 13  ASN A OD1 1 
ATOM   96   N ND2 . ASN A 1 12  ? -6.224  17.521  1.600   1.00 12.50 ? 13  ASN A ND2 1 
ATOM   97   N N   . GLY A 1 13  ? -7.563  14.583  -0.055  1.00 14.53 ? 14  GLY A N   1 
ATOM   98   C CA  . GLY A 1 13  ? -7.738  13.187  0.320   1.00 14.47 ? 14  GLY A CA  1 
ATOM   99   C C   . GLY A 1 13  ? -8.206  12.295  -0.820  1.00 10.18 ? 14  GLY A C   1 
ATOM   100  O O   . GLY A 1 13  ? -7.936  12.579  -1.986  1.00 12.12 ? 14  GLY A O   1 
ATOM   101  N N   . TYR A 1 14  ? -8.908  11.218  -0.475  1.00 11.01 ? 15  TYR A N   1 
ATOM   102  C CA  . TYR A 1 14  ? -9.418  10.257  -1.454  1.00 10.46 ? 15  TYR A CA  1 
ATOM   103  C C   . TYR A 1 14  ? -10.594 10.824  -2.247  1.00 11.18 ? 15  TYR A C   1 
ATOM   104  O O   . TYR A 1 14  ? -11.634 11.153  -1.673  1.00 8.13  ? 15  TYR A O   1 
ATOM   105  C CB  . TYR A 1 14  ? -9.860  8.977   -0.745  1.00 10.14 ? 15  TYR A CB  1 
ATOM   106  C CG  . TYR A 1 14  ? -10.304 7.863   -1.667  1.00 3.81  ? 15  TYR A CG  1 
ATOM   107  C CD1 . TYR A 1 14  ? -9.381  6.928   -2.141  1.00 9.98  ? 15  TYR A CD1 1 
ATOM   108  C CD2 . TYR A 1 14  ? -11.639 7.723   -2.038  1.00 11.32 ? 15  TYR A CD2 1 
ATOM   109  C CE1 . TYR A 1 14  ? -9.771  5.901   -2.967  1.00 11.27 ? 15  TYR A CE1 1 
ATOM   110  C CE2 . TYR A 1 14  ? -12.044 6.694   -2.872  1.00 13.91 ? 15  TYR A CE2 1 
ATOM   111  C CZ  . TYR A 1 14  ? -11.095 5.784   -3.329  1.00 9.20  ? 15  TYR A CZ  1 
ATOM   112  O OH  . TYR A 1 14  ? -11.466 4.753   -4.148  1.00 15.85 ? 15  TYR A OH  1 
ATOM   113  N N   . LYS A 1 15  ? -10.436 10.907  -3.566  1.00 8.96  ? 16  LYS A N   1 
ATOM   114  C CA  . LYS A 1 15  ? -11.463 11.499  -4.424  1.00 10.22 ? 16  LYS A CA  1 
ATOM   115  C C   . LYS A 1 15  ? -11.716 10.655  -5.670  1.00 9.87  ? 16  LYS A C   1 
ATOM   116  O O   . LYS A 1 15  ? -10.770 10.162  -6.286  1.00 11.90 ? 16  LYS A O   1 
ATOM   117  C CB  . LYS A 1 15  ? -11.059 12.921  -4.838  1.00 12.81 ? 16  LYS A CB  1 
ATOM   118  C CG  . LYS A 1 15  ? -11.245 13.991  -3.750  1.00 12.81 ? 16  LYS A CG  1 
ATOM   119  C CD  . LYS A 1 15  ? -12.724 14.320  -3.546  1.00 22.54 ? 16  LYS A CD  1 
ATOM   120  C CE  . LYS A 1 15  ? -12.985 14.913  -2.173  1.00 22.53 ? 16  LYS A CE  1 
ATOM   121  N NZ  . LYS A 1 15  ? -14.446 15.094  -1.929  1.00 22.21 ? 16  LYS A NZ  1 
ATOM   122  N N   . ILE A 1 16  ? -12.992 10.487  -6.030  1.00 10.04 ? 17  ILE A N   1 
ATOM   123  C CA  . ILE A 1 16  ? -13.351 9.809   -7.280  1.00 8.66  ? 17  ILE A CA  1 
ATOM   124  C C   . ILE A 1 16  ? -13.634 10.859  -8.352  1.00 9.75  ? 17  ILE A C   1 
ATOM   125  O O   . ILE A 1 16  ? -14.470 11.743  -8.153  1.00 10.14 ? 17  ILE A O   1 
ATOM   126  C CB  . ILE A 1 16  ? -14.561 8.842   -7.102  1.00 9.49  ? 17  ILE A CB  1 
ATOM   127  C CG1 . ILE A 1 16  ? -14.270 7.805   -6.011  1.00 14.52 ? 17  ILE A CG1 1 
ATOM   128  C CG2 . ILE A 1 16  ? -14.898 8.152   -8.443  1.00 11.47 ? 17  ILE A CG2 1 
ATOM   129  C CD1 . ILE A 1 16  ? -15.518 7.169   -5.396  1.00 14.72 ? 17  ILE A CD1 1 
ATOM   130  N N   . ILE A 1 17  ? -12.903 10.770  -9.465  1.00 7.47  ? 18  ILE A N   1 
ATOM   131  C CA  . ILE A 1 17  ? -13.080 11.682  -10.602 1.00 10.71 ? 18  ILE A CA  1 
ATOM   132  C C   . ILE A 1 17  ? -13.196 10.849  -11.863 1.00 7.99  ? 18  ILE A C   1 
ATOM   133  O O   . ILE A 1 17  ? -12.281 10.098  -12.203 1.00 9.60  ? 18  ILE A O   1 
ATOM   134  C CB  . ILE A 1 17  ? -11.901 12.686  -10.733 1.00 11.52 ? 18  ILE A CB  1 
ATOM   135  C CG1 . ILE A 1 17  ? -11.758 13.536  -9.466  1.00 14.68 ? 18  ILE A CG1 1 
ATOM   136  C CG2 . ILE A 1 17  ? -12.104 13.598  -11.944 1.00 13.08 ? 18  ILE A CG2 1 
ATOM   137  C CD1 . ILE A 1 17  ? -10.398 14.210  -9.323  1.00 12.87 ? 18  ILE A CD1 1 
ATOM   138  N N   . ASP A 1 18  ? -14.332 10.982  -12.546 1.00 12.54 ? 19  ASP A N   1 
ATOM   139  C CA  . ASP A 1 18  ? -14.592 10.255  -13.789 1.00 12.60 ? 19  ASP A CA  1 
ATOM   140  C C   . ASP A 1 18  ? -14.324 8.747   -13.653 1.00 12.95 ? 19  ASP A C   1 
ATOM   141  O O   . ASP A 1 18  ? -13.644 8.149   -14.492 1.00 12.27 ? 19  ASP A O   1 
ATOM   142  C CB  . ASP A 1 18  ? -13.758 10.856  -14.926 1.00 14.69 ? 19  ASP A CB  1 
ATOM   143  C CG  . ASP A 1 18  ? -14.186 10.360  -16.298 1.00 20.82 ? 19  ASP A CG  1 
ATOM   144  O OD1 . ASP A 1 18  ? -15.403 10.302  -16.568 1.00 16.76 ? 19  ASP A OD1 1 
ATOM   145  O OD2 . ASP A 1 18  ? -13.363 10.007  -17.167 1.00 18.67 ? 19  ASP A OD2 1 
ATOM   146  N N   . ASN A 1 19  ? -14.863 8.155   -12.586 1.00 13.04 ? 20  ASN A N   1 
ATOM   147  C CA  . ASN A 1 19  ? -14.745 6.717   -12.312 1.00 16.98 ? 20  ASN A CA  1 
ATOM   148  C C   . ASN A 1 19  ? -13.310 6.238   -12.060 1.00 14.27 ? 20  ASN A C   1 
ATOM   149  O O   . ASN A 1 19  ? -13.012 5.046   -12.160 1.00 16.48 ? 20  ASN A O   1 
ATOM   150  C CB  . ASN A 1 19  ? -15.423 5.878   -13.412 1.00 17.15 ? 20  ASN A CB  1 
ATOM   151  C CG  . ASN A 1 19  ? -16.900 6.206   -13.577 1.00 26.53 ? 20  ASN A CG  1 
ATOM   152  O OD1 . ASN A 1 19  ? -17.655 6.247   -12.602 1.00 32.29 ? 20  ASN A OD1 1 
ATOM   153  N ND2 . ASN A 1 19  ? -17.319 6.436   -14.819 1.00 31.28 ? 20  ASN A ND2 1 
ATOM   154  N N   . LYS A 1 20  ? -12.432 7.178   -11.732 1.00 9.35  ? 21  LYS A N   1 
ATOM   155  C CA  . LYS A 1 20  ? -11.048 6.869   -11.369 1.00 6.66  ? 21  LYS A CA  1 
ATOM   156  C C   . LYS A 1 20  ? -10.762 7.441   -9.990  1.00 8.53  ? 21  LYS A C   1 
ATOM   157  O O   . LYS A 1 20  ? -11.362 8.438   -9.591  1.00 10.26 ? 21  LYS A O   1 
ATOM   158  C CB  . LYS A 1 20  ? -10.068 7.468   -12.379 1.00 9.71  ? 21  LYS A CB  1 
ATOM   159  C CG  . LYS A 1 20  ? -10.106 6.832   -13.759 1.00 9.65  ? 21  LYS A CG  1 
ATOM   160  C CD  . LYS A 1 20  ? -9.395  7.723   -14.770 1.00 14.22 ? 21  LYS A CD  1 
ATOM   161  C CE  . LYS A 1 20  ? -10.284 8.883   -15.187 1.00 18.26 ? 21  LYS A CE  1 
ATOM   162  N NZ  . LYS A 1 20  ? -11.199 8.480   -16.289 1.00 24.60 ? 21  LYS A NZ  1 
ATOM   163  N N   . ASN A 1 21  ? -9.844  6.814   -9.262  1.00 8.55  ? 22  ASN A N   1 
ATOM   164  C CA  . ASN A 1 21  ? -9.535  7.243   -7.904  1.00 7.83  ? 22  ASN A CA  1 
ATOM   165  C C   . ASN A 1 21  ? -8.227  8.005   -7.849  1.00 8.60  ? 22  ASN A C   1 
ATOM   166  O O   . ASN A 1 21  ? -7.227  7.577   -8.432  1.00 9.46  ? 22  ASN A O   1 
ATOM   167  C CB  . ASN A 1 21  ? -9.475  6.042   -6.953  1.00 6.19  ? 22  ASN A CB  1 
ATOM   168  C CG  . ASN A 1 21  ? -10.682 5.125   -7.082  1.00 11.27 ? 22  ASN A CG  1 
ATOM   169  O OD1 . ASN A 1 21  ? -11.792 5.568   -7.383  1.00 11.36 ? 22  ASN A OD1 1 
ATOM   170  N ND2 . ASN A 1 21  ? -10.466 3.834   -6.856  1.00 15.08 ? 22  ASN A ND2 1 
ATOM   171  N N   . PHE A 1 22  ? -8.247  9.127   -7.131  1.00 6.38  ? 23  PHE A N   1 
ATOM   172  C CA  . PHE A 1 22  ? -7.059  9.940   -6.897  1.00 7.78  ? 23  PHE A CA  1 
ATOM   173  C C   . PHE A 1 22  ? -6.941  10.279  -5.418  1.00 5.44  ? 23  PHE A C   1 
ATOM   174  O O   . PHE A 1 22  ? -7.922  10.206  -4.665  1.00 6.80  ? 23  PHE A O   1 
ATOM   175  C CB  . PHE A 1 22  ? -7.095  11.231  -7.740  1.00 6.20  ? 23  PHE A CB  1 
ATOM   176  C CG  . PHE A 1 22  ? -7.097  10.982  -9.219  1.00 8.62  ? 23  PHE A CG  1 
ATOM   177  C CD1 . PHE A 1 22  ? -5.901  10.802  -9.910  1.00 9.70  ? 23  PHE A CD1 1 
ATOM   178  C CD2 . PHE A 1 22  ? -8.296  10.912  -9.922  1.00 11.18 ? 23  PHE A CD2 1 
ATOM   179  C CE1 . PHE A 1 22  ? -5.899  10.560  -11.281 1.00 12.85 ? 23  PHE A CE1 1 
ATOM   180  C CE2 . PHE A 1 22  ? -8.306  10.671  -11.293 1.00 10.47 ? 23  PHE A CE2 1 
ATOM   181  C CZ  . PHE A 1 22  ? -7.109  10.496  -11.971 1.00 11.46 ? 23  PHE A CZ  1 
ATOM   182  N N   . TYR A 1 23  ? -5.732  10.642  -5.012  1.00 6.21  ? 24  TYR A N   1 
ATOM   183  C CA  . TYR A 1 23  ? -5.460  11.035  -3.637  1.00 7.03  ? 24  TYR A CA  1 
ATOM   184  C C   . TYR A 1 23  ? -4.771  12.394  -3.601  1.00 7.12  ? 24  TYR A C   1 
ATOM   185  O O   . TYR A 1 23  ? -3.664  12.554  -4.136  1.00 7.32  ? 24  TYR A O   1 
ATOM   186  C CB  . TYR A 1 23  ? -4.620  9.979   -2.925  1.00 5.40  ? 24  TYR A CB  1 
ATOM   187  C CG  . TYR A 1 23  ? -4.601  10.178  -1.428  1.00 7.43  ? 24  TYR A CG  1 
ATOM   188  C CD1 . TYR A 1 23  ? -5.607  9.641   -0.617  1.00 12.88 ? 24  TYR A CD1 1 
ATOM   189  C CD2 . TYR A 1 23  ? -3.602  10.938  -0.825  1.00 11.32 ? 24  TYR A CD2 1 
ATOM   190  C CE1 . TYR A 1 23  ? -5.591  9.840   0.767   1.00 13.54 ? 24  TYR A CE1 1 
ATOM   191  C CE2 . TYR A 1 23  ? -3.582  11.141  0.551   1.00 16.18 ? 24  TYR A CE2 1 
ATOM   192  C CZ  . TYR A 1 23  ? -4.576  10.591  1.336   1.00 17.92 ? 24  TYR A CZ  1 
ATOM   193  O OH  . TYR A 1 23  ? -4.547  10.800  2.703   1.00 24.58 ? 24  TYR A OH  1 
ATOM   194  N N   . PHE A 1 24  ? -5.430  13.368  -2.976  1.00 6.93  ? 25  PHE A N   1 
ATOM   195  C CA  . PHE A 1 24  ? -4.951  14.749  -2.998  1.00 9.08  ? 25  PHE A CA  1 
ATOM   196  C C   . PHE A 1 24  ? -4.297  15.193  -1.688  1.00 8.36  ? 25  PHE A C   1 
ATOM   197  O O   . PHE A 1 24  ? -4.791  14.889  -0.597  1.00 8.39  ? 25  PHE A O   1 
ATOM   198  C CB  . PHE A 1 24  ? -6.091  15.708  -3.354  1.00 10.43 ? 25  PHE A CB  1 
ATOM   199  C CG  . PHE A 1 24  ? -6.524  15.643  -4.797  1.00 10.53 ? 25  PHE A CG  1 
ATOM   200  C CD1 . PHE A 1 24  ? -7.474  14.718  -5.210  1.00 12.13 ? 25  PHE A CD1 1 
ATOM   201  C CD2 . PHE A 1 24  ? -5.992  16.520  -5.738  1.00 16.69 ? 25  PHE A CD2 1 
ATOM   202  C CE1 . PHE A 1 24  ? -7.879  14.657  -6.541  1.00 15.57 ? 25  PHE A CE1 1 
ATOM   203  C CE2 . PHE A 1 24  ? -6.401  16.467  -7.077  1.00 12.66 ? 25  PHE A CE2 1 
ATOM   204  C CZ  . PHE A 1 24  ? -7.341  15.533  -7.472  1.00 11.48 ? 25  PHE A CZ  1 
ATOM   205  N N   . ARG A 1 25  ? -3.171  15.894  -1.822  1.00 8.99  ? 26  ARG A N   1 
ATOM   206  C CA  . ARG A 1 25  ? -2.519  16.589  -0.716  1.00 13.41 ? 26  ARG A CA  1 
ATOM   207  C C   . ARG A 1 25  ? -1.988  17.924  -1.241  1.00 14.31 ? 26  ARG A C   1 
ATOM   208  O O   . ARG A 1 25  ? -1.489  17.991  -2.362  1.00 12.30 ? 26  ARG A O   1 
ATOM   209  C CB  . ARG A 1 25  ? -1.379  15.751  -0.143  1.00 14.70 ? 26  ARG A CB  1 
ATOM   210  C CG  . ARG A 1 25  ? -0.964  16.159  1.269   1.00 22.44 ? 26  ARG A CG  1 
ATOM   211  C CD  . ARG A 1 25  ? 0.331   15.514  1.772   1.00 34.72 ? 26  ARG A CD  1 
ATOM   212  N NE  . ARG A 1 25  ? 0.346   14.058  1.614   1.00 46.48 ? 26  ARG A NE  1 
ATOM   213  C CZ  . ARG A 1 25  ? -0.246  13.192  2.438   1.00 52.38 ? 26  ARG A CZ  1 
ATOM   214  N NH1 . ARG A 1 25  ? -0.920  13.617  3.500   1.00 58.50 ? 26  ARG A NH1 1 
ATOM   215  N NH2 . ARG A 1 25  ? -0.163  11.891  2.197   1.00 52.75 ? 26  ARG A NH2 1 
ATOM   216  N N   . ASN A 1 26  ? -2.097  18.986  -0.441  1.00 17.51 ? 27  ASN A N   1 
ATOM   217  C CA  . ASN A 1 26  ? -1.713  20.328  -0.897  1.00 16.24 ? 27  ASN A CA  1 
ATOM   218  C C   . ASN A 1 26  ? -2.536  20.764  -2.119  1.00 14.93 ? 27  ASN A C   1 
ATOM   219  O O   . ASN A 1 26  ? -2.078  21.576  -2.927  1.00 14.05 ? 27  ASN A O   1 
ATOM   220  C CB  . ASN A 1 26  ? -0.213  20.392  -1.258  1.00 21.35 ? 27  ASN A CB  1 
ATOM   221  C CG  . ASN A 1 26  ? 0.703   20.179  -0.062  1.00 24.61 ? 27  ASN A CG  1 
ATOM   222  O OD1 . ASN A 1 26  ? 0.570   20.838  0.968   1.00 28.13 ? 27  ASN A OD1 1 
ATOM   223  N ND2 . ASN A 1 26  ? 1.657   19.262  -0.206  1.00 25.31 ? 27  ASN A ND2 1 
ATOM   224  N N   . GLY A 1 27  ? -3.738  20.207  -2.255  1.00 12.56 ? 28  GLY A N   1 
ATOM   225  C CA  . GLY A 1 27  ? -4.588  20.460  -3.407  1.00 14.33 ? 28  GLY A CA  1 
ATOM   226  C C   . GLY A 1 27  ? -4.144  19.784  -4.693  1.00 11.22 ? 28  GLY A C   1 
ATOM   227  O O   . GLY A 1 27  ? -4.703  20.058  -5.750  1.00 11.90 ? 28  GLY A O   1 
ATOM   228  N N   . LEU A 1 28  ? -3.153  18.891  -4.607  1.00 11.65 ? 29  LEU A N   1 
ATOM   229  C CA  . LEU A 1 28  ? -2.566  18.251  -5.790  1.00 8.06  ? 29  LEU A CA  1 
ATOM   230  C C   . LEU A 1 28  ? -2.575  16.717  -5.695  1.00 8.83  ? 29  LEU A C   1 
ATOM   231  O O   . LEU A 1 28  ? -2.453  16.176  -4.600  1.00 9.40  ? 29  LEU A O   1 
ATOM   232  C CB  . LEU A 1 28  ? -1.128  18.749  -5.995  1.00 9.35  ? 29  LEU A CB  1 
ATOM   233  C CG  . LEU A 1 28  ? -0.947  20.249  -6.274  1.00 9.46  ? 29  LEU A CG  1 
ATOM   234  C CD1 . LEU A 1 28  ? 0.506   20.650  -6.157  1.00 13.71 ? 29  LEU A CD1 1 
ATOM   235  C CD2 . LEU A 1 28  ? -1.513  20.625  -7.640  1.00 7.76  ? 29  LEU A CD2 1 
ATOM   236  N N   . PRO A 1 29  ? -2.729  16.027  -6.832  1.00 7.81  ? 30  PRO A N   1 
ATOM   237  C CA  . PRO A 1 29  ? -2.740  14.557  -6.848  1.00 8.88  ? 30  PRO A CA  1 
ATOM   238  C C   . PRO A 1 29  ? -1.378  13.983  -6.464  1.00 9.63  ? 30  PRO A C   1 
ATOM   239  O O   . PRO A 1 29  ? -0.335  14.555  -6.803  1.00 7.60  ? 30  PRO A O   1 
ATOM   240  C CB  . PRO A 1 29  ? -3.102  14.217  -8.299  1.00 9.01  ? 30  PRO A CB  1 
ATOM   241  C CG  . PRO A 1 29  ? -2.679  15.397  -9.088  1.00 12.41 ? 30  PRO A CG  1 
ATOM   242  C CD  . PRO A 1 29  ? -2.897  16.591  -8.187  1.00 11.30 ? 30  PRO A CD  1 
ATOM   243  N N   . GLN A 1 30  ? -1.398  12.866  -5.745  1.00 6.67  ? 31  GLN A N   1 
ATOM   244  C CA  . GLN A 1 30  ? -0.188  12.278  -5.195  1.00 6.90  ? 31  GLN A CA  1 
ATOM   245  C C   . GLN A 1 30  ? -0.016  10.861  -5.695  1.00 7.82  ? 31  GLN A C   1 
ATOM   246  O O   . GLN A 1 30  ? -0.998  10.144  -5.887  1.00 8.89  ? 31  GLN A O   1 
ATOM   247  C CB  . GLN A 1 30  ? -0.262  12.242  -3.665  1.00 8.50  ? 31  GLN A CB  1 
ATOM   248  C CG  . GLN A 1 30  ? -0.473  13.606  -3.016  1.00 8.50  ? 31  GLN A CG  1 
ATOM   249  C CD  . GLN A 1 30  ? 0.756   14.472  -3.105  1.00 13.78 ? 31  GLN A CD  1 
ATOM   250  O OE1 . GLN A 1 30  ? 1.846   14.050  -2.717  1.00 16.19 ? 31  GLN A OE1 1 
ATOM   251  N NE2 . GLN A 1 30  ? 0.589   15.690  -3.604  1.00 10.87 ? 31  GLN A NE2 1 
ATOM   252  N N   . ILE A 1 31  ? 1.235   10.470  -5.910  1.00 8.39  ? 32  ILE A N   1 
ATOM   253  C CA  . ILE A 1 31  ? 1.576   9.065   -6.118  1.00 6.00  ? 32  ILE A CA  1 
ATOM   254  C C   . ILE A 1 31  ? 1.922   8.455   -4.758  1.00 8.32  ? 32  ILE A C   1 
ATOM   255  O O   . ILE A 1 31  ? 2.618   9.073   -3.945  1.00 6.28  ? 32  ILE A O   1 
ATOM   256  C CB  . ILE A 1 31  ? 2.740   8.925   -7.129  1.00 6.90  ? 32  ILE A CB  1 
ATOM   257  C CG1 . ILE A 1 31  ? 2.221   9.110   -8.567  1.00 8.89  ? 32  ILE A CG1 1 
ATOM   258  C CG2 . ILE A 1 31  ? 3.440   7.575   -6.983  1.00 7.42  ? 32  ILE A CG2 1 
ATOM   259  C CD1 . ILE A 1 31  ? 3.293   9.559   -9.569  1.00 15.04 ? 32  ILE A CD1 1 
ATOM   260  N N   . GLY A 1 32  ? 1.414   7.256   -4.499  1.00 6.00  ? 33  GLY A N   1 
ATOM   261  C CA  . GLY A 1 32  ? 1.708   6.573   -3.248  1.00 6.52  ? 33  GLY A CA  1 
ATOM   262  C C   . GLY A 1 32  ? 0.708   5.480   -2.954  1.00 5.34  ? 33  GLY A C   1 
ATOM   263  O O   . GLY A 1 32  ? -0.145  5.178   -3.786  1.00 5.41  ? 33  GLY A O   1 
ATOM   264  N N   . VAL A 1 33  ? 0.829   4.874   -1.777  1.00 4.72  ? 34  VAL A N   1 
ATOM   265  C CA  . VAL A 1 33  ? -0.120  3.862   -1.320  1.00 4.53  ? 34  VAL A CA  1 
ATOM   266  C C   . VAL A 1 33  ? -0.940  4.504   -0.208  1.00 8.56  ? 34  VAL A C   1 
ATOM   267  O O   . VAL A 1 33  ? -0.426  4.770   0.884   1.00 9.38  ? 34  VAL A O   1 
ATOM   268  C CB  . VAL A 1 33  ? 0.587   2.559   -0.845  1.00 4.75  ? 34  VAL A CB  1 
ATOM   269  C CG1 . VAL A 1 33  ? -0.426  1.519   -0.377  1.00 5.31  ? 34  VAL A CG1 1 
ATOM   270  C CG2 . VAL A 1 33  ? 1.440   1.975   -1.975  1.00 4.90  ? 34  VAL A CG2 1 
ATOM   271  N N   . PHE A 1 34  ? -2.203  4.782   -0.509  1.00 7.54  ? 35  PHE A N   1 
ATOM   272  C CA  . PHE A 1 34  ? -3.088  5.484   0.420   1.00 8.49  ? 35  PHE A CA  1 
ATOM   273  C C   . PHE A 1 34  ? -4.406  4.761   0.626   1.00 9.54  ? 35  PHE A C   1 
ATOM   274  O O   . PHE A 1 34  ? -4.878  4.030   -0.253  1.00 5.62  ? 35  PHE A O   1 
ATOM   275  C CB  . PHE A 1 34  ? -3.375  6.904   -0.077  1.00 10.61 ? 35  PHE A CB  1 
ATOM   276  C CG  . PHE A 1 34  ? -2.148  7.729   -0.350  1.00 12.90 ? 35  PHE A CG  1 
ATOM   277  C CD1 . PHE A 1 34  ? -1.351  8.190   0.695   1.00 14.55 ? 35  PHE A CD1 1 
ATOM   278  C CD2 . PHE A 1 34  ? -1.804  8.070   -1.659  1.00 10.92 ? 35  PHE A CD2 1 
ATOM   279  C CE1 . PHE A 1 34  ? -0.225  8.973   0.441   1.00 14.21 ? 35  PHE A CE1 1 
ATOM   280  C CE2 . PHE A 1 34  ? -0.682  8.853   -1.921  1.00 14.72 ? 35  PHE A CE2 1 
ATOM   281  C CZ  . PHE A 1 34  ? 0.110   9.303   -0.867  1.00 14.05 ? 35  PHE A CZ  1 
ATOM   282  N N   . LYS A 1 35  ? -5.013  5.000   1.787   1.00 8.32  ? 36  LYS A N   1 
ATOM   283  C CA  . LYS A 1 35  ? -6.265  4.356   2.172   1.00 7.56  ? 36  LYS A CA  1 
ATOM   284  C C   . LYS A 1 35  ? -7.456  4.791   1.323   1.00 7.67  ? 36  LYS A C   1 
ATOM   285  O O   . LYS A 1 35  ? -7.737  5.983   1.199   1.00 7.78  ? 36  LYS A O   1 
ATOM   286  C CB  . LYS A 1 35  ? -6.587  4.683   3.625   1.00 6.45  ? 36  LYS A CB  1 
ATOM   287  C CG  . LYS A 1 35  ? -5.860  3.863   4.660   1.00 11.60 ? 36  LYS A CG  1 
ATOM   288  C CD  . LYS A 1 35  ? -6.539  4.091   5.990   1.00 13.31 ? 36  LYS A CD  1 
ATOM   289  C CE  . LYS A 1 35  ? -5.909  3.296   7.095   1.00 17.58 ? 36  LYS A CE  1 
ATOM   290  N NZ  . LYS A 1 35  ? -6.625  3.590   8.363   1.00 13.04 ? 36  LYS A NZ  1 
ATOM   291  N N   . GLY A 1 36  ? -8.154  3.804   0.767   1.00 9.25  ? 37  GLY A N   1 
ATOM   292  C CA  . GLY A 1 36  ? -9.447  4.000   0.146   1.00 8.38  ? 37  GLY A CA  1 
ATOM   293  C C   . GLY A 1 36  ? -10.529 3.266   0.923   1.00 9.86  ? 37  GLY A C   1 
ATOM   294  O O   . GLY A 1 36  ? -10.232 2.622   1.938   1.00 7.91  ? 37  GLY A O   1 
ATOM   295  N N   . PRO A 1 37  ? -11.778 3.345   0.458   1.00 8.00  ? 38  PRO A N   1 
ATOM   296  C CA  . PRO A 1 37  ? -12.914 2.731   1.166   1.00 8.18  ? 38  PRO A CA  1 
ATOM   297  C C   . PRO A 1 37  ? -12.755 1.226   1.397   1.00 10.48 ? 38  PRO A C   1 
ATOM   298  O O   . PRO A 1 37  ? -13.205 0.725   2.432   1.00 12.01 ? 38  PRO A O   1 
ATOM   299  C CB  . PRO A 1 37  ? -14.103 3.017   0.241   1.00 9.25  ? 38  PRO A CB  1 
ATOM   300  C CG  . PRO A 1 37  ? -13.689 4.215   -0.543  1.00 11.05 ? 38  PRO A CG  1 
ATOM   301  C CD  . PRO A 1 37  ? -12.204 4.027   -0.775  1.00 7.75  ? 38  PRO A CD  1 
ATOM   302  N N   . ASN A 1 38  ? -12.106 0.526   0.471   1.00 9.26  ? 39  ASN A N   1 
ATOM   303  C CA  . ASN A 1 38  ? -11.985 -0.925  0.579   1.00 11.14 ? 39  ASN A CA  1 
ATOM   304  C C   . ASN A 1 38  ? -10.551 -1.427  0.604   1.00 10.96 ? 39  ASN A C   1 
ATOM   305  O O   . ASN A 1 38  ? -10.267 -2.548  0.175   1.00 12.23 ? 39  ASN A O   1 
ATOM   306  C CB  . ASN A 1 38  ? -12.786 -1.612  -0.528  1.00 15.44 ? 39  ASN A CB  1 
ATOM   307  C CG  . ASN A 1 38  ? -14.269 -1.307  -0.442  1.00 14.56 ? 39  ASN A CG  1 
ATOM   308  O OD1 . ASN A 1 38  ? -14.789 -0.520  -1.224  1.00 18.44 ? 39  ASN A OD1 1 
ATOM   309  N ND2 . ASN A 1 38  ? -14.950 -1.922  0.522   1.00 19.96 ? 39  ASN A ND2 1 
ATOM   310  N N   . GLY A 1 39  ? -9.659  -0.596  1.128   1.00 8.54  ? 40  GLY A N   1 
ATOM   311  C CA  . GLY A 1 39  ? -8.264  -0.961  1.252   1.00 7.29  ? 40  GLY A CA  1 
ATOM   312  C C   . GLY A 1 39  ? -7.301  0.080   0.723   1.00 8.01  ? 40  GLY A C   1 
ATOM   313  O O   . GLY A 1 39  ? -7.692  1.049   0.074   1.00 6.53  ? 40  GLY A O   1 
ATOM   314  N N   . PHE A 1 40  ? -6.024  -0.124  1.023   1.00 6.54  ? 41  PHE A N   1 
ATOM   315  C CA  . PHE A 1 40  ? -4.957  0.700   0.460   1.00 4.91  ? 41  PHE A CA  1 
ATOM   316  C C   . PHE A 1 40  ? -4.858  0.477   -1.047  1.00 5.04  ? 41  PHE A C   1 
ATOM   317  O O   . PHE A 1 40  ? -4.702  -0.661  -1.496  1.00 7.48  ? 41  PHE A O   1 
ATOM   318  C CB  . PHE A 1 40  ? -3.627  0.294   1.084   1.00 5.60  ? 41  PHE A CB  1 
ATOM   319  C CG  . PHE A 1 40  ? -3.494  0.633   2.543   1.00 4.94  ? 41  PHE A CG  1 
ATOM   320  C CD1 . PHE A 1 40  ? -2.987  1.869   2.937   1.00 11.23 ? 41  PHE A CD1 1 
ATOM   321  C CD2 . PHE A 1 40  ? -3.822  -0.300  3.520   1.00 5.64  ? 41  PHE A CD2 1 
ATOM   322  C CE1 . PHE A 1 40  ? -2.831  2.179   4.291   1.00 10.26 ? 41  PHE A CE1 1 
ATOM   323  C CE2 . PHE A 1 40  ? -3.669  -0.002  4.877   1.00 8.59  ? 41  PHE A CE2 1 
ATOM   324  C CZ  . PHE A 1 40  ? -3.174  1.238   5.261   1.00 9.37  ? 41  PHE A CZ  1 
ATOM   325  N N   . GLU A 1 41  ? -4.918  1.565   -1.811  1.00 4.19  ? 42  GLU A N   1 
ATOM   326  C CA  . GLU A 1 41  ? -4.827  1.515   -3.271  1.00 4.91  ? 42  GLU A CA  1 
ATOM   327  C C   . GLU A 1 41  ? -3.484  2.065   -3.749  1.00 4.18  ? 42  GLU A C   1 
ATOM   328  O O   . GLU A 1 41  ? -2.833  2.847   -3.044  1.00 5.78  ? 42  GLU A O   1 
ATOM   329  C CB  . GLU A 1 41  ? -5.989  2.292   -3.899  1.00 7.50  ? 42  GLU A CB  1 
ATOM   330  C CG  . GLU A 1 41  ? -7.368  1.795   -3.455  1.00 4.61  ? 42  GLU A CG  1 
ATOM   331  C CD  . GLU A 1 41  ? -8.524  2.440   -4.212  1.00 13.44 ? 42  GLU A CD  1 
ATOM   332  O OE1 . GLU A 1 41  ? -8.351  2.812   -5.390  1.00 14.67 ? 42  GLU A OE1 1 
ATOM   333  O OE2 . GLU A 1 41  ? -9.616  2.574   -3.629  1.00 7.81  ? 42  GLU A OE2 1 
ATOM   334  N N   . TYR A 1 42  ? -3.062  1.650   -4.942  1.00 3.24  ? 43  TYR A N   1 
ATOM   335  C CA  . TYR A 1 42  ? -1.810  2.146   -5.508  1.00 4.52  ? 43  TYR A CA  1 
ATOM   336  C C   . TYR A 1 42  ? -2.113  3.254   -6.496  1.00 2.24  ? 43  TYR A C   1 
ATOM   337  O O   . TYR A 1 42  ? -2.576  3.009   -7.616  1.00 6.48  ? 43  TYR A O   1 
ATOM   338  C CB  . TYR A 1 42  ? -1.013  1.012   -6.172  1.00 3.31  ? 43  TYR A CB  1 
ATOM   339  C CG  . TYR A 1 42  ? 0.326   1.416   -6.784  1.00 5.94  ? 43  TYR A CG  1 
ATOM   340  C CD1 . TYR A 1 42  ? 0.979   2.596   -6.407  1.00 8.72  ? 43  TYR A CD1 1 
ATOM   341  C CD2 . TYR A 1 42  ? 0.940   0.605   -7.735  1.00 8.67  ? 43  TYR A CD2 1 
ATOM   342  C CE1 . TYR A 1 42  ? 2.208   2.958   -6.984  1.00 6.42  ? 43  TYR A CE1 1 
ATOM   343  C CE2 . TYR A 1 42  ? 2.166   0.959   -8.315  1.00 8.58  ? 43  TYR A CE2 1 
ATOM   344  C CZ  . TYR A 1 42  ? 2.790   2.129   -7.927  1.00 9.81  ? 43  TYR A CZ  1 
ATOM   345  O OH  . TYR A 1 42  ? 4.007   2.468   -8.485  1.00 12.36 ? 43  TYR A OH  1 
ATOM   346  N N   . PHE A 1 43  ? -1.864  4.478   -6.049  1.00 3.79  ? 44  PHE A N   1 
ATOM   347  C CA  . PHE A 1 43  ? -1.994  5.656   -6.892  1.00 5.92  ? 44  PHE A CA  1 
ATOM   348  C C   . PHE A 1 43  ? -0.655  5.825   -7.604  1.00 5.04  ? 44  PHE A C   1 
ATOM   349  O O   . PHE A 1 43  ? 0.338   6.246   -7.010  1.00 6.84  ? 44  PHE A O   1 
ATOM   350  C CB  . PHE A 1 43  ? -2.381  6.857   -6.029  1.00 3.86  ? 44  PHE A CB  1 
ATOM   351  C CG  . PHE A 1 43  ? -3.673  6.658   -5.274  1.00 5.68  ? 44  PHE A CG  1 
ATOM   352  C CD1 . PHE A 1 43  ? -3.689  6.008   -4.036  1.00 4.80  ? 44  PHE A CD1 1 
ATOM   353  C CD2 . PHE A 1 43  ? -4.879  7.105   -5.808  1.00 3.55  ? 44  PHE A CD2 1 
ATOM   354  C CE1 . PHE A 1 43  ? -4.892  5.818   -3.342  1.00 5.48  ? 44  PHE A CE1 1 
ATOM   355  C CE2 . PHE A 1 43  ? -6.080  6.918   -5.124  1.00 8.19  ? 44  PHE A CE2 1 
ATOM   356  C CZ  . PHE A 1 43  ? -6.085  6.272   -3.891  1.00 4.46  ? 44  PHE A CZ  1 
ATOM   357  N N   . ALA A 1 44  ? -0.646  5.477   -8.887  1.00 7.34  ? 45  ALA A N   1 
ATOM   358  C CA  . ALA A 1 44  ? 0.580   5.045   -9.554  1.00 8.46  ? 45  ALA A CA  1 
ATOM   359  C C   . ALA A 1 44  ? 1.158   6.010   -10.583 1.00 9.36  ? 45  ALA A C   1 
ATOM   360  O O   . ALA A 1 44  ? 0.424   6.821   -11.150 1.00 8.16  ? 45  ALA A O   1 
ATOM   361  C CB  . ALA A 1 44  ? 0.349   3.671   -10.194 1.00 7.98  ? 45  ALA A CB  1 
ATOM   362  N N   . PRO A 1 45  ? 2.470   5.904   -10.838 1.00 12.75 ? 46  PRO A N   1 
ATOM   363  C CA  . PRO A 1 45  ? 3.101   6.614   -11.957 1.00 14.21 ? 46  PRO A CA  1 
ATOM   364  C C   . PRO A 1 45  ? 2.369   6.296   -13.251 1.00 13.53 ? 46  PRO A C   1 
ATOM   365  O O   . PRO A 1 45  ? 1.841   5.189   -13.395 1.00 12.98 ? 46  PRO A O   1 
ATOM   366  C CB  . PRO A 1 45  ? 4.512   6.014   -12.007 1.00 13.47 ? 46  PRO A CB  1 
ATOM   367  C CG  . PRO A 1 45  ? 4.780   5.543   -10.623 1.00 12.43 ? 46  PRO A CG  1 
ATOM   368  C CD  . PRO A 1 45  ? 3.452   5.105   -10.078 1.00 11.16 ? 46  PRO A CD  1 
ATOM   369  N N   . ALA A 1 46  ? 2.329   7.254   -14.172 1.00 12.99 ? 47  ALA A N   1 
ATOM   370  C CA  . ALA A 1 46  ? 1.657   7.051   -15.450 1.00 14.51 ? 47  ALA A CA  1 
ATOM   371  C C   . ALA A 1 46  ? 2.163   5.789   -16.149 1.00 14.81 ? 47  ALA A C   1 
ATOM   372  O O   . ALA A 1 46  ? 3.326   5.405   -15.984 1.00 11.68 ? 47  ALA A O   1 
ATOM   373  C CB  . ALA A 1 46  ? 1.836   8.260   -16.345 1.00 16.29 ? 47  ALA A CB  1 
ATOM   374  N N   . ASN A 1 47  ? 1.272   5.150   -16.909 1.00 14.05 ? 48  ASN A N   1 
ATOM   375  C CA  . ASN A 1 47  ? 1.590   3.970   -17.721 1.00 18.07 ? 48  ASN A CA  1 
ATOM   376  C C   . ASN A 1 47  ? 2.162   2.784   -16.942 1.00 19.08 ? 48  ASN A C   1 
ATOM   377  O O   . ASN A 1 47  ? 2.954   1.998   -17.481 1.00 20.57 ? 48  ASN A O   1 
ATOM   378  C CB  . ASN A 1 47  ? 2.513   4.331   -18.900 1.00 18.83 ? 48  ASN A CB  1 
ATOM   379  C CG  . ASN A 1 47  ? 2.050   5.562   -19.658 1.00 17.90 ? 48  ASN A CG  1 
ATOM   380  O OD1 . ASN A 1 47  ? 2.822   6.500   -19.865 1.00 30.67 ? 48  ASN A OD1 1 
ATOM   381  N ND2 . ASN A 1 47  ? 0.789   5.567   -20.079 1.00 16.43 ? 48  ASN A ND2 1 
ATOM   382  N N   . THR A 1 48  ? 1.768   2.657   -15.678 1.00 15.06 ? 49  THR A N   1 
ATOM   383  C CA  . THR A 1 48  ? 2.114   1.475   -14.893 1.00 16.68 ? 49  THR A CA  1 
ATOM   384  C C   . THR A 1 48  ? 1.163   0.342   -15.268 1.00 18.95 ? 49  THR A C   1 
ATOM   385  O O   . THR A 1 48  ? 1.559   -0.824  -15.303 1.00 21.13 ? 49  THR A O   1 
ATOM   386  C CB  . THR A 1 48  ? 2.056   1.781   -13.384 1.00 12.48 ? 49  THR A CB  1 
ATOM   387  O OG1 . THR A 1 48  ? 3.026   2.787   -13.068 1.00 16.56 ? 49  THR A OG1 1 
ATOM   388  C CG2 . THR A 1 48  ? 2.522   0.575   -12.559 1.00 17.40 ? 49  THR A CG2 1 
ATOM   389  N N   . ASP A 1 49  ? -0.089  0.697   -15.546 1.00 18.80 ? 50  ASP A N   1 
ATOM   390  C CA  . ASP A 1 49  ? -1.073  -0.246  -16.061 1.00 20.77 ? 50  ASP A CA  1 
ATOM   391  C C   . ASP A 1 49  ? -2.026  0.417   -17.047 1.00 21.33 ? 50  ASP A C   1 
ATOM   392  O O   . ASP A 1 49  ? -2.686  1.397   -16.706 1.00 19.52 ? 50  ASP A O   1 
ATOM   393  C CB  . ASP A 1 49  ? -1.886  -0.873  -14.929 1.00 21.68 ? 50  ASP A CB  1 
ATOM   394  C CG  . ASP A 1 49  ? -2.959  -1.818  -15.444 1.00 24.14 ? 50  ASP A CG  1 
ATOM   395  O OD1 . ASP A 1 49  ? -2.612  -2.914  -15.936 1.00 30.73 ? 50  ASP A OD1 1 
ATOM   396  O OD2 . ASP A 1 49  ? -4.170  -1.536  -15.423 1.00 26.66 ? 50  ASP A OD2 1 
ATOM   397  N N   . ALA A 1 50  ? -2.102  -0.136  -18.259 1.00 23.38 ? 51  ALA A N   1 
ATOM   398  C CA  . ALA A 1 50  ? -3.072  0.298   -19.280 1.00 26.04 ? 51  ALA A CA  1 
ATOM   399  C C   . ALA A 1 50  ? -3.165  1.820   -19.472 1.00 26.38 ? 51  ALA A C   1 
ATOM   400  O O   . ALA A 1 50  ? -4.267  2.387   -19.494 1.00 30.34 ? 51  ALA A O   1 
ATOM   401  C CB  . ALA A 1 50  ? -4.454  -0.283  -18.977 1.00 26.26 ? 51  ALA A CB  1 
ATOM   402  N N   . ASN A 1 51  ? -2.010  2.467   -19.608 1.00 20.37 ? 52  ASN A N   1 
ATOM   403  C CA  . ASN A 1 51  ? -1.928  3.921   -19.813 1.00 18.55 ? 52  ASN A CA  1 
ATOM   404  C C   . ASN A 1 51  ? -2.637  4.803   -18.772 1.00 13.04 ? 52  ASN A C   1 
ATOM   405  O O   . ASN A 1 51  ? -3.177  5.869   -19.097 1.00 10.79 ? 52  ASN A O   1 
ATOM   406  C CB  . ASN A 1 51  ? -2.339  4.308   -21.243 1.00 19.39 ? 52  ASN A CB  1 
ATOM   407  C CG  . ASN A 1 51  ? -1.425  3.703   -22.296 1.00 27.57 ? 52  ASN A CG  1 
ATOM   408  O OD1 . ASN A 1 51  ? -0.196  3.714   -22.163 1.00 34.58 ? 52  ASN A OD1 1 
ATOM   409  N ND2 . ASN A 1 51  ? -2.022  3.172   -23.354 1.00 30.26 ? 52  ASN A ND2 1 
ATOM   410  N N   . ASN A 1 52  ? -2.614  4.377   -17.512 1.00 10.69 ? 53  ASN A N   1 
ATOM   411  C CA  . ASN A 1 52  ? -3.092  5.236   -16.430 1.00 8.98  ? 53  ASN A CA  1 
ATOM   412  C C   . ASN A 1 52  ? -2.301  6.548   -16.388 1.00 11.75 ? 53  ASN A C   1 
ATOM   413  O O   . ASN A 1 52  ? -1.155  6.598   -16.838 1.00 11.50 ? 53  ASN A O   1 
ATOM   414  C CB  . ASN A 1 52  ? -2.967  4.513   -15.085 1.00 7.71  ? 53  ASN A CB  1 
ATOM   415  C CG  . ASN A 1 52  ? -1.527  4.385   -14.619 1.00 10.75 ? 53  ASN A CG  1 
ATOM   416  O OD1 . ASN A 1 52  ? -0.799  3.500   -15.063 1.00 11.15 ? 53  ASN A OD1 1 
ATOM   417  N ND2 . ASN A 1 52  ? -1.112  5.266   -13.708 1.00 7.43  ? 53  ASN A ND2 1 
ATOM   418  N N   . ILE A 1 53  ? -2.904  7.602   -15.841 1.00 15.21 ? 54  ILE A N   1 
ATOM   419  C CA  . ILE A 1 53  ? -2.175  8.856   -15.620 1.00 15.09 ? 54  ILE A CA  1 
ATOM   420  C C   . ILE A 1 53  ? -1.496  8.865   -14.249 1.00 15.04 ? 54  ILE A C   1 
ATOM   421  O O   . ILE A 1 53  ? -1.775  8.006   -13.405 1.00 12.86 ? 54  ILE A O   1 
ATOM   422  C CB  . ILE A 1 53  ? -3.089  10.102  -15.810 1.00 17.18 ? 54  ILE A CB  1 
ATOM   423  C CG1 . ILE A 1 53  ? -4.118  10.221  -14.678 1.00 14.38 ? 54  ILE A CG1 1 
ATOM   424  C CG2 . ILE A 1 53  ? -3.759  10.079  -17.187 1.00 17.23 ? 54  ILE A CG2 1 
ATOM   425  C CD1 . ILE A 1 53  ? -4.664  11.630  -14.501 1.00 13.56 ? 54  ILE A CD1 1 
ATOM   426  N N   . GLU A 1 54  ? -0.607  9.834   -14.037 1.00 15.42 ? 55  GLU A N   1 
ATOM   427  C CA  . GLU A 1 54  ? 0.095   9.978   -12.764 1.00 14.71 ? 55  GLU A CA  1 
ATOM   428  C C   . GLU A 1 54  ? -0.921  10.164  -11.644 1.00 13.88 ? 55  GLU A C   1 
ATOM   429  O O   . GLU A 1 54  ? -1.765  11.056  -11.713 1.00 12.62 ? 55  GLU A O   1 
ATOM   430  C CB  . GLU A 1 54  ? 1.034   11.190  -12.776 1.00 14.61 ? 55  GLU A CB  1 
ATOM   431  C CG  . GLU A 1 54  ? 1.846   11.415  -14.042 1.00 23.14 ? 55  GLU A CG  1 
ATOM   432  C CD  . GLU A 1 54  ? 3.121   10.614  -14.057 1.00 28.77 ? 55  GLU A CD  1 
ATOM   433  O OE1 . GLU A 1 54  ? 3.238   9.676   -13.244 1.00 18.35 ? 55  GLU A OE1 1 
ATOM   434  O OE2 . GLU A 1 54  ? 4.006   10.917  -14.890 1.00 46.43 ? 55  GLU A OE2 1 
ATOM   435  N N   . GLY A 1 55  ? -0.836  9.310   -10.627 1.00 13.41 ? 56  GLY A N   1 
ATOM   436  C CA  . GLY A 1 55  ? -1.671  9.429   -9.443  1.00 9.20  ? 56  GLY A CA  1 
ATOM   437  C C   . GLY A 1 55  ? -2.994  8.683   -9.502  1.00 8.72  ? 56  GLY A C   1 
ATOM   438  O O   . GLY A 1 55  ? -3.722  8.641   -8.518  1.00 8.25  ? 56  GLY A O   1 
ATOM   439  N N   . GLN A 1 56  ? -3.317  8.109   -10.658 1.00 8.96  ? 57  GLN A N   1 
ATOM   440  C CA  . GLN A 1 56  ? -4.543  7.340   -10.815 1.00 7.63  ? 57  GLN A CA  1 
ATOM   441  C C   . GLN A 1 56  ? -4.374  6.001   -10.104 1.00 5.16  ? 57  GLN A C   1 
ATOM   442  O O   . GLN A 1 56  ? -3.338  5.359   -10.249 1.00 5.52  ? 57  GLN A O   1 
ATOM   443  C CB  . GLN A 1 56  ? -4.812  7.115   -12.300 1.00 8.21  ? 57  GLN A CB  1 
ATOM   444  C CG  . GLN A 1 56  ? -6.007  6.259   -12.643 1.00 9.56  ? 57  GLN A CG  1 
ATOM   445  C CD  . GLN A 1 56  ? -6.166  6.093   -14.146 1.00 16.13 ? 57  GLN A CD  1 
ATOM   446  O OE1 . GLN A 1 56  ? -5.655  6.904   -14.921 1.00 12.20 ? 57  GLN A OE1 1 
ATOM   447  N NE2 . GLN A 1 56  ? -6.858  5.040   -14.560 1.00 15.95 ? 57  GLN A NE2 1 
ATOM   448  N N   . ALA A 1 57  ? -5.372  5.589   -9.323  1.00 6.22  ? 58  ALA A N   1 
ATOM   449  C CA  . ALA A 1 57  ? -5.327  4.254   -8.714  1.00 4.45  ? 58  ALA A CA  1 
ATOM   450  C C   . ALA A 1 57  ? -5.447  3.198   -9.805  1.00 6.57  ? 58  ALA A C   1 
ATOM   451  O O   . ALA A 1 57  ? -6.273  3.335   -10.713 1.00 7.43  ? 58  ALA A O   1 
ATOM   452  C CB  . ALA A 1 57  ? -6.425  4.083   -7.659  1.00 6.38  ? 58  ALA A CB  1 
ATOM   453  N N   . ILE A 1 58  ? -4.624  2.152   -9.711  1.00 4.67  ? 59  ILE A N   1 
ATOM   454  C CA  . ILE A 1 58  ? -4.541  1.129   -10.755 1.00 6.90  ? 59  ILE A CA  1 
ATOM   455  C C   . ILE A 1 58  ? -4.830  -0.294  -10.297 1.00 9.13  ? 59  ILE A C   1 
ATOM   456  O O   . ILE A 1 58  ? -4.730  -0.628  -9.107  1.00 8.08  ? 59  ILE A O   1 
ATOM   457  C CB  . ILE A 1 58  ? -3.146  1.149   -11.434 1.00 5.88  ? 59  ILE A CB  1 
ATOM   458  C CG1 . ILE A 1 58  ? -2.028  0.926   -10.396 1.00 5.04  ? 59  ILE A CG1 1 
ATOM   459  C CG2 . ILE A 1 58  ? -2.955  2.427   -12.238 1.00 5.39  ? 59  ILE A CG2 1 
ATOM   460  C CD1 . ILE A 1 58  ? -0.763  0.301   -10.973 1.00 5.85  ? 59  ILE A CD1 1 
ATOM   461  N N   . ARG A 1 59  ? -5.183  -1.128  -11.275 1.00 7.12  ? 60  ARG A N   1 
ATOM   462  C CA  . ARG A 1 59  ? -5.094  -2.570  -11.142 1.00 7.51  ? 60  ARG A CA  1 
ATOM   463  C C   . ARG A 1 59  ? -3.621  -2.949  -10.962 1.00 7.35  ? 60  ARG A C   1 
ATOM   464  O O   . ARG A 1 59  ? -2.755  -2.525  -11.738 1.00 8.92  ? 60  ARG A O   1 
ATOM   465  C CB  . ARG A 1 59  ? -5.626  -3.225  -12.415 1.00 12.72 ? 60  ARG A CB  1 
ATOM   466  C CG  . ARG A 1 59  ? -7.000  -3.868  -12.304 1.00 25.87 ? 60  ARG A CG  1 
ATOM   467  C CD  . ARG A 1 59  ? -7.312  -4.830  -13.456 1.00 32.27 ? 60  ARG A CD  1 
ATOM   468  N NE  . ARG A 1 59  ? -6.140  -5.634  -13.821 1.00 44.01 ? 60  ARG A NE  1 
ATOM   469  C CZ  . ARG A 1 59  ? -5.346  -5.402  -14.867 1.00 46.55 ? 60  ARG A CZ  1 
ATOM   470  N NH1 . ARG A 1 59  ? -5.582  -4.384  -15.689 1.00 53.11 ? 60  ARG A NH1 1 
ATOM   471  N NH2 . ARG A 1 59  ? -4.306  -6.196  -15.092 1.00 49.31 ? 60  ARG A NH2 1 
ATOM   472  N N   . TYR A 1 60  ? -3.351  -3.749  -9.939  1.00 8.05  ? 61  TYR A N   1 
ATOM   473  C CA  . TYR A 1 60  ? -1.997  -4.141  -9.569  1.00 8.38  ? 61  TYR A CA  1 
ATOM   474  C C   . TYR A 1 60  ? -2.151  -5.390  -8.706  1.00 9.11  ? 61  TYR A C   1 
ATOM   475  O O   . TYR A 1 60  ? -2.346  -5.306  -7.497  1.00 8.34  ? 61  TYR A O   1 
ATOM   476  C CB  . TYR A 1 60  ? -1.308  -2.996  -8.813  1.00 8.42  ? 61  TYR A CB  1 
ATOM   477  C CG  . TYR A 1 60  ? 0.200   -3.102  -8.723  1.00 7.68  ? 61  TYR A CG  1 
ATOM   478  C CD1 . TYR A 1 60  ? 1.014   -2.678  -9.775  1.00 11.31 ? 61  TYR A CD1 1 
ATOM   479  C CD2 . TYR A 1 60  ? 0.815   -3.597  -7.569  1.00 9.57  ? 61  TYR A CD2 1 
ATOM   480  C CE1 . TYR A 1 60  ? 2.409   -2.758  -9.686  1.00 8.10  ? 61  TYR A CE1 1 
ATOM   481  C CE2 . TYR A 1 60  ? 2.201   -3.679  -7.467  1.00 5.77  ? 61  TYR A CE2 1 
ATOM   482  C CZ  . TYR A 1 60  ? 2.991   -3.263  -8.532  1.00 8.57  ? 61  TYR A CZ  1 
ATOM   483  O OH  . TYR A 1 60  ? 4.363   -3.348  -8.455  1.00 8.45  ? 61  TYR A OH  1 
ATOM   484  N N   . GLN A 1 61  ? -2.076  -6.553  -9.350  1.00 7.65  ? 62  GLN A N   1 
ATOM   485  C CA  . GLN A 1 61  ? -2.570  -7.792  -8.760  1.00 5.03  ? 62  GLN A CA  1 
ATOM   486  C C   . GLN A 1 61  ? -1.480  -8.799  -8.449  1.00 5.65  ? 62  GLN A C   1 
ATOM   487  O O   . GLN A 1 61  ? -0.703  -9.187  -9.335  1.00 6.25  ? 62  GLN A O   1 
ATOM   488  C CB  . GLN A 1 61  ? -3.601  -8.446  -9.691  1.00 5.94  ? 62  GLN A CB  1 
ATOM   489  C CG  . GLN A 1 61  ? -4.864  -7.624  -9.904  1.00 7.19  ? 62  GLN A CG  1 
ATOM   490  C CD  . GLN A 1 61  ? -5.789  -8.250  -10.931 1.00 11.10 ? 62  GLN A CD  1 
ATOM   491  O OE1 . GLN A 1 61  ? -5.528  -8.172  -12.126 1.00 14.29 ? 62  GLN A OE1 1 
ATOM   492  N NE2 . GLN A 1 61  ? -6.865  -8.880  -10.467 1.00 5.89  ? 62  GLN A NE2 1 
ATOM   493  N N   . ASN A 1 62  ? -1.441  -9.230  -7.188  1.00 5.03  ? 63  ASN A N   1 
ATOM   494  C CA  . ASN A 1 62  ? -0.491  -10.239 -6.722  1.00 5.86  ? 63  ASN A CA  1 
ATOM   495  C C   . ASN A 1 62  ? 0.958   -9.911  -7.075  1.00 8.03  ? 63  ASN A C   1 
ATOM   496  O O   . ASN A 1 62  ? 1.685   -10.739 -7.648  1.00 6.31  ? 63  ASN A O   1 
ATOM   497  C CB  . ASN A 1 62  ? -0.901  -11.628 -7.229  1.00 6.91  ? 63  ASN A CB  1 
ATOM   498  C CG  . ASN A 1 62  ? -2.259  -12.040 -6.710  1.00 12.72 ? 63  ASN A CG  1 
ATOM   499  O OD1 . ASN A 1 62  ? -3.264  -11.886 -7.398  1.00 14.54 ? 63  ASN A OD1 1 
ATOM   500  N ND2 . ASN A 1 62  ? -2.302  -12.523 -5.469  1.00 15.34 ? 63  ASN A ND2 1 
ATOM   501  N N   . ARG A 1 63  ? 1.359   -8.695  -6.716  1.00 8.42  ? 64  ARG A N   1 
ATOM   502  C CA  . ARG A 1 63  ? 2.679   -8.167  -7.018  1.00 8.21  ? 64  ARG A CA  1 
ATOM   503  C C   . ARG A 1 63  ? 3.228   -7.411  -5.815  1.00 6.71  ? 64  ARG A C   1 
ATOM   504  O O   . ARG A 1 63  ? 2.473   -6.740  -5.087  1.00 8.57  ? 64  ARG A O   1 
ATOM   505  C CB  . ARG A 1 63  ? 2.594   -7.180  -8.184  1.00 11.64 ? 64  ARG A CB  1 
ATOM   506  C CG  . ARG A 1 63  ? 2.501   -7.788  -9.565  1.00 23.69 ? 64  ARG A CG  1 
ATOM   507  C CD  . ARG A 1 63  ? 3.538   -7.236  -10.530 1.00 37.45 ? 64  ARG A CD  1 
ATOM   508  N NE  . ARG A 1 63  ? 3.015   -6.145  -11.347 1.00 37.66 ? 64  ARG A NE  1 
ATOM   509  C CZ  . ARG A 1 63  ? 3.736   -5.124  -11.806 1.00 38.32 ? 64  ARG A CZ  1 
ATOM   510  N NH1 . ARG A 1 63  ? 5.030   -5.023  -11.525 1.00 39.80 ? 64  ARG A NH1 1 
ATOM   511  N NH2 . ARG A 1 63  ? 3.155   -4.192  -12.549 1.00 35.39 ? 64  ARG A NH2 1 
ATOM   512  N N   . PHE A 1 64  ? 4.541   -7.494  -5.630  1.00 4.52  ? 65  PHE A N   1 
ATOM   513  C CA  . PHE A 1 64  ? 5.236   -6.572  -4.733  1.00 5.86  ? 65  PHE A CA  1 
ATOM   514  C C   . PHE A 1 64  ? 5.359   -5.205  -5.378  1.00 7.06  ? 65  PHE A C   1 
ATOM   515  O O   . PHE A 1 64  ? 5.351   -5.077  -6.606  1.00 9.76  ? 65  PHE A O   1 
ATOM   516  C CB  . PHE A 1 64  ? 6.632   -7.091  -4.377  1.00 7.17  ? 65  PHE A CB  1 
ATOM   517  C CG  . PHE A 1 64  ? 6.613   -8.236  -3.416  1.00 8.60  ? 65  PHE A CG  1 
ATOM   518  C CD1 . PHE A 1 64  ? 6.470   -8.009  -2.047  1.00 10.75 ? 65  PHE A CD1 1 
ATOM   519  C CD2 . PHE A 1 64  ? 6.715   -9.546  -3.878  1.00 9.92  ? 65  PHE A CD2 1 
ATOM   520  C CE1 . PHE A 1 64  ? 6.432   -9.077  -1.145  1.00 11.08 ? 65  PHE A CE1 1 
ATOM   521  C CE2 . PHE A 1 64  ? 6.679   -10.618 -2.989  1.00 10.64 ? 65  PHE A CE2 1 
ATOM   522  C CZ  . PHE A 1 64  ? 6.543   -10.382 -1.620  1.00 11.89 ? 65  PHE A CZ  1 
ATOM   523  N N   . LEU A 1 65  ? 5.465   -4.193  -4.531  1.00 5.82  ? 66  LEU A N   1 
ATOM   524  C CA  . LEU A 1 65  ? 5.743   -2.833  -4.962  1.00 6.34  ? 66  LEU A CA  1 
ATOM   525  C C   . LEU A 1 65  ? 6.833   -2.271  -4.074  1.00 5.94  ? 66  LEU A C   1 
ATOM   526  O O   . LEU A 1 65  ? 6.739   -2.337  -2.841  1.00 5.56  ? 66  LEU A O   1 
ATOM   527  C CB  . LEU A 1 65  ? 4.481   -1.961  -4.860  1.00 7.85  ? 66  LEU A CB  1 
ATOM   528  C CG  . LEU A 1 65  ? 4.690   -0.447  -5.041  1.00 8.53  ? 66  LEU A CG  1 
ATOM   529  C CD1 . LEU A 1 65  ? 5.161   -0.106  -6.464  1.00 4.91  ? 66  LEU A CD1 1 
ATOM   530  C CD2 . LEU A 1 65  ? 3.435   0.330   -4.676  1.00 7.40  ? 66  LEU A CD2 1 
ATOM   531  N N   . HIS A 1 66  ? 7.874   -1.732  -4.707  1.00 4.88  ? 67  HIS A N   1 
ATOM   532  C CA  . HIS A 1 66  ? 8.851   -0.900  -4.013  1.00 4.43  ? 67  HIS A CA  1 
ATOM   533  C C   . HIS A 1 66  ? 8.604   0.544   -4.401  1.00 5.99  ? 67  HIS A C   1 
ATOM   534  O O   . HIS A 1 66  ? 8.632   0.880   -5.587  1.00 7.96  ? 67  HIS A O   1 
ATOM   535  C CB  . HIS A 1 66  ? 10.269  -1.291  -4.408  1.00 5.25  ? 67  HIS A CB  1 
ATOM   536  C CG  . HIS A 1 66  ? 10.671  -2.649  -3.929  1.00 4.45  ? 67  HIS A CG  1 
ATOM   537  N ND1 . HIS A 1 66  ? 11.559  -2.837  -2.892  1.00 10.41 ? 67  HIS A ND1 1 
ATOM   538  C CD2 . HIS A 1 66  ? 10.307  -3.884  -4.344  1.00 6.45  ? 67  HIS A CD2 1 
ATOM   539  C CE1 . HIS A 1 66  ? 11.722  -4.131  -2.683  1.00 8.25  ? 67  HIS A CE1 1 
ATOM   540  N NE2 . HIS A 1 66  ? 10.976  -4.789  -3.553  1.00 12.00 ? 67  HIS A NE2 1 
ATOM   541  N N   . LEU A 1 67  ? 8.370   1.390   -3.404  1.00 4.65  ? 68  LEU A N   1 
ATOM   542  C CA  . LEU A 1 67  ? 8.042   2.792   -3.648  1.00 6.85  ? 68  LEU A CA  1 
ATOM   543  C C   . LEU A 1 67  ? 8.575   3.675   -2.533  1.00 8.21  ? 68  LEU A C   1 
ATOM   544  O O   . LEU A 1 67  ? 8.179   3.536   -1.368  1.00 8.81  ? 68  LEU A O   1 
ATOM   545  C CB  . LEU A 1 67  ? 6.524   2.976   -3.776  1.00 6.17  ? 68  LEU A CB  1 
ATOM   546  C CG  . LEU A 1 67  ? 6.017   4.339   -4.269  1.00 9.93  ? 68  LEU A CG  1 
ATOM   547  C CD1 . LEU A 1 67  ? 6.380   4.581   -5.732  1.00 15.99 ? 68  LEU A CD1 1 
ATOM   548  C CD2 . LEU A 1 67  ? 4.504   4.396   -4.078  1.00 12.70 ? 68  LEU A CD2 1 
ATOM   549  N N   . LEU A 1 68  ? 9.471   4.587   -2.906  1.00 10.45 ? 69  LEU A N   1 
ATOM   550  C CA  . LEU A 1 68  ? 10.084  5.534   -1.971  1.00 14.73 ? 69  LEU A CA  1 
ATOM   551  C C   . LEU A 1 68  ? 10.742  4.851   -0.761  1.00 14.74 ? 69  LEU A C   1 
ATOM   552  O O   . LEU A 1 68  ? 10.747  5.389   0.349   1.00 15.48 ? 69  LEU A O   1 
ATOM   553  C CB  . LEU A 1 68  ? 9.069   6.611   -1.542  1.00 16.54 ? 69  LEU A CB  1 
ATOM   554  C CG  . LEU A 1 68  ? 8.443   7.421   -2.688  1.00 20.70 ? 69  LEU A CG  1 
ATOM   555  C CD1 . LEU A 1 68  ? 7.054   7.934   -2.325  1.00 28.31 ? 69  LEU A CD1 1 
ATOM   556  C CD2 . LEU A 1 68  ? 9.352   8.562   -3.144  1.00 21.05 ? 69  LEU A CD2 1 
ATOM   557  N N   . GLY A 1 69  ? 11.294  3.660   -0.982  1.00 9.87  ? 70  GLY A N   1 
ATOM   558  C CA  . GLY A 1 69  ? 12.024  2.951   0.058   1.00 6.54  ? 70  GLY A CA  1 
ATOM   559  C C   . GLY A 1 69  ? 11.164  2.038   0.907   1.00 8.30  ? 70  GLY A C   1 
ATOM   560  O O   . GLY A 1 69  ? 11.663  1.375   1.819   1.00 13.17 ? 70  GLY A O   1 
ATOM   561  N N   . ASN A 1 70  ? 9.873   1.993   0.595   1.00 6.77  ? 71  ASN A N   1 
ATOM   562  C CA  . ASN A 1 70  ? 8.930   1.147   1.310   1.00 8.50  ? 71  ASN A CA  1 
ATOM   563  C C   . ASN A 1 70  ? 8.562   -0.047  0.448   1.00 9.19  ? 71  ASN A C   1 
ATOM   564  O O   . ASN A 1 70  ? 8.665   0.020   -0.780  1.00 8.05  ? 71  ASN A O   1 
ATOM   565  C CB  . ASN A 1 70  ? 7.683   1.949   1.696   1.00 7.88  ? 71  ASN A CB  1 
ATOM   566  C CG  . ASN A 1 70  ? 8.019   3.195   2.495   1.00 15.88 ? 71  ASN A CG  1 
ATOM   567  O OD1 . ASN A 1 70  ? 8.776   3.137   3.464   1.00 16.45 ? 71  ASN A OD1 1 
ATOM   568  N ND2 . ASN A 1 70  ? 7.476   4.333   2.076   1.00 18.08 ? 71  ASN A ND2 1 
ATOM   569  N N   . ILE A 1 71  ? 8.156   -1.137  1.098   1.00 4.70  ? 72  ILE A N   1 
ATOM   570  C CA  . ILE A 1 71  ? 7.780   -2.368  0.403   1.00 5.78  ? 72  ILE A CA  1 
ATOM   571  C C   . ILE A 1 71  ? 6.327   -2.726  0.706   1.00 5.35  ? 72  ILE A C   1 
ATOM   572  O O   . ILE A 1 71  ? 5.902   -2.718  1.868   1.00 6.49  ? 72  ILE A O   1 
ATOM   573  C CB  . ILE A 1 71  ? 8.728   -3.547  0.797   1.00 8.77  ? 72  ILE A CB  1 
ATOM   574  C CG1 . ILE A 1 71  ? 10.201  -3.199  0.526   1.00 7.52  ? 72  ILE A CG1 1 
ATOM   575  C CG2 . ILE A 1 71  ? 8.332   -4.836  0.068   1.00 5.40  ? 72  ILE A CG2 1 
ATOM   576  C CD1 . ILE A 1 71  ? 11.192  -4.221  1.091   1.00 7.73  ? 72  ILE A CD1 1 
ATOM   577  N N   . TYR A 1 72  ? 5.577   -3.038  -0.351  1.00 5.17  ? 73  TYR A N   1 
ATOM   578  C CA  . TYR A 1 72  ? 4.170   -3.408  -0.250  1.00 4.45  ? 73  TYR A CA  1 
ATOM   579  C C   . TYR A 1 72  ? 3.943   -4.675  -1.053  1.00 5.18  ? 73  TYR A C   1 
ATOM   580  O O   . TYR A 1 72  ? 4.756   -5.031  -1.911  1.00 5.51  ? 73  TYR A O   1 
ATOM   581  C CB  . TYR A 1 72  ? 3.265   -2.312  -0.826  1.00 6.21  ? 73  TYR A CB  1 
ATOM   582  C CG  . TYR A 1 72  ? 3.478   -0.928  -0.253  1.00 6.69  ? 73  TYR A CG  1 
ATOM   583  C CD1 . TYR A 1 72  ? 4.447   -0.075  -0.793  1.00 8.02  ? 73  TYR A CD1 1 
ATOM   584  C CD2 . TYR A 1 72  ? 2.688   -0.455  0.797   1.00 9.42  ? 73  TYR A CD2 1 
ATOM   585  C CE1 . TYR A 1 72  ? 4.643   1.206   -0.287  1.00 7.12  ? 73  TYR A CE1 1 
ATOM   586  C CE2 . TYR A 1 72  ? 2.871   0.832   1.312   1.00 6.73  ? 73  TYR A CE2 1 
ATOM   587  C CZ  . TYR A 1 72  ? 3.845   1.657   0.755   1.00 8.73  ? 73  TYR A CZ  1 
ATOM   588  O OH  . TYR A 1 72  ? 4.057   2.926   1.241   1.00 9.90  ? 73  TYR A OH  1 
ATOM   589  N N   . TYR A 1 73  ? 2.834   -5.350  -0.768  1.00 5.47  ? 74  TYR A N   1 
ATOM   590  C CA  . TYR A 1 73  ? 2.360   -6.430  -1.624  1.00 5.46  ? 74  TYR A CA  1 
ATOM   591  C C   . TYR A 1 73  ? 0.864   -6.259  -1.824  1.00 4.74  ? 74  TYR A C   1 
ATOM   592  O O   . TYR A 1 73  ? 0.128   -6.006  -0.865  1.00 7.10  ? 74  TYR A O   1 
ATOM   593  C CB  . TYR A 1 73  ? 2.662   -7.802  -1.020  1.00 5.58  ? 74  TYR A CB  1 
ATOM   594  C CG  . TYR A 1 73  ? 2.211   -8.957  -1.901  1.00 6.10  ? 74  TYR A CG  1 
ATOM   595  C CD1 . TYR A 1 73  ? 3.033   -9.446  -2.919  1.00 7.34  ? 74  TYR A CD1 1 
ATOM   596  C CD2 . TYR A 1 73  ? 0.965   -9.548  -1.723  1.00 8.77  ? 74  TYR A CD2 1 
ATOM   597  C CE1 . TYR A 1 73  ? 2.622   -10.494 -3.736  1.00 9.96  ? 74  TYR A CE1 1 
ATOM   598  C CE2 . TYR A 1 73  ? 0.535   -10.582 -2.540  1.00 7.60  ? 74  TYR A CE2 1 
ATOM   599  C CZ  . TYR A 1 73  ? 1.370   -11.062 -3.534  1.00 13.15 ? 74  TYR A CZ  1 
ATOM   600  O OH  . TYR A 1 73  ? 0.954   -12.101 -4.332  1.00 10.91 ? 74  TYR A OH  1 
ATOM   601  N N   . PHE A 1 74  ? 0.429   -6.422  -3.069  1.00 4.17  ? 75  PHE A N   1 
ATOM   602  C CA  . PHE A 1 74  ? -0.964  -6.203  -3.441  1.00 6.71  ? 75  PHE A CA  1 
ATOM   603  C C   . PHE A 1 74  ? -1.619  -7.527  -3.798  1.00 7.58  ? 75  PHE A C   1 
ATOM   604  O O   . PHE A 1 74  ? -1.055  -8.324  -4.559  1.00 9.02  ? 75  PHE A O   1 
ATOM   605  C CB  . PHE A 1 74  ? -1.066  -5.193  -4.588  1.00 6.84  ? 75  PHE A CB  1 
ATOM   606  C CG  . PHE A 1 74  ? -0.810  -3.773  -4.162  1.00 8.01  ? 75  PHE A CG  1 
ATOM   607  C CD1 . PHE A 1 74  ? 0.497   -3.310  -3.967  1.00 9.29  ? 75  PHE A CD1 1 
ATOM   608  C CD2 . PHE A 1 74  ? -1.876  -2.895  -3.949  1.00 9.25  ? 75  PHE A CD2 1 
ATOM   609  C CE1 . PHE A 1 74  ? 0.733   -1.994  -3.554  1.00 6.82  ? 75  PHE A CE1 1 
ATOM   610  C CE2 . PHE A 1 74  ? -1.655  -1.583  -3.532  1.00 6.05  ? 75  PHE A CE2 1 
ATOM   611  C CZ  . PHE A 1 74  ? -0.343  -1.130  -3.340  1.00 4.51  ? 75  PHE A CZ  1 
ATOM   612  N N   . GLY A 1 75  ? -2.791  -7.768  -3.216  1.00 7.55  ? 76  GLY A N   1 
ATOM   613  C CA  . GLY A 1 75  ? -3.551  -8.984  -3.478  1.00 8.57  ? 76  GLY A CA  1 
ATOM   614  C C   . GLY A 1 75  ? -4.248  -8.923  -4.824  1.00 6.58  ? 76  GLY A C   1 
ATOM   615  O O   . GLY A 1 75  ? -4.069  -7.973  -5.579  1.00 6.12  ? 76  GLY A O   1 
ATOM   616  N N   . ASN A 1 76  ? -5.071  -9.927  -5.115  1.00 4.65  ? 77  ASN A N   1 
ATOM   617  C CA  . ASN A 1 76  ? -5.823  -9.958  -6.370  1.00 4.16  ? 77  ASN A CA  1 
ATOM   618  C C   . ASN A 1 76  ? -6.845  -8.831  -6.502  1.00 4.99  ? 77  ASN A C   1 
ATOM   619  O O   . ASN A 1 76  ? -7.250  -8.480  -7.613  1.00 7.62  ? 77  ASN A O   1 
ATOM   620  C CB  . ASN A 1 76  ? -6.500  -11.319 -6.562  1.00 4.38  ? 77  ASN A CB  1 
ATOM   621  C CG  . ASN A 1 76  ? -6.736  -11.643 -8.024  1.00 8.94  ? 77  ASN A CG  1 
ATOM   622  O OD1 . ASN A 1 76  ? -7.880  -11.753 -8.461  1.00 8.60  ? 77  ASN A OD1 1 
ATOM   623  N ND2 . ASN A 1 76  ? -5.650  -11.790 -8.794  1.00 7.86  ? 77  ASN A ND2 1 
ATOM   624  N N   . ASN A 1 77  ? -7.242  -8.254  -5.369  1.00 3.87  ? 78  ASN A N   1 
ATOM   625  C CA  . ASN A 1 77  ? -8.141  -7.096  -5.360  1.00 5.38  ? 78  ASN A CA  1 
ATOM   626  C C   . ASN A 1 77  ? -7.457  -5.747  -5.615  1.00 7.72  ? 78  ASN A C   1 
ATOM   627  O O   . ASN A 1 77  ? -8.104  -4.696  -5.538  1.00 6.15  ? 78  ASN A O   1 
ATOM   628  C CB  . ASN A 1 77  ? -8.911  -7.048  -4.032  1.00 7.60  ? 78  ASN A CB  1 
ATOM   629  C CG  . ASN A 1 77  ? -7.993  -6.881  -2.824  1.00 8.35  ? 78  ASN A CG  1 
ATOM   630  O OD1 . ASN A 1 77  ? -6.764  -6.841  -2.953  1.00 7.53  ? 78  ASN A OD1 1 
ATOM   631  N ND2 . ASN A 1 77  ? -8.590  -6.796  -1.636  1.00 7.34  ? 78  ASN A ND2 1 
ATOM   632  N N   . SER A 1 78  ? -6.164  -5.781  -5.931  1.00 5.70  ? 79  SER A N   1 
ATOM   633  C CA  . SER A 1 78  ? -5.352  -4.568  -6.113  1.00 7.05  ? 79  SER A CA  1 
ATOM   634  C C   . SER A 1 78  ? -5.332  -3.652  -4.883  1.00 6.91  ? 79  SER A C   1 
ATOM   635  O O   . SER A 1 78  ? -5.203  -2.426  -5.003  1.00 6.83  ? 79  SER A O   1 
ATOM   636  C CB  . SER A 1 78  ? -5.779  -3.797  -7.374  1.00 5.17  ? 79  SER A CB  1 
ATOM   637  O OG  . SER A 1 78  ? -5.660  -4.617  -8.522  1.00 6.18  ? 79  SER A OG  1 
ATOM   638  N N   . LYS A 1 79  ? -5.478  -4.252  -3.704  1.00 6.88  ? 80  LYS A N   1 
ATOM   639  C CA  . LYS A 1 79  ? -5.324  -3.533  -2.445  1.00 5.45  ? 80  LYS A CA  1 
ATOM   640  C C   . LYS A 1 79  ? -4.145  -4.128  -1.682  1.00 7.55  ? 80  LYS A C   1 
ATOM   641  O O   . LYS A 1 79  ? -3.912  -5.344  -1.721  1.00 7.49  ? 80  LYS A O   1 
ATOM   642  C CB  . LYS A 1 79  ? -6.600  -3.587  -1.590  1.00 7.79  ? 80  LYS A CB  1 
ATOM   643  C CG  . LYS A 1 79  ? -7.919  -3.304  -2.347  1.00 5.79  ? 80  LYS A CG  1 
ATOM   644  C CD  . LYS A 1 79  ? -8.060  -1.838  -2.747  1.00 10.42 ? 80  LYS A CD  1 
ATOM   645  C CE  . LYS A 1 79  ? -9.344  -1.584  -3.543  1.00 9.91  ? 80  LYS A CE  1 
ATOM   646  N NZ  . LYS A 1 79  ? -9.285  -2.196  -4.904  1.00 13.84 ? 80  LYS A NZ  1 
ATOM   647  N N   . ALA A 1 80  ? -3.401  -3.267  -0.998  1.00 7.07  ? 81  ALA A N   1 
ATOM   648  C CA  . ALA A 1 80  ? -2.213  -3.702  -0.282  1.00 5.00  ? 81  ALA A CA  1 
ATOM   649  C C   . ALA A 1 80  ? -2.594  -4.572  0.908   1.00 8.02  ? 81  ALA A C   1 
ATOM   650  O O   . ALA A 1 80  ? -3.494  -4.228  1.677   1.00 8.95  ? 81  ALA A O   1 
ATOM   651  C CB  . ALA A 1 80  ? -1.369  -2.499  0.154   1.00 7.34  ? 81  ALA A CB  1 
ATOM   652  N N   . VAL A 1 81  ? -1.928  -5.715  1.034   1.00 5.47  ? 82  VAL A N   1 
ATOM   653  C CA  . VAL A 1 81  ? -2.211  -6.635  2.133   1.00 4.80  ? 82  VAL A CA  1 
ATOM   654  C C   . VAL A 1 81  ? -1.637  -6.108  3.453   1.00 7.63  ? 82  VAL A C   1 
ATOM   655  O O   . VAL A 1 81  ? -0.688  -5.310  3.453   1.00 6.56  ? 82  VAL A O   1 
ATOM   656  C CB  . VAL A 1 81  ? -1.720  -8.078  1.833   1.00 7.84  ? 82  VAL A CB  1 
ATOM   657  C CG1 . VAL A 1 81  ? -2.343  -8.596  0.530   1.00 10.21 ? 82  VAL A CG1 1 
ATOM   658  C CG2 . VAL A 1 81  ? -0.191  -8.145  1.767   1.00 6.63  ? 82  VAL A CG2 1 
ATOM   659  N N   . THR A 1 82  ? -2.217  -6.544  4.570   1.00 8.16  ? 83  THR A N   1 
ATOM   660  C CA  . THR A 1 82  ? -1.709  -6.161  5.885   1.00 6.81  ? 83  THR A CA  1 
ATOM   661  C C   . THR A 1 82  ? -1.519  -7.378  6.773   1.00 7.54  ? 83  THR A C   1 
ATOM   662  O O   . THR A 1 82  ? -2.093  -8.450  6.525   1.00 9.15  ? 83  THR A O   1 
ATOM   663  C CB  . THR A 1 82  ? -2.634  -5.142  6.598   1.00 6.92  ? 83  THR A CB  1 
ATOM   664  O OG1 . THR A 1 82  ? -3.943  -5.710  6.760   1.00 5.91  ? 83  THR A OG1 1 
ATOM   665  C CG2 . THR A 1 82  ? -2.855  -3.884  5.743   1.00 8.09  ? 83  THR A CG2 1 
ATOM   666  N N   . GLY A 1 83  ? -0.701  -7.201  7.807   1.00 6.19  ? 84  GLY A N   1 
ATOM   667  C CA  . GLY A 1 83  ? -0.460  -8.248  8.779   1.00 8.47  ? 84  GLY A CA  1 
ATOM   668  C C   . GLY A 1 83  ? 0.458   -9.325  8.247   1.00 7.77  ? 84  GLY A C   1 
ATOM   669  O O   . GLY A 1 83  ? 1.188   -9.112  7.273   1.00 7.18  ? 84  GLY A O   1 
ATOM   670  N N   . TRP A 1 84  ? 0.419   -10.486 8.896   1.00 6.62  ? 85  TRP A N   1 
ATOM   671  C CA  . TRP A 1 84  ? 1.248   -11.625 8.508   1.00 8.36  ? 85  TRP A CA  1 
ATOM   672  C C   . TRP A 1 84  ? 0.816   -12.183 7.152   1.00 11.21 ? 85  TRP A C   1 
ATOM   673  O O   . TRP A 1 84  ? -0.377  -12.383 6.902   1.00 9.07  ? 85  TRP A O   1 
ATOM   674  C CB  . TRP A 1 84  ? 1.187   -12.726 9.579   1.00 10.84 ? 85  TRP A CB  1 
ATOM   675  C CG  . TRP A 1 84  ? 1.920   -12.397 10.857  1.00 8.63  ? 85  TRP A CG  1 
ATOM   676  C CD1 . TRP A 1 84  ? 1.364   -12.102 12.076  1.00 8.62  ? 85  TRP A CD1 1 
ATOM   677  C CD2 . TRP A 1 84  ? 3.340   -12.337 11.044  1.00 9.58  ? 85  TRP A CD2 1 
ATOM   678  N NE1 . TRP A 1 84  ? 2.351   -11.864 13.004  1.00 10.09 ? 85  TRP A NE1 1 
ATOM   679  C CE2 . TRP A 1 84  ? 3.573   -11.998 12.399  1.00 8.03  ? 85  TRP A CE2 1 
ATOM   680  C CE3 . TRP A 1 84  ? 4.446   -12.525 10.197  1.00 8.15  ? 85  TRP A CE3 1 
ATOM   681  C CZ2 . TRP A 1 84  ? 4.861   -11.851 12.927  1.00 11.16 ? 85  TRP A CZ2 1 
ATOM   682  C CZ3 . TRP A 1 84  ? 5.728   -12.375 10.725  1.00 11.81 ? 85  TRP A CZ3 1 
ATOM   683  C CH2 . TRP A 1 84  ? 5.920   -12.042 12.078  1.00 10.81 ? 85  TRP A CH2 1 
ATOM   684  N N   . GLN A 1 85  ? 1.791   -12.409 6.276   1.00 9.20  ? 86  GLN A N   1 
ATOM   685  C CA  . GLN A 1 85  ? 1.535   -12.971 4.951   1.00 10.56 ? 86  GLN A CA  1 
ATOM   686  C C   . GLN A 1 85  ? 2.677   -13.910 4.580   1.00 12.57 ? 86  GLN A C   1 
ATOM   687  O O   . GLN A 1 85  ? 3.839   -13.630 4.903   1.00 10.71 ? 86  GLN A O   1 
ATOM   688  C CB  . GLN A 1 85  ? 1.430   -11.861 3.888   1.00 9.24  ? 86  GLN A CB  1 
ATOM   689  C CG  . GLN A 1 85  ? 0.329   -10.810 4.120   1.00 10.13 ? 86  GLN A CG  1 
ATOM   690  C CD  . GLN A 1 85  ? -1.080  -11.348 3.920   1.00 14.79 ? 86  GLN A CD  1 
ATOM   691  O OE1 . GLN A 1 85  ? -1.284  -12.341 3.220   1.00 18.07 ? 86  GLN A OE1 1 
ATOM   692  N NE2 . GLN A 1 85  ? -2.053  -10.700 4.546   1.00 11.56 ? 86  GLN A NE2 1 
ATOM   693  N N   . THR A 1 86  ? 2.348   -15.015 3.908   1.00 12.73 ? 87  THR A N   1 
ATOM   694  C CA  . THR A 1 86  ? 3.359   -15.907 3.340   1.00 11.95 ? 87  THR A CA  1 
ATOM   695  C C   . THR A 1 86  ? 3.293   -15.823 1.815   1.00 11.01 ? 87  THR A C   1 
ATOM   696  O O   . THR A 1 86  ? 2.254   -16.088 1.212   1.00 12.96 ? 87  THR A O   1 
ATOM   697  C CB  . THR A 1 86  ? 3.171   -17.368 3.825   1.00 13.21 ? 87  THR A CB  1 
ATOM   698  O OG1 . THR A 1 86  ? 3.213   -17.415 5.255   1.00 14.65 ? 87  THR A OG1 1 
ATOM   699  C CG2 . THR A 1 86  ? 4.362   -18.230 3.418   1.00 13.78 ? 87  THR A CG2 1 
ATOM   700  N N   . ILE A 1 87  ? 4.402   -15.430 1.200   1.00 11.56 ? 88  ILE A N   1 
ATOM   701  C CA  . ILE A 1 87  ? 4.460   -15.260 -0.248  1.00 13.80 ? 88  ILE A CA  1 
ATOM   702  C C   . ILE A 1 87  ? 5.701   -15.970 -0.763  1.00 13.21 ? 88  ILE A C   1 
ATOM   703  O O   . ILE A 1 87  ? 6.815   -15.700 -0.301  1.00 9.61  ? 88  ILE A O   1 
ATOM   704  C CB  . ILE A 1 87  ? 4.475   -13.758 -0.641  1.00 14.83 ? 88  ILE A CB  1 
ATOM   705  C CG1 . ILE A 1 87  ? 3.240   -13.036 -0.089  1.00 15.42 ? 88  ILE A CG1 1 
ATOM   706  C CG2 . ILE A 1 87  ? 4.561   -13.599 -2.162  1.00 12.51 ? 88  ILE A CG2 1 
ATOM   707  C CD1 . ILE A 1 87  ? 3.502   -11.604 0.372   1.00 10.83 ? 88  ILE A CD1 1 
ATOM   708  N N   . ASN A 1 88  ? 5.502   -16.887 -1.708  1.00 17.56 ? 89  ASN A N   1 
ATOM   709  C CA  . ASN A 1 88  ? 6.576   -17.767 -2.184  1.00 16.62 ? 89  ASN A CA  1 
ATOM   710  C C   . ASN A 1 88  ? 7.362   -18.402 -1.028  1.00 17.46 ? 89  ASN A C   1 
ATOM   711  O O   . ASN A 1 88  ? 8.595   -18.495 -1.071  1.00 16.53 ? 89  ASN A O   1 
ATOM   712  C CB  . ASN A 1 88  ? 7.512   -17.025 -3.149  1.00 19.84 ? 89  ASN A CB  1 
ATOM   713  C CG  . ASN A 1 88  ? 6.833   -16.651 -4.459  1.00 24.03 ? 89  ASN A CG  1 
ATOM   714  O OD1 . ASN A 1 88  ? 5.885   -17.307 -4.898  1.00 28.52 ? 89  ASN A OD1 1 
ATOM   715  N ND2 . ASN A 1 88  ? 7.321   -15.592 -5.088  1.00 28.98 ? 89  ASN A ND2 1 
ATOM   716  N N   . GLY A 1 89  ? 6.632   -18.821 0.005   1.00 14.37 ? 90  GLY A N   1 
ATOM   717  C CA  . GLY A 1 89  ? 7.207   -19.515 1.144   1.00 14.94 ? 90  GLY A CA  1 
ATOM   718  C C   . GLY A 1 89  ? 7.947   -18.645 2.146   1.00 14.68 ? 90  GLY A C   1 
ATOM   719  O O   . GLY A 1 89  ? 8.429   -19.159 3.158   1.00 16.24 ? 90  GLY A O   1 
ATOM   720  N N   . ASN A 1 90  ? 8.054   -17.345 1.868   1.00 12.03 ? 91  ASN A N   1 
ATOM   721  C CA  . ASN A 1 90  ? 8.652   -16.403 2.816   1.00 12.60 ? 91  ASN A CA  1 
ATOM   722  C C   . ASN A 1 90  ? 7.567   -15.660 3.592   1.00 11.36 ? 91  ASN A C   1 
ATOM   723  O O   . ASN A 1 90  ? 6.530   -15.300 3.028   1.00 10.27 ? 91  ASN A O   1 
ATOM   724  C CB  . ASN A 1 90  ? 9.562   -15.393 2.108   1.00 11.52 ? 91  ASN A CB  1 
ATOM   725  C CG  . ASN A 1 90  ? 10.657  -16.054 1.288   1.00 13.53 ? 91  ASN A CG  1 
ATOM   726  O OD1 . ASN A 1 90  ? 11.438  -16.852 1.803   1.00 16.46 ? 91  ASN A OD1 1 
ATOM   727  N ND2 . ASN A 1 90  ? 10.720  -15.714 0.001   1.00 19.73 ? 91  ASN A ND2 1 
ATOM   728  N N   . MET A 1 91  ? 7.813   -15.431 4.879   1.00 9.53  ? 92  MET A N   1 
ATOM   729  C CA  . MET A 1 91  ? 6.866   -14.689 5.715   1.00 11.68 ? 92  MET A CA  1 
ATOM   730  C C   . MET A 1 91  ? 7.215   -13.204 5.777   1.00 10.18 ? 92  MET A C   1 
ATOM   731  O O   . MET A 1 91  ? 8.387   -12.833 5.821   1.00 11.15 ? 92  MET A O   1 
ATOM   732  C CB  . MET A 1 91  ? 6.781   -15.284 7.128   1.00 10.01 ? 92  MET A CB  1 
ATOM   733  C CG  . MET A 1 91  ? 6.102   -16.651 7.201   1.00 15.74 ? 92  MET A CG  1 
ATOM   734  S SD  . MET A 1 91  ? 5.650   -17.132 8.895   1.00 15.16 ? 92  MET A SD  1 
ATOM   735  C CE  . MET A 1 91  ? 4.109   -16.260 9.095   1.00 20.58 ? 92  MET A CE  1 
ATOM   736  N N   . TYR A 1 92  ? 6.176   -12.372 5.759   1.00 9.34  ? 93  TYR A N   1 
ATOM   737  C CA  . TYR A 1 92  ? 6.295   -10.920 5.839   1.00 8.11  ? 93  TYR A CA  1 
ATOM   738  C C   . TYR A 1 92  ? 5.286   -10.438 6.856   1.00 5.49  ? 93  TYR A C   1 
ATOM   739  O O   . TYR A 1 92  ? 4.287   -11.112 7.113   1.00 6.15  ? 93  TYR A O   1 
ATOM   740  C CB  . TYR A 1 92  ? 5.951   -10.244 4.497   1.00 8.81  ? 93  TYR A CB  1 
ATOM   741  C CG  . TYR A 1 92  ? 6.836   -10.646 3.337   1.00 9.45  ? 93  TYR A CG  1 
ATOM   742  C CD1 . TYR A 1 92  ? 6.648   -11.865 2.680   1.00 12.94 ? 93  TYR A CD1 1 
ATOM   743  C CD2 . TYR A 1 92  ? 7.857   -9.810  2.894   1.00 10.41 ? 93  TYR A CD2 1 
ATOM   744  C CE1 . TYR A 1 92  ? 7.471   -12.248 1.618   1.00 13.28 ? 93  TYR A CE1 1 
ATOM   745  C CE2 . TYR A 1 92  ? 8.681   -10.182 1.827   1.00 7.74  ? 93  TYR A CE2 1 
ATOM   746  C CZ  . TYR A 1 92  ? 8.479   -11.401 1.197   1.00 13.56 ? 93  TYR A CZ  1 
ATOM   747  O OH  . TYR A 1 92  ? 9.291   -11.780 0.153   1.00 11.14 ? 93  TYR A OH  1 
ATOM   748  N N   . TYR A 1 93  ? 5.536   -9.262  7.425   1.00 7.32  ? 94  TYR A N   1 
ATOM   749  C CA  . TYR A 1 93  ? 4.534   -8.602  8.246   1.00 6.00  ? 94  TYR A CA  1 
ATOM   750  C C   . TYR A 1 93  ? 4.356   -7.201  7.699   1.00 6.36  ? 94  TYR A C   1 
ATOM   751  O O   . TYR A 1 93  ? 5.299   -6.404  7.709   1.00 7.21  ? 94  TYR A O   1 
ATOM   752  C CB  . TYR A 1 93  ? 4.949   -8.548  9.718   1.00 5.30  ? 94  TYR A CB  1 
ATOM   753  C CG  . TYR A 1 93  ? 3.882   -7.912  10.589  1.00 3.71  ? 94  TYR A CG  1 
ATOM   754  C CD1 . TYR A 1 93  ? 2.793   -8.662  11.038  1.00 7.04  ? 94  TYR A CD1 1 
ATOM   755  C CD2 . TYR A 1 93  ? 3.940   -6.557  10.927  1.00 7.56  ? 94  TYR A CD2 1 
ATOM   756  C CE1 . TYR A 1 93  ? 1.807   -8.095  11.830  1.00 13.24 ? 94  TYR A CE1 1 
ATOM   757  C CE2 . TYR A 1 93  ? 2.943   -5.963  11.715  1.00 10.30 ? 94  TYR A CE2 1 
ATOM   758  C CZ  . TYR A 1 93  ? 1.884   -6.748  12.162  1.00 16.64 ? 94  TYR A CZ  1 
ATOM   759  O OH  . TYR A 1 93  ? 0.900   -6.196  12.938  1.00 20.78 ? 94  TYR A OH  1 
ATOM   760  N N   . PHE A 1 94  ? 3.165   -6.916  7.185   1.00 6.05  ? 95  PHE A N   1 
ATOM   761  C CA  . PHE A 1 94  ? 2.882   -5.598  6.631   1.00 5.90  ? 95  PHE A CA  1 
ATOM   762  C C   . PHE A 1 94  ? 2.160   -4.791  7.700   1.00 9.00  ? 95  PHE A C   1 
ATOM   763  O O   . PHE A 1 94  ? 1.038   -5.125  8.100   1.00 8.94  ? 95  PHE A O   1 
ATOM   764  C CB  . PHE A 1 94  ? 2.083   -5.718  5.324   1.00 5.45  ? 95  PHE A CB  1 
ATOM   765  C CG  . PHE A 1 94  ? 2.834   -6.436  4.226   1.00 4.27  ? 95  PHE A CG  1 
ATOM   766  C CD1 . PHE A 1 94  ? 3.736   -5.746  3.414   1.00 7.48  ? 95  PHE A CD1 1 
ATOM   767  C CD2 . PHE A 1 94  ? 2.660   -7.803  4.019   1.00 5.03  ? 95  PHE A CD2 1 
ATOM   768  C CE1 . PHE A 1 94  ? 4.438   -6.400  2.402   1.00 9.36  ? 95  PHE A CE1 1 
ATOM   769  C CE2 . PHE A 1 94  ? 3.366   -8.467  3.008   1.00 5.92  ? 95  PHE A CE2 1 
ATOM   770  C CZ  . PHE A 1 94  ? 4.260   -7.762  2.205   1.00 6.33  ? 95  PHE A CZ  1 
ATOM   771  N N   . MET A 1 95  ? 2.844   -3.763  8.200   1.00 6.98  ? 96  MET A N   1 
ATOM   772  C CA  . MET A 1 95  ? 2.308   -2.896  9.256   1.00 6.42  ? 96  MET A CA  1 
ATOM   773  C C   . MET A 1 95  ? 0.935   -2.367  8.823   1.00 8.03  ? 96  MET A C   1 
ATOM   774  O O   . MET A 1 95  ? 0.831   -1.691  7.801   1.00 9.16  ? 96  MET A O   1 
ATOM   775  C CB  . MET A 1 95  ? 3.295   -1.757  9.558   1.00 6.53  ? 96  MET A CB  1 
ATOM   776  C CG  . MET A 1 95  ? 4.631   -2.238  10.173  1.00 5.89  ? 96  MET A CG  1 
ATOM   777  S SD  . MET A 1 95  ? 5.947   -0.952  10.368  1.00 4.38  ? 96  MET A SD  1 
ATOM   778  C CE  . MET A 1 95  ? 6.555   -0.825  8.689   1.00 11.60 ? 96  MET A CE  1 
ATOM   779  N N   . PRO A 1 96  ? -0.124  -2.719  9.563   1.00 8.87  ? 97  PRO A N   1 
ATOM   780  C CA  . PRO A 1 96  ? -1.506  -2.439  9.123   1.00 8.59  ? 97  PRO A CA  1 
ATOM   781  C C   . PRO A 1 96  ? -1.872  -0.963  8.968   1.00 8.19  ? 97  PRO A C   1 
ATOM   782  O O   . PRO A 1 96  ? -2.802  -0.646  8.216   1.00 8.75  ? 97  PRO A O   1 
ATOM   783  C CB  . PRO A 1 96  ? -2.356  -3.100  10.216  1.00 11.66 ? 97  PRO A CB  1 
ATOM   784  C CG  . PRO A 1 96  ? -1.456  -4.155  10.784  1.00 11.01 ? 97  PRO A CG  1 
ATOM   785  C CD  . PRO A 1 96  ? -0.099  -3.474  10.831  1.00 9.23  ? 97  PRO A CD  1 
ATOM   786  N N   . ASP A 1 97  ? -1.162  -0.071  9.650   1.00 10.05 ? 98  ASP A N   1 
ATOM   787  C CA  . ASP A 1 97  ? -1.461  1.353   9.538   1.00 11.69 ? 98  ASP A CA  1 
ATOM   788  C C   . ASP A 1 97  ? -1.006  1.991   8.219   1.00 11.64 ? 98  ASP A C   1 
ATOM   789  O O   . ASP A 1 97  ? -1.588  2.980   7.782   1.00 10.06 ? 98  ASP A O   1 
ATOM   790  C CB  . ASP A 1 97  ? -0.946  2.134   10.753  1.00 13.91 ? 98  ASP A CB  1 
ATOM   791  C CG  . ASP A 1 97  ? 0.558   2.077   10.914  1.00 14.58 ? 98  ASP A CG  1 
ATOM   792  O OD1 . ASP A 1 97  ? 1.167   0.994   10.739  1.00 11.27 ? 98  ASP A OD1 1 
ATOM   793  O OD2 . ASP A 1 97  ? 1.217   3.083   11.237  1.00 20.44 ? 98  ASP A OD2 1 
ATOM   794  N N   . THR A 1 98  ? 0.017   1.417   7.586   1.00 6.93  ? 99  THR A N   1 
ATOM   795  C CA  . THR A 1 98  ? 0.569   1.954   6.335   1.00 7.86  ? 99  THR A CA  1 
ATOM   796  C C   . THR A 1 98  ? 0.642   0.926   5.212   1.00 9.13  ? 99  THR A C   1 
ATOM   797  O O   . THR A 1 98  ? 0.857   1.295   4.052   1.00 8.87  ? 99  THR A O   1 
ATOM   798  C CB  . THR A 1 98  ? 1.993   2.480   6.548   1.00 10.68 ? 99  THR A CB  1 
ATOM   799  O OG1 . THR A 1 98  ? 2.810   1.410   7.045   1.00 6.47  ? 99  THR A OG1 1 
ATOM   800  C CG2 . THR A 1 98  ? 2.042   3.532   7.649   1.00 11.85 ? 99  THR A CG2 1 
ATOM   801  N N   . ALA A 1 99  ? 0.499   -0.352  5.572   1.00 8.16  ? 100 ALA A N   1 
ATOM   802  C CA  . ALA A 1 99  ? 0.701   -1.501  4.675   1.00 6.89  ? 100 ALA A CA  1 
ATOM   803  C C   . ALA A 1 99  ? 2.160   -1.694  4.240   1.00 6.18  ? 100 ALA A C   1 
ATOM   804  O O   . ALA A 1 99  ? 2.452   -2.488  3.338   1.00 6.74  ? 100 ALA A O   1 
ATOM   805  C CB  . ALA A 1 99  ? -0.237  -1.442  3.468   1.00 7.34  ? 100 ALA A CB  1 
ATOM   806  N N   . MET A 1 100 ? 3.080   -0.992  4.904   1.00 4.19  ? 101 MET A N   1 
ATOM   807  C CA  . MET A 1 100 ? 4.509   -1.126  4.615   1.00 6.16  ? 101 MET A CA  1 
ATOM   808  C C   . MET A 1 100 ? 5.078   -2.355  5.321   1.00 8.66  ? 101 MET A C   1 
ATOM   809  O O   . MET A 1 100 ? 4.775   -2.614  6.494   1.00 5.18  ? 101 MET A O   1 
ATOM   810  C CB  . MET A 1 100 ? 5.273   0.118   5.091   1.00 8.32  ? 101 MET A CB  1 
ATOM   811  C CG  . MET A 1 100 ? 4.918   1.428   4.377   1.00 9.09  ? 101 MET A CG  1 
ATOM   812  S SD  . MET A 1 100 ? 5.663   2.848   5.240   1.00 4.70  ? 101 MET A SD  1 
ATOM   813  C CE  . MET A 1 100 ? 4.844   4.205   4.421   1.00 14.87 ? 101 MET A CE  1 
ATOM   814  N N   . ALA A 1 101 ? 5.916   -3.107  4.618   1.00 5.90  ? 102 ALA A N   1 
ATOM   815  C CA  . ALA A 1 101 ? 6.574   -4.264  5.223   1.00 4.85  ? 102 ALA A CA  1 
ATOM   816  C C   . ALA A 1 101 ? 7.532   -3.853  6.349   1.00 6.13  ? 102 ALA A C   1 
ATOM   817  O O   . ALA A 1 101 ? 8.308   -2.890  6.219   1.00 6.60  ? 102 ALA A O   1 
ATOM   818  C CB  . ALA A 1 101 ? 7.307   -5.064  4.173   1.00 4.14  ? 102 ALA A CB  1 
ATOM   819  N N   . ALA A 1 102 ? 7.470   -4.588  7.454   1.00 5.21  ? 103 ALA A N   1 
ATOM   820  C CA  . ALA A 1 102 ? 8.527   -4.534  8.457   1.00 7.04  ? 103 ALA A CA  1 
ATOM   821  C C   . ALA A 1 102 ? 9.800   -5.026  7.762   1.00 6.98  ? 103 ALA A C   1 
ATOM   822  O O   . ALA A 1 102 ? 9.810   -6.108  7.162   1.00 6.23  ? 103 ALA A O   1 
ATOM   823  C CB  . ALA A 1 102 ? 8.182   -5.428  9.624   1.00 6.81  ? 103 ALA A CB  1 
ATOM   824  N N   . ALA A 1 103 ? 10.862  -4.227  7.833   1.00 7.27  ? 104 ALA A N   1 
ATOM   825  C CA  . ALA A 1 103 ? 12.087  -4.525  7.094   1.00 8.61  ? 104 ALA A CA  1 
ATOM   826  C C   . ALA A 1 103 ? 13.312  -3.877  7.732   1.00 9.55  ? 104 ALA A C   1 
ATOM   827  O O   . ALA A 1 103 ? 13.235  -2.758  8.245   1.00 7.29  ? 104 ALA A O   1 
ATOM   828  C CB  . ALA A 1 103 ? 11.950  -4.073  5.639   1.00 7.48  ? 104 ALA A CB  1 
ATOM   829  N N   . GLY A 1 104 ? 14.434  -4.590  7.685   1.00 7.06  ? 105 GLY A N   1 
ATOM   830  C CA  . GLY A 1 104 ? 15.719  -4.079  8.139   1.00 9.42  ? 105 GLY A CA  1 
ATOM   831  C C   . GLY A 1 104 ? 15.762  -3.733  9.617   1.00 9.84  ? 105 GLY A C   1 
ATOM   832  O O   . GLY A 1 104 ? 16.220  -2.653  9.998   1.00 11.07 ? 105 GLY A O   1 
ATOM   833  N N   . GLY A 1 105 ? 15.266  -4.639  10.455  1.00 8.53  ? 106 GLY A N   1 
ATOM   834  C CA  . GLY A 1 105 ? 15.311  -4.421  11.888  1.00 12.76 ? 106 GLY A CA  1 
ATOM   835  C C   . GLY A 1 105 ? 14.615  -5.484  12.710  1.00 10.43 ? 106 GLY A C   1 
ATOM   836  O O   . GLY A 1 105 ? 14.016  -6.421  12.168  1.00 8.44  ? 106 GLY A O   1 
ATOM   837  N N   . LEU A 1 106 ? 14.717  -5.340  14.028  1.00 11.01 ? 107 LEU A N   1 
ATOM   838  C CA  . LEU A 1 106 ? 13.940  -6.150  14.957  1.00 5.63  ? 107 LEU A CA  1 
ATOM   839  C C   . LEU A 1 106 ? 12.620  -5.446  15.206  1.00 8.56  ? 107 LEU A C   1 
ATOM   840  O O   . LEU A 1 106 ? 12.587  -4.236  15.427  1.00 10.57 ? 107 LEU A O   1 
ATOM   841  C CB  . LEU A 1 106 ? 14.681  -6.352  16.286  1.00 8.63  ? 107 LEU A CB  1 
ATOM   842  C CG  . LEU A 1 106 ? 15.993  -7.143  16.249  1.00 8.48  ? 107 LEU A CG  1 
ATOM   843  C CD1 . LEU A 1 106 ? 16.744  -6.971  17.561  1.00 11.32 ? 107 LEU A CD1 1 
ATOM   844  C CD2 . LEU A 1 106 ? 15.771  -8.625  15.953  1.00 8.76  ? 107 LEU A CD2 1 
ATOM   845  N N   . PHE A 1 107 ? 11.533  -6.205  15.159  1.00 6.81  ? 108 PHE A N   1 
ATOM   846  C CA  . PHE A 1 107 ? 10.197  -5.660  15.392  1.00 6.24  ? 108 PHE A CA  1 
ATOM   847  C C   . PHE A 1 107 ? 9.514   -6.535  16.434  1.00 7.87  ? 108 PHE A C   1 
ATOM   848  O O   . PHE A 1 107 ? 9.666   -7.759  16.413  1.00 10.80 ? 108 PHE A O   1 
ATOM   849  C CB  . PHE A 1 107 ? 9.383   -5.666  14.088  1.00 9.11  ? 108 PHE A CB  1 
ATOM   850  C CG  . PHE A 1 107 ? 9.814   -4.617  13.087  1.00 7.78  ? 108 PHE A CG  1 
ATOM   851  C CD1 . PHE A 1 107 ? 10.971  -4.785  12.329  1.00 10.75 ? 108 PHE A CD1 1 
ATOM   852  C CD2 . PHE A 1 107 ? 9.048   -3.473  12.887  1.00 10.02 ? 108 PHE A CD2 1 
ATOM   853  C CE1 . PHE A 1 107 ? 11.369  -3.833  11.405  1.00 13.00 ? 108 PHE A CE1 1 
ATOM   854  C CE2 . PHE A 1 107 ? 9.439   -2.507  11.954  1.00 11.49 ? 108 PHE A CE2 1 
ATOM   855  C CZ  . PHE A 1 107 ? 10.604  -2.690  11.214  1.00 10.00 ? 108 PHE A CZ  1 
ATOM   856  N N   . GLU A 1 108 ? 8.796   -5.913  17.365  1.00 7.86  ? 109 GLU A N   1 
ATOM   857  C CA  . GLU A 1 108 ? 8.040   -6.669  18.352  1.00 9.04  ? 109 GLU A CA  1 
ATOM   858  C C   . GLU A 1 108 ? 6.585   -6.670  17.920  1.00 10.95 ? 109 GLU A C   1 
ATOM   859  O O   . GLU A 1 108 ? 5.904   -5.646  17.985  1.00 11.09 ? 109 GLU A O   1 
ATOM   860  C CB  . GLU A 1 108 ? 8.210   -6.103  19.768  1.00 8.31  ? 109 GLU A CB  1 
ATOM   861  C CG  . GLU A 1 108 ? 7.592   -6.994  20.838  1.00 10.95 ? 109 GLU A CG  1 
ATOM   862  C CD  . GLU A 1 108 ? 8.013   -6.652  22.255  1.00 12.36 ? 109 GLU A CD  1 
ATOM   863  O OE1 . GLU A 1 108 ? 8.824   -5.724  22.446  1.00 15.24 ? 109 GLU A OE1 1 
ATOM   864  O OE2 . GLU A 1 108 ? 7.511   -7.319  23.185  1.00 14.63 ? 109 GLU A OE2 1 
ATOM   865  N N   . ILE A 1 109 ? 6.133   -7.825  17.449  1.00 8.18  ? 110 ILE A N   1 
ATOM   866  C CA  . ILE A 1 109 ? 4.774   -7.976  16.954  1.00 9.68  ? 110 ILE A CA  1 
ATOM   867  C C   . ILE A 1 109 ? 4.021   -8.857  17.932  1.00 9.91  ? 110 ILE A C   1 
ATOM   868  O O   . ILE A 1 109 ? 4.393   -10.014 18.155  1.00 10.60 ? 110 ILE A O   1 
ATOM   869  C CB  . ILE A 1 109 ? 4.778   -8.562  15.520  1.00 12.04 ? 110 ILE A CB  1 
ATOM   870  C CG1 . ILE A 1 109 ? 5.459   -7.582  14.561  1.00 13.11 ? 110 ILE A CG1 1 
ATOM   871  C CG2 . ILE A 1 109 ? 3.347   -8.847  15.030  1.00 12.59 ? 110 ILE A CG2 1 
ATOM   872  C CD1 . ILE A 1 109 ? 6.164   -8.257  13.398  1.00 8.91  ? 110 ILE A CD1 1 
ATOM   873  N N   . ASP A 1 110 ? 2.978   -8.279  18.528  1.00 9.32  ? 111 ASP A N   1 
ATOM   874  C CA  . ASP A 1 110 ? 2.145   -8.968  19.506  1.00 11.80 ? 111 ASP A CA  1 
ATOM   875  C C   . ASP A 1 110 ? 3.017   -9.612  20.582  1.00 13.03 ? 111 ASP A C   1 
ATOM   876  O O   . ASP A 1 110 ? 2.849   -10.788 20.903  1.00 13.56 ? 111 ASP A O   1 
ATOM   877  C CB  . ASP A 1 110 ? 1.224   -9.985  18.803  1.00 11.08 ? 111 ASP A CB  1 
ATOM   878  C CG  . ASP A 1 110 ? 0.339   -9.333  17.744  1.00 11.84 ? 111 ASP A CG  1 
ATOM   879  O OD1 . ASP A 1 110 ? -0.270  -8.286  18.035  1.00 18.95 ? 111 ASP A OD1 1 
ATOM   880  O OD2 . ASP A 1 110 ? 0.203   -9.781  16.588  1.00 13.49 ? 111 ASP A OD2 1 
ATOM   881  N N   . GLY A 1 111 ? 3.975   -8.835  21.096  1.00 9.32  ? 112 GLY A N   1 
ATOM   882  C CA  . GLY A 1 111 ? 4.833   -9.254  22.200  1.00 12.71 ? 112 GLY A CA  1 
ATOM   883  C C   . GLY A 1 111 ? 5.981   -10.206 21.881  1.00 15.07 ? 112 GLY A C   1 
ATOM   884  O O   . GLY A 1 111 ? 6.635   -10.727 22.799  1.00 13.20 ? 112 GLY A O   1 
ATOM   885  N N   . VAL A 1 112 ? 6.230   -10.443 20.593  1.00 11.24 ? 113 VAL A N   1 
ATOM   886  C CA  . VAL A 1 112 ? 7.303   -11.346 20.165  1.00 11.71 ? 113 VAL A CA  1 
ATOM   887  C C   . VAL A 1 112 ? 8.263   -10.607 19.238  1.00 12.23 ? 113 VAL A C   1 
ATOM   888  O O   . VAL A 1 112 ? 7.831   -9.955  18.289  1.00 8.85  ? 113 VAL A O   1 
ATOM   889  C CB  . VAL A 1 112 ? 6.755   -12.609 19.438  1.00 10.64 ? 113 VAL A CB  1 
ATOM   890  C CG1 . VAL A 1 112 ? 7.880   -13.623 19.166  1.00 13.68 ? 113 VAL A CG1 1 
ATOM   891  C CG2 . VAL A 1 112 ? 5.628   -13.260 20.226  1.00 18.55 ? 113 VAL A CG2 1 
ATOM   892  N N   . ILE A 1 113 ? 9.561   -10.720 19.512  1.00 11.02 ? 114 ILE A N   1 
ATOM   893  C CA  . ILE A 1 113 ? 10.578  -10.090 18.672  1.00 11.87 ? 114 ILE A CA  1 
ATOM   894  C C   . ILE A 1 113 ? 10.968  -10.976 17.485  1.00 13.19 ? 114 ILE A C   1 
ATOM   895  O O   . ILE A 1 113 ? 11.285  -12.160 17.653  1.00 13.17 ? 114 ILE A O   1 
ATOM   896  C CB  . ILE A 1 113 ? 11.817  -9.671  19.523  1.00 13.82 ? 114 ILE A CB  1 
ATOM   897  C CG1 . ILE A 1 113 ? 11.576  -8.303  20.166  1.00 23.53 ? 114 ILE A CG1 1 
ATOM   898  C CG2 . ILE A 1 113 ? 13.105  -9.628  18.682  1.00 14.41 ? 114 ILE A CG2 1 
ATOM   899  C CD1 . ILE A 1 113 ? 11.917  -8.253  21.618  1.00 28.15 ? 114 ILE A CD1 1 
ATOM   900  N N   . TYR A 1 114 ? 10.916  -10.395 16.287  1.00 7.90  ? 115 TYR A N   1 
ATOM   901  C CA  . TYR A 1 114 ? 11.375  -11.059 15.068  1.00 11.72 ? 115 TYR A CA  1 
ATOM   902  C C   . TYR A 1 114 ? 12.383  -10.157 14.381  1.00 7.16  ? 115 TYR A C   1 
ATOM   903  O O   . TYR A 1 114 ? 12.327  -8.941  14.539  1.00 8.97  ? 115 TYR A O   1 
ATOM   904  C CB  . TYR A 1 114 ? 10.216  -11.285 14.091  1.00 9.65  ? 115 TYR A CB  1 
ATOM   905  C CG  . TYR A 1 114 ? 9.022   -12.000 14.665  1.00 11.64 ? 115 TYR A CG  1 
ATOM   906  C CD1 . TYR A 1 114 ? 8.913   -13.386 14.572  1.00 11.81 ? 115 TYR A CD1 1 
ATOM   907  C CD2 . TYR A 1 114 ? 7.991   -11.294 15.287  1.00 10.59 ? 115 TYR A CD2 1 
ATOM   908  C CE1 . TYR A 1 114 ? 7.814   -14.056 15.092  1.00 13.54 ? 115 TYR A CE1 1 
ATOM   909  C CE2 . TYR A 1 114 ? 6.882   -11.959 15.807  1.00 13.50 ? 115 TYR A CE2 1 
ATOM   910  C CZ  . TYR A 1 114 ? 6.805   -13.339 15.702  1.00 12.82 ? 115 TYR A CZ  1 
ATOM   911  O OH  . TYR A 1 114 ? 5.716   -14.007 16.206  1.00 13.26 ? 115 TYR A OH  1 
ATOM   912  N N   . PHE A 1 115 ? 13.291  -10.753 13.610  1.00 9.01  ? 116 PHE A N   1 
ATOM   913  C CA  . PHE A 1 115 ? 14.154  -9.981  12.726  1.00 8.11  ? 116 PHE A CA  1 
ATOM   914  C C   . PHE A 1 115 ? 13.596  -10.019 11.309  1.00 8.00  ? 116 PHE A C   1 
ATOM   915  O O   . PHE A 1 115 ? 13.197  -11.074 10.832  1.00 7.17  ? 116 PHE A O   1 
ATOM   916  C CB  . PHE A 1 115 ? 15.597  -10.504 12.726  1.00 7.28  ? 116 PHE A CB  1 
ATOM   917  C CG  . PHE A 1 115 ? 16.493  -9.772  11.770  1.00 10.37 ? 116 PHE A CG  1 
ATOM   918  C CD1 . PHE A 1 115 ? 17.032  -8.532  12.114  1.00 16.26 ? 116 PHE A CD1 1 
ATOM   919  C CD2 . PHE A 1 115 ? 16.764  -10.292 10.507  1.00 9.52  ? 116 PHE A CD2 1 
ATOM   920  C CE1 . PHE A 1 115 ? 17.850  -7.840  11.222  1.00 14.45 ? 116 PHE A CE1 1 
ATOM   921  C CE2 . PHE A 1 115 ? 17.568  -9.600  9.605   1.00 15.15 ? 116 PHE A CE2 1 
ATOM   922  C CZ  . PHE A 1 115 ? 18.109  -8.371  9.963   1.00 12.70 ? 116 PHE A CZ  1 
ATOM   923  N N   . PHE A 1 116 ? 13.563  -8.862  10.650  1.00 10.84 ? 117 PHE A N   1 
ATOM   924  C CA  . PHE A 1 116 ? 13.169  -8.779  9.240   1.00 8.17  ? 117 PHE A CA  1 
ATOM   925  C C   . PHE A 1 116 ? 14.333  -8.250  8.424   1.00 9.84  ? 117 PHE A C   1 
ATOM   926  O O   . PHE A 1 116 ? 14.917  -7.221  8.765   1.00 9.56  ? 117 PHE A O   1 
ATOM   927  C CB  . PHE A 1 116 ? 11.951  -7.866  9.062   1.00 7.11  ? 117 PHE A CB  1 
ATOM   928  C CG  . PHE A 1 116 ? 10.697  -8.410  9.680   1.00 7.41  ? 117 PHE A CG  1 
ATOM   929  C CD1 . PHE A 1 116 ? 10.433  -8.214  11.034  1.00 8.32  ? 117 PHE A CD1 1 
ATOM   930  C CD2 . PHE A 1 116 ? 9.781   -9.120  8.911   1.00 6.96  ? 117 PHE A CD2 1 
ATOM   931  C CE1 . PHE A 1 116 ? 9.273   -8.717  11.618  1.00 8.12  ? 117 PHE A CE1 1 
ATOM   932  C CE2 . PHE A 1 116 ? 8.611   -9.630  9.488   1.00 9.25  ? 117 PHE A CE2 1 
ATOM   933  C CZ  . PHE A 1 116 ? 8.365   -9.427  10.843  1.00 9.20  ? 117 PHE A CZ  1 
ATOM   934  N N   . GLY A 1 117 ? 14.669  -8.964  7.350   1.00 8.64  ? 118 GLY A N   1 
ATOM   935  C CA  . GLY A 1 117 ? 15.713  -8.534  6.440   1.00 9.93  ? 118 GLY A CA  1 
ATOM   936  C C   . GLY A 1 117 ? 15.282  -7.296  5.689   1.00 8.81  ? 118 GLY A C   1 
ATOM   937  O O   . GLY A 1 117 ? 14.102  -6.914  5.730   1.00 9.79  ? 118 GLY A O   1 
ATOM   938  N N   . VAL A 1 118 ? 16.223  -6.663  4.995   1.00 11.58 ? 119 VAL A N   1 
ATOM   939  C CA  . VAL A 1 118 ? 15.902  -5.430  4.260   1.00 9.26  ? 119 VAL A CA  1 
ATOM   940  C C   . VAL A 1 118 ? 14.877  -5.681  3.146   1.00 10.56 ? 119 VAL A C   1 
ATOM   941  O O   . VAL A 1 118 ? 14.201  -4.752  2.691   1.00 11.20 ? 119 VAL A O   1 
ATOM   942  C CB  . VAL A 1 118 ? 17.165  -4.710  3.708   1.00 13.37 ? 119 VAL A CB  1 
ATOM   943  C CG1 . VAL A 1 118 ? 18.011  -4.144  4.859   1.00 17.24 ? 119 VAL A CG1 1 
ATOM   944  C CG2 . VAL A 1 118 ? 17.992  -5.639  2.827   1.00 16.02 ? 119 VAL A CG2 1 
ATOM   945  N N   . ASP A 1 119 ? 14.751  -6.941  2.728   1.00 10.86 ? 120 ASP A N   1 
ATOM   946  C CA  . ASP A 1 119 ? 13.763  -7.326  1.713   1.00 11.37 ? 120 ASP A CA  1 
ATOM   947  C C   . ASP A 1 119 ? 12.396  -7.609  2.339   1.00 13.20 ? 120 ASP A C   1 
ATOM   948  O O   . ASP A 1 119 ? 11.438  -7.965  1.642   1.00 11.19 ? 120 ASP A O   1 
ATOM   949  C CB  . ASP A 1 119 ? 14.247  -8.539  0.906   1.00 14.89 ? 120 ASP A CB  1 
ATOM   950  C CG  . ASP A 1 119 ? 14.524  -9.770  1.777   1.00 21.18 ? 120 ASP A CG  1 
ATOM   951  O OD1 . ASP A 1 119 ? 14.355  -9.714  3.020   1.00 13.49 ? 120 ASP A OD1 1 
ATOM   952  O OD2 . ASP A 1 119 ? 14.923  -10.851 1.290   1.00 22.11 ? 120 ASP A OD2 1 
ATOM   953  N N   . GLY A 1 120 ? 12.325  -7.463  3.660   1.00 9.59  ? 121 GLY A N   1 
ATOM   954  C CA  . GLY A 1 120 ? 11.093  -7.668  4.396   1.00 10.00 ? 121 GLY A CA  1 
ATOM   955  C C   . GLY A 1 120 ? 10.795  -9.089  4.827   1.00 8.64  ? 121 GLY A C   1 
ATOM   956  O O   . GLY A 1 120 ? 9.768   -9.331  5.458   1.00 5.89  ? 121 GLY A O   1 
ATOM   957  N N   . VAL A 1 121 ? 11.672  -10.034 4.493   1.00 6.87  ? 122 VAL A N   1 
ATOM   958  C CA  . VAL A 1 121 ? 11.443  -11.431 4.862   1.00 8.85  ? 122 VAL A CA  1 
ATOM   959  C C   . VAL A 1 121 ? 11.771  -11.661 6.341   1.00 9.71  ? 122 VAL A C   1 
ATOM   960  O O   . VAL A 1 121 ? 12.863  -11.319 6.806   1.00 10.94 ? 122 VAL A O   1 
ATOM   961  C CB  . VAL A 1 121 ? 12.230  -12.418 3.945   1.00 9.03  ? 122 VAL A CB  1 
ATOM   962  C CG1 . VAL A 1 121 ? 12.127  -13.859 4.458   1.00 7.34  ? 122 VAL A CG1 1 
ATOM   963  C CG2 . VAL A 1 121 ? 11.719  -12.338 2.516   1.00 10.05 ? 122 VAL A CG2 1 
ATOM   964  N N   . LYS A 1 122 ? 10.813  -12.228 7.072   1.00 9.02  ? 123 LYS A N   1 
ATOM   965  C CA  . LYS A 1 122 ? 11.027  -12.607 8.462   1.00 11.83 ? 123 LYS A CA  1 
ATOM   966  C C   . LYS A 1 122 ? 12.045  -13.740 8.538   1.00 11.50 ? 123 LYS A C   1 
ATOM   967  O O   . LYS A 1 122 ? 11.882  -14.776 7.887   1.00 14.03 ? 123 LYS A O   1 
ATOM   968  C CB  . LYS A 1 122 ? 9.713   -13.048 9.109   1.00 9.57  ? 123 LYS A CB  1 
ATOM   969  C CG  . LYS A 1 122 ? 9.837   -13.389 10.596  1.00 16.39 ? 123 LYS A CG  1 
ATOM   970  C CD  . LYS A 1 122 ? 8.805   -14.421 11.023  1.00 18.25 ? 123 LYS A CD  1 
ATOM   971  C CE  . LYS A 1 122 ? 9.338   -15.834 10.922  1.00 24.08 ? 123 LYS A CE  1 
ATOM   972  N NZ  . LYS A 1 122 ? 8.290   -16.804 11.325  1.00 26.56 ? 123 LYS A NZ  1 
ATOM   973  N N   . ALA A 1 123 ? 13.094  -13.530 9.330   1.00 13.92 ? 124 ALA A N   1 
ATOM   974  C CA  . ALA A 1 123 ? 14.092  -14.567 9.574   1.00 17.17 ? 124 ALA A CA  1 
ATOM   975  C C   . ALA A 1 123 ? 13.455  -15.762 10.284  1.00 17.62 ? 124 ALA A C   1 
ATOM   976  O O   . ALA A 1 123 ? 12.774  -15.593 11.301  1.00 19.51 ? 124 ALA A O   1 
ATOM   977  C CB  . ALA A 1 123 ? 15.229  -14.016 10.399  1.00 11.90 ? 124 ALA A CB  1 
ATOM   978  N N   . PRO A 1 124 ? 13.655  -16.958 9.732   1.00 24.44 ? 125 PRO A N   1 
ATOM   979  C CA  . PRO A 1 124 ? 13.184  -18.199 10.362  1.00 29.57 ? 125 PRO A CA  1 
ATOM   980  C C   . PRO A 1 124 ? 13.858  -18.450 11.711  1.00 34.02 ? 125 PRO A C   1 
ATOM   981  O O   . PRO A 1 124 ? 15.013  -18.056 11.911  1.00 35.00 ? 125 PRO A O   1 
ATOM   982  C CB  . PRO A 1 124 ? 13.592  -19.279 9.352   1.00 30.82 ? 125 PRO A CB  1 
ATOM   983  C CG  . PRO A 1 124 ? 13.740  -18.542 8.055   1.00 24.71 ? 125 PRO A CG  1 
ATOM   984  C CD  . PRO A 1 124 ? 14.321  -17.218 8.443   1.00 24.45 ? 125 PRO A CD  1 
ATOM   985  N N   . GLY A 1 125 ? 13.128  -19.088 12.622  1.00 38.47 ? 126 GLY A N   1 
ATOM   986  C CA  . GLY A 1 125 ? 13.632  -19.402 13.949  1.00 43.75 ? 126 GLY A CA  1 
ATOM   987  C C   . GLY A 1 125 ? 12.541  -19.922 14.865  1.00 45.95 ? 126 GLY A C   1 
ATOM   988  O O   . GLY A 1 125 ? 12.707  -19.954 16.087  1.00 50.46 ? 126 GLY A O   1 
HETATM 989  O O   . HOH B 2 .   ? 18.998  -7.771  5.735   1.00 24.71 ? 129 HOH A O   1 
HETATM 990  O O   . HOH B 2 .   ? 17.921  -11.985 6.847   1.00 24.93 ? 130 HOH A O   1 
HETATM 991  O O   . HOH B 2 .   ? 15.430  -12.502 6.327   1.00 25.70 ? 131 HOH A O   1 
HETATM 992  O O   . HOH B 2 .   ? 16.083  -15.150 6.456   1.00 40.82 ? 132 HOH A O   1 
HETATM 993  O O   . HOH B 2 .   ? 14.673  -16.878 4.538   1.00 27.02 ? 133 HOH A O   1 
HETATM 994  O O   . HOH B 2 .   ? 12.118  -17.404 4.282   1.00 25.17 ? 134 HOH A O   1 
HETATM 995  O O   . HOH B 2 .   ? 10.279  -16.272 6.409   1.00 12.08 ? 135 HOH A O   1 
HETATM 996  O O   . HOH B 2 .   ? 9.771   -18.171 8.459   1.00 39.44 ? 136 HOH A O   1 
HETATM 997  O O   . HOH B 2 .   ? 9.630   -17.245 14.099  1.00 31.03 ? 137 HOH A O   1 
HETATM 998  O O   . HOH B 2 .   ? 12.485  -15.519 15.166  1.00 42.07 ? 138 HOH A O   1 
HETATM 999  O O   . HOH B 2 .   ? 13.074  -13.579 13.362  1.00 18.95 ? 139 HOH A O   1 
HETATM 1000 O O   . HOH B 2 .   ? 5.043   -15.850 12.894  1.00 26.62 ? 140 HOH A O   1 
HETATM 1001 O O   . HOH B 2 .   ? 2.106   -15.718 13.538  1.00 37.61 ? 141 HOH A O   1 
HETATM 1002 O O   . HOH B 2 .   ? -0.400  -13.934 14.934  1.00 29.89 ? 142 HOH A O   1 
HETATM 1003 O O   . HOH B 2 .   ? 1.316   -11.864 15.753  1.00 13.62 ? 143 HOH A O   1 
HETATM 1004 O O   . HOH B 2 .   ? 3.669   -12.470 17.137  1.00 17.46 ? 144 HOH A O   1 
HETATM 1005 O O   . HOH B 2 .   ? 2.394   -14.073 18.905  1.00 24.84 ? 145 HOH A O   1 
HETATM 1006 O O   . HOH B 2 .   ? 5.674   -16.544 17.231  1.00 30.90 ? 146 HOH A O   1 
HETATM 1007 O O   . HOH B 2 .   ? 10.436  -12.468 21.751  1.00 22.98 ? 147 HOH A O   1 
HETATM 1008 O O   . HOH B 2 .   ? 9.601   -10.623 23.679  1.00 28.04 ? 148 HOH A O   1 
HETATM 1009 O O   . HOH B 2 .   ? 6.425   -9.452  25.228  1.00 28.86 ? 149 HOH A O   1 
HETATM 1010 O O   . HOH B 2 .   ? -1.616  -7.765  20.592  1.00 31.38 ? 150 HOH A O   1 
HETATM 1011 O O   . HOH B 2 .   ? -0.895  -8.122  14.447  1.00 31.22 ? 151 HOH A O   1 
HETATM 1012 O O   . HOH B 2 .   ? -2.289  -8.557  12.323  1.00 49.25 ? 152 HOH A O   1 
HETATM 1013 O O   . HOH B 2 .   ? -1.877  -10.854 10.846  1.00 20.74 ? 153 HOH A O   1 
HETATM 1014 O O   . HOH B 2 .   ? -2.674  -11.594 8.054   1.00 33.35 ? 154 HOH A O   1 
HETATM 1015 O O   . HOH B 2 .   ? -4.970  -9.124  6.630   1.00 32.25 ? 155 HOH A O   1 
HETATM 1016 O O   . HOH B 2 .   ? -4.678  -8.157  4.091   1.00 13.75 ? 156 HOH A O   1 
HETATM 1017 O O   . HOH B 2 .   ? -4.893  -10.939 3.329   1.00 31.07 ? 157 HOH A O   1 
HETATM 1018 O O   . HOH B 2 .   ? -3.731  -14.100 3.518   1.00 30.62 ? 158 HOH A O   1 
HETATM 1019 O O   . HOH B 2 .   ? -0.445  -15.432 3.507   1.00 30.20 ? 159 HOH A O   1 
HETATM 1020 O O   . HOH B 2 .   ? 0.718   -16.426 6.636   1.00 32.20 ? 160 HOH A O   1 
HETATM 1021 O O   . HOH B 2 .   ? -1.922  -16.863 7.158   1.00 43.52 ? 161 HOH A O   1 
HETATM 1022 O O   . HOH B 2 .   ? 3.623   -19.653 6.503   1.00 26.65 ? 162 HOH A O   1 
HETATM 1023 O O   . HOH B 2 .   ? 0.686   -18.261 0.835   1.00 30.11 ? 163 HOH A O   1 
HETATM 1024 O O   . HOH B 2 .   ? 3.715   -19.222 -0.107  1.00 24.56 ? 164 HOH A O   1 
HETATM 1025 O O   . HOH B 2 .   ? -0.403  -14.700 -0.626  1.00 33.02 ? 165 HOH A O   1 
HETATM 1026 O O   . HOH B 2 .   ? -1.229  -12.490 0.402   1.00 38.58 ? 166 HOH A O   1 
HETATM 1027 O O   . HOH B 2 .   ? -2.977  -12.010 -1.434  1.00 29.31 ? 167 HOH A O   1 
HETATM 1028 O O   . HOH B 2 .   ? -4.807  -12.123 -3.407  1.00 18.95 ? 168 HOH A O   1 
HETATM 1029 O O   . HOH B 2 .   ? -6.076  -14.418 -3.228  1.00 29.12 ? 169 HOH A O   1 
HETATM 1030 O O   . HOH B 2 .   ? -5.554  -14.748 -6.374  1.00 7.59  ? 170 HOH A O   1 
HETATM 1031 O O   . HOH B 2 .   ? -5.099  -12.263 -11.589 1.00 17.35 ? 171 HOH A O   1 
HETATM 1032 O O   . HOH B 2 .   ? -1.466  -12.694 -11.067 1.00 41.47 ? 172 HOH A O   1 
HETATM 1033 O O   . HOH B 2 .   ? 1.266   -12.102 -10.066 1.00 28.63 ? 173 HOH A O   1 
HETATM 1034 O O   . HOH B 2 .   ? 2.709   -13.275 -5.913  1.00 22.50 ? 174 HOH A O   1 
HETATM 1035 O O   . HOH B 2 .   ? 6.079   -8.950  -7.725  1.00 12.42 ? 175 HOH A O   1 
HETATM 1036 O O   . HOH B 2 .   ? 6.428   -6.743  -9.304  1.00 27.83 ? 176 HOH A O   1 
HETATM 1037 O O   . HOH B 2 .   ? 7.719   -4.877  -9.496  1.00 26.77 ? 177 HOH A O   1 
HETATM 1038 O O   . HOH B 2 .   ? 8.852   -4.637  -7.262  1.00 25.22 ? 178 HOH A O   1 
HETATM 1039 O O   . HOH B 2 .   ? 8.261   -1.997  -7.558  1.00 6.17  ? 179 HOH A O   1 
HETATM 1040 O O   . HOH B 2 .   ? 10.179  -0.076  -8.472  1.00 13.71 ? 180 HOH A O   1 
HETATM 1041 O O   . HOH B 2 .   ? 8.080   1.740   -8.158  1.00 19.10 ? 181 HOH A O   1 
HETATM 1042 O O   . HOH B 2 .   ? 7.845   -2.129  -11.837 1.00 24.64 ? 182 HOH A O   1 
HETATM 1043 O O   . HOH B 2 .   ? 7.190   -3.755  -13.978 1.00 45.26 ? 183 HOH A O   1 
HETATM 1044 O O   . HOH B 2 .   ? -0.588  -3.417  -13.131 1.00 31.06 ? 184 HOH A O   1 
HETATM 1045 O O   . HOH B 2 .   ? -1.079  -6.632  -12.198 1.00 18.07 ? 185 HOH A O   1 
HETATM 1046 O O   . HOH B 2 .   ? -8.033  -6.039  -8.729  1.00 11.96 ? 186 HOH A O   1 
HETATM 1047 O O   . HOH B 2 .   ? -9.877  -3.753  -7.685  1.00 24.91 ? 187 HOH A O   1 
HETATM 1048 O O   . HOH B 2 .   ? -8.669  0.345   -9.011  1.00 47.40 ? 188 HOH A O   1 
HETATM 1049 O O   . HOH B 2 .   ? -7.613  0.007   -6.459  1.00 16.94 ? 189 HOH A O   1 
HETATM 1050 O O   . HOH B 2 .   ? -4.740  -0.183  -6.350  1.00 11.39 ? 190 HOH A O   1 
HETATM 1051 O O   . HOH B 2 .   ? -10.155 1.122   -1.551  1.00 13.46 ? 191 HOH A O   1 
HETATM 1052 O O   . HOH B 2 .   ? -14.039 3.754   -4.512  1.00 29.38 ? 192 HOH A O   1 
HETATM 1053 O O   . HOH B 2 .   ? -13.903 4.092   -8.360  1.00 28.14 ? 193 HOH A O   1 
HETATM 1054 O O   . HOH B 2 .   ? -8.708  4.546   -10.600 1.00 8.24  ? 194 HOH A O   1 
HETATM 1055 O O   . HOH B 2 .   ? -7.365  2.622   -13.124 1.00 22.33 ? 195 HOH A O   1 
HETATM 1056 O O   . HOH B 2 .   ? -5.411  -0.096  -14.104 1.00 23.54 ? 196 HOH A O   1 
HETATM 1057 O O   . HOH B 2 .   ? -6.718  4.757   -17.925 1.00 32.68 ? 197 HOH A O   1 
HETATM 1058 O O   . HOH B 2 .   ? -6.494  7.518   -17.385 1.00 23.86 ? 198 HOH A O   1 
HETATM 1059 O O   . HOH B 2 .   ? -9.522  7.314   -18.357 1.00 26.39 ? 199 HOH A O   1 
HETATM 1060 O O   . HOH B 2 .   ? -12.168 4.862   -15.824 1.00 32.52 ? 200 HOH A O   1 
HETATM 1061 O O   . HOH B 2 .   ? -14.556 6.725   -17.208 1.00 28.69 ? 201 HOH A O   1 
HETATM 1062 O O   . HOH B 2 .   ? -17.461 11.719  -15.225 1.00 34.61 ? 202 HOH A O   1 
HETATM 1063 O O   . HOH B 2 .   ? -16.385 12.991  -12.042 1.00 31.30 ? 203 HOH A O   1 
HETATM 1064 O O   . HOH B 2 .   ? -17.119 9.660   -11.155 1.00 22.13 ? 204 HOH A O   1 
HETATM 1065 O O   . HOH B 2 .   ? -14.799 14.714  -7.529  1.00 36.21 ? 205 HOH A O   1 
HETATM 1066 O O   . HOH B 2 .   ? -15.118 11.319  -4.058  1.00 18.23 ? 206 HOH A O   1 
HETATM 1067 O O   . HOH B 2 .   ? -15.839 10.651  -0.553  1.00 28.61 ? 207 HOH A O   1 
HETATM 1068 O O   . HOH B 2 .   ? -17.757 10.661  1.301   1.00 16.37 ? 208 HOH A O   1 
HETATM 1069 O O   . HOH B 2 .   ? -13.401 9.960   0.244   1.00 19.43 ? 209 HOH A O   1 
HETATM 1070 O O   . HOH B 2 .   ? -9.336  9.836   4.017   1.00 26.26 ? 210 HOH A O   1 
HETATM 1071 O O   . HOH B 2 .   ? -7.755  7.863   3.119   1.00 14.27 ? 211 HOH A O   1 
HETATM 1072 O O   . HOH B 2 .   ? -5.184  8.689   4.194   1.00 33.13 ? 212 HOH A O   1 
HETATM 1073 O O   . HOH B 2 .   ? -3.481  6.657   3.635   1.00 15.24 ? 213 HOH A O   1 
HETATM 1074 O O   . HOH B 2 .   ? 1.186   3.685   2.810   1.00 20.10 ? 214 HOH A O   1 
HETATM 1075 O O   . HOH B 2 .   ? 2.861   6.083   0.138   1.00 26.78 ? 215 HOH A O   1 
HETATM 1076 O O   . HOH B 2 .   ? 5.807   4.518   -0.109  1.00 19.73 ? 216 HOH A O   1 
HETATM 1077 O O   . HOH B 2 .   ? 8.288   6.961   3.585   1.00 47.26 ? 217 HOH A O   1 
HETATM 1078 O O   . HOH B 2 .   ? 9.069   1.443   5.326   1.00 25.12 ? 218 HOH A O   1 
HETATM 1079 O O   . HOH B 2 .   ? 8.759   -1.289  3.891   1.00 8.95  ? 219 HOH A O   1 
HETATM 1080 O O   . HOH B 2 .   ? 11.453  -0.847  3.507   1.00 11.92 ? 220 HOH A O   1 
HETATM 1081 O O   . HOH B 2 .   ? 13.880  -2.040  3.037   1.00 14.85 ? 221 HOH A O   1 
HETATM 1082 O O   . HOH B 2 .   ? 15.000  -1.543  5.619   1.00 26.04 ? 222 HOH A O   1 
HETATM 1083 O O   . HOH B 2 .   ? 12.177  -0.121  6.304   1.00 23.82 ? 223 HOH A O   1 
HETATM 1084 O O   . HOH B 2 .   ? 10.044  -1.286  7.773   1.00 8.87  ? 224 HOH A O   1 
HETATM 1085 O O   . HOH B 2 .   ? 9.561   0.792   9.518   1.00 24.62 ? 225 HOH A O   1 
HETATM 1086 O O   . HOH B 2 .   ? 13.199  -0.069  10.093  1.00 31.20 ? 226 HOH A O   1 
HETATM 1087 O O   . HOH B 2 .   ? 12.224  -1.538  14.766  1.00 31.13 ? 227 HOH A O   1 
HETATM 1088 O O   . HOH B 2 .   ? 4.260   1.789   9.388   1.00 15.82 ? 228 HOH A O   1 
HETATM 1089 O O   . HOH B 2 .   ? -0.481  5.848   12.173  0.50 25.10 ? 229 HOH A O   1 
HETATM 1090 O O   . HOH B 2 .   ? -4.399  3.120   9.933   1.00 23.94 ? 230 HOH A O   1 
HETATM 1091 O O   . HOH B 2 .   ? -4.723  0.945   11.484  1.00 20.65 ? 231 HOH A O   1 
HETATM 1092 O O   . HOH B 2 .   ? -5.938  -1.703  11.159  1.00 21.67 ? 232 HOH A O   1 
HETATM 1093 O O   . HOH B 2 .   ? -8.482  -1.266  11.362  1.00 23.67 ? 233 HOH A O   1 
HETATM 1094 O O   . HOH B 2 .   ? -6.908  0.549   8.952   1.00 12.59 ? 234 HOH A O   1 
HETATM 1095 O O   . HOH B 2 .   ? -5.365  -1.581  8.025   1.00 10.28 ? 235 HOH A O   1 
HETATM 1096 O O   . HOH B 2 .   ? -5.995  -3.998  7.121   1.00 24.08 ? 236 HOH A O   1 
HETATM 1097 O O   . HOH B 2 .   ? -7.646  -4.951  8.853   1.00 22.56 ? 237 HOH A O   1 
HETATM 1098 O O   . HOH B 2 .   ? -4.019  -7.188  9.365   1.00 28.44 ? 238 HOH A O   1 
HETATM 1099 O O   . HOH B 2 .   ? -5.769  -2.847  2.103   1.00 9.36  ? 239 HOH A O   1 
HETATM 1100 O O   . HOH B 2 .   ? -8.155  -6.700  1.150   1.00 35.57 ? 240 HOH A O   1 
HETATM 1101 O O   . HOH B 2 .   ? -5.566  -7.090  -0.331  1.00 23.90 ? 241 HOH A O   1 
HETATM 1102 O O   . HOH B 2 .   ? -6.395  -9.599  -0.267  1.00 19.07 ? 242 HOH A O   1 
HETATM 1103 O O   . HOH B 2 .   ? -10.800 -11.047 0.234   1.00 15.81 ? 243 HOH A O   1 
HETATM 1104 O O   . HOH B 2 .   ? -9.553  -13.418 0.231   1.00 19.54 ? 244 HOH A O   1 
HETATM 1105 O O   . HOH B 2 .   ? -7.592  -13.940 2.168   1.00 19.66 ? 245 HOH A O   1 
HETATM 1106 O O   . HOH B 2 .   ? -11.199 -5.135  -0.731  1.00 26.46 ? 246 HOH A O   1 
HETATM 1107 O O   . HOH B 2 .   ? -13.557 -3.898  2.206   1.00 28.83 ? 247 HOH A O   1 
HETATM 1108 O O   . HOH B 2 .   ? -15.203 -3.792  -2.284  1.00 26.68 ? 248 HOH A O   1 
HETATM 1109 O O   . HOH B 2 .   ? -18.310 -2.943  -1.258  1.00 31.15 ? 249 HOH A O   1 
HETATM 1110 O O   . HOH B 2 .   ? -18.186 -4.505  0.927   1.00 41.24 ? 250 HOH A O   1 
HETATM 1111 O O   . HOH B 2 .   ? -17.068 0.399   -0.055  1.00 31.93 ? 251 HOH A O   1 
HETATM 1112 O O   . HOH B 2 .   ? -13.363 -0.152  5.090   1.00 15.85 ? 252 HOH A O   1 
HETATM 1113 O O   . HOH B 2 .   ? -8.973  7.061   5.997   1.00 19.23 ? 253 HOH A O   1 
HETATM 1114 O O   . HOH B 2 .   ? -7.281  7.582   8.029   1.00 24.53 ? 254 HOH A O   1 
HETATM 1115 O O   . HOH B 2 .   ? -7.704  10.903  6.243   1.00 36.38 ? 255 HOH A O   1 
HETATM 1116 O O   . HOH B 2 .   ? -13.382 11.358  10.552  1.00 35.00 ? 256 HOH A O   1 
HETATM 1117 O O   . HOH B 2 .   ? -15.698 11.427  7.005   1.00 24.83 ? 257 HOH A O   1 
HETATM 1118 O O   . HOH B 2 .   ? -14.768 15.160  4.883   1.00 17.82 ? 258 HOH A O   1 
HETATM 1119 O O   . HOH B 2 .   ? -11.217 16.441  3.183   1.00 19.72 ? 259 HOH A O   1 
HETATM 1120 O O   . HOH B 2 .   ? -12.021 16.917  0.598   1.00 30.24 ? 260 HOH A O   1 
HETATM 1121 O O   . HOH B 2 .   ? -14.672 21.969  1.380   1.00 38.74 ? 261 HOH A O   1 
HETATM 1122 O O   . HOH B 2 .   ? -17.361 21.069  1.819   1.00 15.33 ? 262 HOH A O   1 
HETATM 1123 O O   . HOH B 2 .   ? -17.971 23.649  1.333   1.00 23.61 ? 263 HOH A O   1 
HETATM 1124 O O   . HOH B 2 .   ? -12.041 22.808  0.165   1.00 43.40 ? 264 HOH A O   1 
HETATM 1125 O O   . HOH B 2 .   ? -5.413  18.557  -0.691  1.00 14.53 ? 265 HOH A O   1 
HETATM 1126 O O   . HOH B 2 .   ? -4.348  16.933  3.426   1.00 30.02 ? 266 HOH A O   1 
HETATM 1127 O O   . HOH B 2 .   ? -0.872  23.126  0.618   1.00 37.97 ? 267 HOH A O   1 
HETATM 1128 O O   . HOH B 2 .   ? -2.356  23.845  -4.712  1.00 31.75 ? 268 HOH A O   1 
HETATM 1129 O O   . HOH B 2 .   ? 2.678   18.027  -2.460  1.00 25.59 ? 269 HOH A O   1 
HETATM 1130 O O   . HOH B 2 .   ? 2.127   12.297  -0.496  1.00 32.97 ? 270 HOH A O   1 
HETATM 1131 O O   . HOH B 2 .   ? 3.831   9.964   -1.674  1.00 34.62 ? 271 HOH A O   1 
HETATM 1132 O O   . HOH B 2 .   ? -3.491  10.660  -6.903  1.00 8.25  ? 272 HOH A O   1 
HETATM 1133 O O   . HOH B 2 .   ? -1.599  13.775  -12.002 1.00 15.72 ? 273 HOH A O   1 
HETATM 1134 O O   . HOH B 2 .   ? -2.248  14.370  -15.058 1.00 16.31 ? 274 HOH A O   1 
HETATM 1135 O O   . HOH B 2 .   ? -1.257  13.218  -17.308 1.00 23.44 ? 275 HOH A O   1 
HETATM 1136 O O   . HOH B 2 .   ? 0.164   11.383  -16.455 1.00 24.15 ? 276 HOH A O   1 
HETATM 1137 O O   . HOH B 2 .   ? 0.754   10.152  -19.112 1.00 37.89 ? 277 HOH A O   1 
HETATM 1138 O O   . HOH B 2 .   ? 5.719   6.693   -15.446 1.00 22.63 ? 278 HOH A O   1 
HETATM 1139 O O   . HOH B 2 .   ? 5.760   8.992   -13.701 1.00 26.29 ? 279 HOH A O   1 
HETATM 1140 O O   . HOH B 2 .   ? 7.123   10.099  -15.650 1.00 30.31 ? 280 HOH A O   1 
HETATM 1141 O O   . HOH B 2 .   ? 11.362  -6.539  -7.603  1.00 28.68 ? 281 HOH A O   1 
HETATM 1142 O O   . HOH B 2 .   ? 9.796   -7.269  -6.158  1.00 32.32 ? 282 HOH A O   1 
HETATM 1143 O O   . HOH B 2 .   ? 10.510  -7.727  -3.589  1.00 25.07 ? 283 HOH A O   1 
HETATM 1144 O O   . HOH B 2 .   ? 11.207  -7.549  -1.034  1.00 19.87 ? 284 HOH A O   1 
HETATM 1145 O O   . HOH B 2 .   ? 11.237  -10.139 -0.784  1.00 24.40 ? 285 HOH A O   1 
HETATM 1146 O O   . HOH B 2 .   ? 13.658  -6.562  -2.013  1.00 26.68 ? 286 HOH A O   1 
HETATM 1147 O O   . HOH B 2 .   ? 15.009  -4.666  -0.921  1.00 30.49 ? 287 HOH A O   1 
HETATM 1148 O O   . HOH B 2 .   ? 14.458  -2.417  -1.195  1.00 28.90 ? 288 HOH A O   1 
HETATM 1149 O O   . HOH B 2 .   ? 7.798   -7.936  6.344   1.00 8.41  ? 289 HOH A O   1 
HETATM 1150 O O   . HOH B 2 .   ? 1.289   -4.211  1.652   1.00 5.60  ? 290 HOH A O   1 
HETATM 1151 O O   . HOH B 2 .   ? 8.898   -13.921 -1.250  1.00 20.90 ? 291 HOH A O   1 
HETATM 1152 O O   . HOH B 2 .   ? 10.815  -20.135 -0.129  1.00 23.00 ? 292 HOH A O   1 
HETATM 1153 O O   . HOH B 2 .   ? -9.897  -10.370 -9.736  1.00 20.83 ? 293 HOH A O   1 
HETATM 1154 O O   . HOH B 2 .   ? -9.396  -8.935  -12.327 1.00 21.14 ? 294 HOH A O   1 
HETATM 1155 O O   . HOH B 2 .   ? -19.394 15.275  -1.407  1.00 18.87 ? 295 HOH A O   1 
# 
